data_2CT2
#
_entry.id   2CT2
#
loop_
_entity.id
_entity.type
_entity.pdbx_description
1 polymer 'Tripartite motif protein 32'
2 non-polymer 'ZINC ION'
#
_entity_poly.entity_id   1
_entity_poly.type   'polypeptide(L)'
_entity_poly.pdbx_seq_one_letter_code
;GSSGSSGNLDALREVLECPICMESFTEEQLRPKLLHCGHTICRQCLEKLLASSINGVRCPFCSKITRITSLTQLTDNLTV
LKSGPSSG
;
_entity_poly.pdbx_strand_id   A
#
loop_
_chem_comp.id
_chem_comp.type
_chem_comp.name
_chem_comp.formula
ZN non-polymer 'ZINC ION' 'Zn 2'
#
# COMPACT_ATOMS: atom_id res chain seq x y z
N GLY A 1 14.21 22.39 16.13
CA GLY A 1 13.50 21.46 16.99
C GLY A 1 11.99 21.54 16.81
N SER A 2 11.35 20.38 16.75
CA SER A 2 9.90 20.32 16.57
C SER A 2 9.33 19.04 17.17
N SER A 3 8.55 19.19 18.23
CA SER A 3 7.94 18.03 18.89
C SER A 3 6.93 18.49 19.94
N GLY A 4 6.10 17.55 20.39
CA GLY A 4 5.09 17.87 21.40
C GLY A 4 3.73 17.34 21.04
N SER A 5 3.44 16.11 21.46
CA SER A 5 2.16 15.48 21.19
C SER A 5 1.87 14.36 22.18
N SER A 6 0.64 13.86 22.17
CA SER A 6 0.23 12.80 23.07
C SER A 6 0.44 11.43 22.43
N GLY A 7 0.89 10.47 23.23
CA GLY A 7 1.11 9.13 22.72
C GLY A 7 0.08 8.14 23.21
N ASN A 8 0.46 6.87 23.29
CA ASN A 8 -0.45 5.82 23.73
C ASN A 8 -1.86 6.06 23.20
N LEU A 9 -1.95 6.47 21.94
CA LEU A 9 -3.24 6.74 21.31
C LEU A 9 -3.39 5.95 20.02
N ASP A 10 -4.23 4.92 20.06
CA ASP A 10 -4.47 4.08 18.88
C ASP A 10 -5.93 3.67 18.79
N ALA A 11 -6.63 4.26 17.83
CA ALA A 11 -8.05 3.96 17.63
C ALA A 11 -8.32 3.50 16.21
N LEU A 12 -7.71 4.18 15.25
CA LEU A 12 -7.89 3.84 13.84
C LEU A 12 -7.53 2.38 13.57
N ARG A 13 -8.42 1.68 12.88
CA ARG A 13 -8.20 0.27 12.58
C ARG A 13 -7.80 0.09 11.12
N GLU A 14 -8.49 0.80 10.22
CA GLU A 14 -8.19 0.72 8.80
C GLU A 14 -6.69 0.86 8.54
N VAL A 15 -6.27 0.50 7.33
CA VAL A 15 -4.86 0.58 6.97
C VAL A 15 -4.62 1.72 5.99
N LEU A 16 -5.37 2.81 6.16
CA LEU A 16 -5.24 3.98 5.29
C LEU A 16 -3.78 4.23 4.94
N GLU A 17 -2.88 3.83 5.82
CA GLU A 17 -1.44 4.00 5.60
C GLU A 17 -0.79 2.68 5.21
N CYS A 18 0.40 2.78 4.62
CA CYS A 18 1.14 1.59 4.20
C CYS A 18 1.71 0.84 5.40
N PRO A 19 1.55 -0.50 5.39
CA PRO A 19 2.04 -1.35 6.47
C PRO A 19 3.57 -1.42 6.50
N ILE A 20 4.22 -0.74 5.57
CA ILE A 20 5.67 -0.72 5.49
C ILE A 20 6.23 0.63 5.88
N CYS A 21 6.08 1.61 4.99
CA CYS A 21 6.58 2.95 5.24
C CYS A 21 5.68 3.67 6.24
N MET A 22 4.42 3.31 6.26
CA MET A 22 3.45 3.92 7.19
C MET A 22 3.18 5.37 6.80
N GLU A 23 2.98 5.60 5.50
CA GLU A 23 2.71 6.94 5.00
C GLU A 23 1.34 7.01 4.33
N SER A 24 0.55 8.02 4.68
CA SER A 24 -0.78 8.19 4.12
C SER A 24 -0.76 7.96 2.62
N PHE A 25 -1.58 7.02 2.16
CA PHE A 25 -1.66 6.70 0.74
C PHE A 25 -2.02 7.93 -0.08
N THR A 26 -1.02 8.54 -0.71
CA THR A 26 -1.23 9.73 -1.52
C THR A 26 -1.05 9.42 -3.01
N GLU A 27 -2.14 9.49 -3.75
CA GLU A 27 -2.10 9.22 -5.19
C GLU A 27 -0.95 9.98 -5.86
N GLU A 28 -0.86 11.28 -5.56
CA GLU A 28 0.19 12.11 -6.13
C GLU A 28 1.50 11.33 -6.28
N GLN A 29 1.88 10.63 -5.20
CA GLN A 29 3.11 9.85 -5.21
C GLN A 29 2.85 8.44 -4.69
N LEU A 30 2.61 8.32 -3.38
CA LEU A 30 2.35 7.02 -2.76
C LEU A 30 0.95 6.54 -3.11
N ARG A 31 0.84 5.74 -4.16
CA ARG A 31 -0.44 5.20 -4.59
C ARG A 31 -0.69 3.84 -3.95
N PRO A 32 -1.87 3.68 -3.33
CA PRO A 32 -2.27 2.44 -2.66
C PRO A 32 -2.55 1.32 -3.66
N LYS A 33 -1.78 0.23 -3.55
CA LYS A 33 -1.95 -0.90 -4.44
C LYS A 33 -2.31 -2.16 -3.65
N LEU A 34 -3.21 -2.97 -4.21
CA LEU A 34 -3.63 -4.21 -3.57
C LEU A 34 -3.06 -5.43 -4.29
N LEU A 35 -2.39 -6.29 -3.53
CA LEU A 35 -1.79 -7.50 -4.08
C LEU A 35 -2.84 -8.61 -4.23
N HIS A 36 -2.52 -9.61 -5.04
CA HIS A 36 -3.43 -10.72 -5.26
C HIS A 36 -3.72 -11.46 -3.96
N CYS A 37 -2.99 -11.09 -2.90
CA CYS A 37 -3.17 -11.72 -1.60
C CYS A 37 -4.24 -10.97 -0.79
N GLY A 38 -4.15 -9.65 -0.77
CA GLY A 38 -5.11 -8.85 -0.03
C GLY A 38 -4.47 -7.67 0.67
N HIS A 39 -3.21 -7.83 1.05
CA HIS A 39 -2.48 -6.77 1.73
C HIS A 39 -2.33 -5.54 0.84
N THR A 40 -2.37 -4.36 1.44
CA THR A 40 -2.24 -3.11 0.69
C THR A 40 -0.89 -2.46 0.96
N ILE A 41 -0.21 -2.05 -0.12
CA ILE A 41 1.08 -1.41 -0.01
C ILE A 41 1.22 -0.27 -1.01
N CYS A 42 1.98 0.76 -0.63
CA CYS A 42 2.19 1.90 -1.50
C CYS A 42 3.10 1.55 -2.67
N ARG A 43 2.70 1.96 -3.87
CA ARG A 43 3.48 1.68 -5.07
C ARG A 43 4.97 1.80 -4.80
N GLN A 44 5.33 2.77 -3.95
CA GLN A 44 6.73 2.99 -3.61
C GLN A 44 7.39 1.71 -3.12
N CYS A 45 6.80 1.11 -2.09
CA CYS A 45 7.34 -0.13 -1.53
C CYS A 45 7.24 -1.27 -2.54
N LEU A 46 6.11 -1.34 -3.24
CA LEU A 46 5.89 -2.38 -4.23
C LEU A 46 6.90 -2.28 -5.36
N GLU A 47 7.31 -1.06 -5.69
CA GLU A 47 8.27 -0.82 -6.75
C GLU A 47 9.63 -1.44 -6.38
N LYS A 48 10.11 -1.14 -5.19
CA LYS A 48 11.39 -1.65 -4.71
C LYS A 48 11.45 -3.17 -4.88
N LEU A 49 10.32 -3.84 -4.66
CA LEU A 49 10.25 -5.29 -4.79
C LEU A 49 10.15 -5.70 -6.25
N LEU A 50 9.19 -5.13 -6.96
CA LEU A 50 8.99 -5.44 -8.37
C LEU A 50 10.29 -5.28 -9.15
N ALA A 51 10.98 -4.17 -8.91
CA ALA A 51 12.24 -3.90 -9.60
C ALA A 51 13.02 -5.19 -9.84
N SER A 52 13.39 -5.86 -8.75
CA SER A 52 14.14 -7.11 -8.84
C SER A 52 13.30 -8.21 -9.46
N SER A 53 12.23 -8.60 -8.76
CA SER A 53 11.34 -9.64 -9.24
C SER A 53 11.06 -9.49 -10.73
N ILE A 54 10.67 -10.58 -11.38
CA ILE A 54 10.38 -10.57 -12.80
C ILE A 54 9.08 -11.31 -13.11
N ASN A 55 8.84 -12.40 -12.37
CA ASN A 55 7.63 -13.19 -12.56
C ASN A 55 6.64 -12.95 -11.42
N GLY A 56 6.50 -11.69 -11.03
CA GLY A 56 5.58 -11.36 -9.96
C GLY A 56 6.29 -10.81 -8.73
N VAL A 57 5.59 -10.00 -7.95
CA VAL A 57 6.16 -9.41 -6.74
C VAL A 57 5.85 -10.25 -5.52
N ARG A 58 6.87 -10.52 -4.72
CA ARG A 58 6.70 -11.33 -3.52
C ARG A 58 6.34 -10.45 -2.32
N CYS A 59 5.13 -10.66 -1.80
CA CYS A 59 4.66 -9.88 -0.66
C CYS A 59 5.45 -10.21 0.60
N PRO A 60 6.03 -9.18 1.23
CA PRO A 60 6.82 -9.33 2.45
C PRO A 60 5.96 -9.72 3.65
N PHE A 61 4.67 -9.92 3.42
CA PHE A 61 3.74 -10.29 4.48
C PHE A 61 3.34 -11.76 4.37
N CYS A 62 2.70 -12.11 3.26
CA CYS A 62 2.26 -13.48 3.02
C CYS A 62 3.19 -14.20 2.05
N SER A 63 3.89 -13.41 1.23
CA SER A 63 4.81 -13.97 0.25
C SER A 63 4.05 -14.59 -0.92
N LYS A 64 3.03 -13.88 -1.40
CA LYS A 64 2.22 -14.35 -2.52
C LYS A 64 2.61 -13.63 -3.80
N ILE A 65 3.50 -14.24 -4.58
CA ILE A 65 3.95 -13.67 -5.83
C ILE A 65 2.79 -13.05 -6.60
N THR A 66 2.94 -11.78 -6.97
CA THR A 66 1.89 -11.07 -7.70
C THR A 66 2.26 -10.96 -9.19
N ARG A 67 1.94 -12.00 -9.95
CA ARG A 67 2.24 -12.02 -11.38
C ARG A 67 1.67 -10.77 -12.05
N ILE A 68 2.46 -9.70 -12.07
CA ILE A 68 2.03 -8.45 -12.69
C ILE A 68 3.22 -7.67 -13.23
N THR A 69 3.25 -7.48 -14.55
CA THR A 69 4.33 -6.75 -15.19
C THR A 69 4.24 -5.26 -14.91
N SER A 70 3.01 -4.77 -14.73
CA SER A 70 2.80 -3.36 -14.46
C SER A 70 2.23 -3.16 -13.05
N LEU A 71 2.40 -1.95 -12.51
CA LEU A 71 1.90 -1.64 -11.18
C LEU A 71 0.37 -1.60 -11.16
N THR A 72 -0.22 -1.31 -12.31
CA THR A 72 -1.66 -1.23 -12.42
C THR A 72 -2.27 -2.62 -12.63
N GLN A 73 -1.47 -3.54 -13.16
CA GLN A 73 -1.93 -4.90 -13.40
C GLN A 73 -2.57 -5.49 -12.16
N LEU A 74 -1.84 -5.48 -11.05
CA LEU A 74 -2.34 -6.02 -9.80
C LEU A 74 -3.70 -5.41 -9.45
N THR A 75 -4.21 -5.75 -8.27
CA THR A 75 -5.50 -5.25 -7.82
C THR A 75 -5.36 -3.86 -7.20
N ASP A 76 -6.14 -2.91 -7.70
CA ASP A 76 -6.10 -1.55 -7.19
C ASP A 76 -6.66 -1.48 -5.78
N ASN A 77 -6.18 -0.51 -5.00
CA ASN A 77 -6.64 -0.35 -3.63
C ASN A 77 -7.12 1.08 -3.38
N LEU A 78 -8.25 1.43 -4.01
CA LEU A 78 -8.82 2.76 -3.86
C LEU A 78 -9.63 2.87 -2.57
N THR A 79 -9.77 1.75 -1.87
CA THR A 79 -10.51 1.72 -0.62
C THR A 79 -9.95 2.72 0.38
N VAL A 80 -8.63 2.84 0.43
CA VAL A 80 -7.97 3.76 1.33
C VAL A 80 -8.26 5.21 0.96
N LEU A 81 -8.42 5.45 -0.34
CA LEU A 81 -8.70 6.79 -0.84
C LEU A 81 -10.17 7.15 -0.63
N LYS A 82 -11.04 6.15 -0.74
CA LYS A 82 -12.47 6.36 -0.56
C LYS A 82 -12.76 6.99 0.80
N SER A 83 -13.91 7.67 0.91
CA SER A 83 -14.30 8.31 2.15
C SER A 83 -14.58 7.28 3.23
N GLY A 84 -13.72 7.26 4.25
CA GLY A 84 -13.89 6.32 5.34
C GLY A 84 -13.71 4.88 4.89
N PRO A 85 -13.94 3.94 5.82
CA PRO A 85 -13.81 2.50 5.55
C PRO A 85 -14.92 1.99 4.62
N SER A 86 -14.63 0.90 3.92
CA SER A 86 -15.60 0.31 3.00
C SER A 86 -16.46 -0.73 3.70
N SER A 87 -15.82 -1.56 4.52
CA SER A 87 -16.53 -2.61 5.25
C SER A 87 -16.18 -2.56 6.73
N GLY A 88 -17.19 -2.57 7.58
CA GLY A 88 -16.97 -2.54 9.02
C GLY A 88 -16.92 -3.92 9.63
ZN ZN B . 5.05 1.66 1.65
ZN ZN C . 0.38 -10.24 1.24
N GLY A 1 9.99 9.50 11.46
CA GLY A 1 10.13 8.59 12.58
C GLY A 1 9.10 8.83 13.66
N SER A 2 7.86 9.12 13.25
CA SER A 2 6.78 9.38 14.20
C SER A 2 6.23 8.08 14.76
N SER A 3 5.99 8.05 16.07
CA SER A 3 5.46 6.86 16.73
C SER A 3 4.38 7.24 17.73
N GLY A 4 3.66 6.24 18.23
CA GLY A 4 2.61 6.48 19.19
C GLY A 4 3.12 6.53 20.62
N SER A 5 2.72 7.56 21.35
CA SER A 5 3.14 7.73 22.74
C SER A 5 2.06 7.25 23.71
N SER A 6 2.37 7.27 25.00
CA SER A 6 1.43 6.84 26.02
C SER A 6 0.01 7.30 25.68
N GLY A 7 -0.96 6.41 25.88
CA GLY A 7 -2.34 6.74 25.59
C GLY A 7 -3.01 5.70 24.71
N ASN A 8 -4.10 5.12 25.20
CA ASN A 8 -4.83 4.09 24.46
C ASN A 8 -5.99 4.72 23.69
N LEU A 9 -5.80 4.90 22.39
CA LEU A 9 -6.83 5.49 21.54
C LEU A 9 -6.86 4.81 20.18
N ASP A 10 -8.04 4.36 19.76
CA ASP A 10 -8.20 3.71 18.47
C ASP A 10 -9.65 3.72 18.03
N ALA A 11 -9.92 4.41 16.91
CA ALA A 11 -11.28 4.51 16.38
C ALA A 11 -11.37 3.86 15.01
N LEU A 12 -10.50 4.30 14.10
CA LEU A 12 -10.49 3.76 12.74
C LEU A 12 -9.69 2.47 12.67
N ARG A 13 -10.30 1.43 12.10
CA ARG A 13 -9.65 0.14 11.97
C ARG A 13 -9.29 -0.15 10.51
N GLU A 14 -8.80 0.86 9.81
CA GLU A 14 -8.42 0.72 8.41
C GLU A 14 -6.91 0.83 8.24
N VAL A 15 -6.42 0.46 7.06
CA VAL A 15 -5.00 0.50 6.76
C VAL A 15 -4.68 1.67 5.84
N LEU A 16 -5.34 2.80 6.06
CA LEU A 16 -5.13 3.99 5.25
C LEU A 16 -3.64 4.24 5.03
N GLU A 17 -2.81 3.69 5.93
CA GLU A 17 -1.37 3.86 5.83
C GLU A 17 -0.70 2.55 5.41
N CYS A 18 0.42 2.66 4.72
CA CYS A 18 1.16 1.49 4.25
C CYS A 18 1.74 0.71 5.43
N PRO A 19 1.59 -0.62 5.39
CA PRO A 19 2.09 -1.51 6.44
C PRO A 19 3.61 -1.59 6.46
N ILE A 20 4.24 -0.87 5.55
CA ILE A 20 5.70 -0.85 5.45
C ILE A 20 6.26 0.51 5.84
N CYS A 21 6.13 1.48 4.95
CA CYS A 21 6.62 2.83 5.21
C CYS A 21 5.74 3.55 6.22
N MET A 22 4.46 3.20 6.23
CA MET A 22 3.51 3.81 7.15
C MET A 22 3.23 5.26 6.77
N GLU A 23 3.12 5.50 5.46
CA GLU A 23 2.86 6.85 4.96
C GLU A 23 1.52 6.91 4.24
N SER A 24 0.65 7.82 4.69
CA SER A 24 -0.67 7.97 4.10
C SER A 24 -0.61 7.73 2.59
N PHE A 25 -1.56 6.94 2.08
CA PHE A 25 -1.61 6.64 0.66
C PHE A 25 -2.05 7.85 -0.15
N THR A 26 -1.11 8.42 -0.88
CA THR A 26 -1.39 9.60 -1.70
C THR A 26 -1.31 9.27 -3.19
N GLU A 27 -2.47 9.26 -3.85
CA GLU A 27 -2.54 8.96 -5.27
C GLU A 27 -1.45 9.71 -6.03
N GLU A 28 -0.93 10.78 -5.44
CA GLU A 28 0.11 11.58 -6.06
C GLU A 28 1.41 10.79 -6.17
N GLN A 29 1.79 10.14 -5.07
CA GLN A 29 3.02 9.34 -5.04
C GLN A 29 2.74 7.94 -4.50
N LEU A 30 2.59 7.84 -3.19
CA LEU A 30 2.32 6.56 -2.55
C LEU A 30 0.96 6.00 -2.98
N ARG A 31 0.90 5.48 -4.20
CA ARG A 31 -0.33 4.92 -4.73
C ARG A 31 -0.66 3.59 -4.07
N PRO A 32 -1.82 3.51 -3.43
CA PRO A 32 -2.27 2.29 -2.74
C PRO A 32 -2.62 1.16 -3.72
N LYS A 33 -1.76 0.15 -3.77
CA LYS A 33 -1.98 -0.99 -4.66
C LYS A 33 -2.31 -2.25 -3.86
N LEU A 34 -3.36 -2.94 -4.28
CA LEU A 34 -3.78 -4.16 -3.60
C LEU A 34 -3.17 -5.40 -4.28
N LEU A 35 -2.48 -6.21 -3.51
CA LEU A 35 -1.85 -7.41 -4.02
C LEU A 35 -2.87 -8.54 -4.18
N HIS A 36 -2.52 -9.55 -4.96
CA HIS A 36 -3.41 -10.68 -5.19
C HIS A 36 -3.70 -11.42 -3.88
N CYS A 37 -2.99 -11.04 -2.83
CA CYS A 37 -3.17 -11.66 -1.52
C CYS A 37 -4.25 -10.94 -0.72
N GLY A 38 -4.18 -9.61 -0.71
CA GLY A 38 -5.15 -8.82 0.03
C GLY A 38 -4.52 -7.64 0.73
N HIS A 39 -3.23 -7.74 1.01
CA HIS A 39 -2.51 -6.66 1.70
C HIS A 39 -2.40 -5.43 0.80
N THR A 40 -2.47 -4.25 1.40
CA THR A 40 -2.38 -3.00 0.66
C THR A 40 -1.05 -2.30 0.94
N ILE A 41 -0.26 -2.12 -0.11
CA ILE A 41 1.04 -1.47 0.01
C ILE A 41 1.17 -0.32 -0.99
N CYS A 42 1.95 0.70 -0.62
CA CYS A 42 2.16 1.85 -1.49
C CYS A 42 3.05 1.48 -2.68
N ARG A 43 2.71 1.97 -3.85
CA ARG A 43 3.48 1.70 -5.06
C ARG A 43 4.98 1.85 -4.79
N GLN A 44 5.32 2.77 -3.91
CA GLN A 44 6.72 3.01 -3.56
C GLN A 44 7.38 1.73 -3.07
N CYS A 45 6.75 1.08 -2.10
CA CYS A 45 7.28 -0.16 -1.54
C CYS A 45 7.18 -1.30 -2.54
N LEU A 46 6.09 -1.32 -3.29
CA LEU A 46 5.86 -2.36 -4.30
C LEU A 46 6.87 -2.26 -5.43
N GLU A 47 7.27 -1.03 -5.75
CA GLU A 47 8.24 -0.79 -6.82
C GLU A 47 9.60 -1.37 -6.45
N LYS A 48 10.06 -1.08 -5.24
CA LYS A 48 11.35 -1.58 -4.78
C LYS A 48 11.43 -3.09 -4.91
N LEU A 49 10.31 -3.77 -4.67
CA LEU A 49 10.26 -5.22 -4.77
C LEU A 49 10.19 -5.67 -6.23
N LEU A 50 9.25 -5.11 -6.98
CA LEU A 50 9.08 -5.44 -8.39
C LEU A 50 10.38 -5.22 -9.16
N ALA A 51 11.08 -4.15 -8.82
CA ALA A 51 12.34 -3.83 -9.47
C ALA A 51 13.11 -5.10 -9.83
N SER A 52 13.41 -5.91 -8.83
CA SER A 52 14.14 -7.15 -9.03
C SER A 52 13.26 -8.20 -9.71
N SER A 53 12.28 -8.71 -8.96
CA SER A 53 11.38 -9.72 -9.48
C SER A 53 10.54 -9.16 -10.64
N ILE A 54 10.66 -9.79 -11.81
CA ILE A 54 9.92 -9.34 -12.98
C ILE A 54 8.64 -10.16 -13.16
N ASN A 55 8.73 -11.46 -12.88
CA ASN A 55 7.58 -12.34 -13.01
C ASN A 55 6.43 -11.87 -12.12
N GLY A 56 6.78 -11.34 -10.95
CA GLY A 56 5.77 -10.87 -10.02
C GLY A 56 6.36 -10.09 -8.86
N VAL A 57 5.61 -9.99 -7.78
CA VAL A 57 6.07 -9.27 -6.59
C VAL A 57 5.80 -10.07 -5.32
N ARG A 58 6.86 -10.45 -4.62
CA ARG A 58 6.73 -11.21 -3.38
C ARG A 58 6.34 -10.30 -2.22
N CYS A 59 5.17 -10.56 -1.65
CA CYS A 59 4.67 -9.77 -0.53
C CYS A 59 5.43 -10.11 0.75
N PRO A 60 6.00 -9.07 1.39
CA PRO A 60 6.76 -9.23 2.64
C PRO A 60 5.87 -9.61 3.81
N PHE A 61 4.58 -9.83 3.54
CA PHE A 61 3.63 -10.20 4.58
C PHE A 61 3.19 -11.65 4.42
N CYS A 62 2.67 -11.98 3.25
CA CYS A 62 2.21 -13.34 2.97
C CYS A 62 3.11 -14.02 1.94
N SER A 63 4.02 -13.24 1.35
CA SER A 63 4.93 -13.76 0.35
C SER A 63 4.18 -14.51 -0.75
N LYS A 64 3.17 -13.86 -1.31
CA LYS A 64 2.37 -14.44 -2.37
C LYS A 64 2.58 -13.71 -3.69
N ILE A 65 3.46 -14.25 -4.53
CA ILE A 65 3.75 -13.64 -5.83
C ILE A 65 2.48 -13.13 -6.50
N THR A 66 2.48 -11.84 -6.84
CA THR A 66 1.32 -11.23 -7.49
C THR A 66 1.26 -11.61 -8.96
N ARG A 67 2.41 -11.83 -9.56
CA ARG A 67 2.48 -12.21 -10.97
C ARG A 67 1.96 -11.08 -11.85
N ILE A 68 2.53 -9.89 -11.70
CA ILE A 68 2.11 -8.73 -12.47
C ILE A 68 3.33 -7.98 -13.04
N THR A 69 3.41 -7.91 -14.35
CA THR A 69 4.52 -7.22 -15.01
C THR A 69 4.51 -5.74 -14.68
N SER A 70 3.32 -5.14 -14.65
CA SER A 70 3.18 -3.72 -14.35
C SER A 70 2.61 -3.52 -12.95
N LEU A 71 2.45 -2.26 -12.56
CA LEU A 71 1.91 -1.92 -11.25
C LEU A 71 0.38 -1.83 -11.29
N THR A 72 -0.13 -1.24 -12.36
CA THR A 72 -1.57 -1.08 -12.52
C THR A 72 -2.24 -2.42 -12.81
N GLN A 73 -1.43 -3.43 -13.13
CA GLN A 73 -1.95 -4.76 -13.43
C GLN A 73 -2.63 -5.36 -12.20
N LEU A 74 -1.88 -5.47 -11.11
CA LEU A 74 -2.41 -6.02 -9.88
C LEU A 74 -3.71 -5.34 -9.47
N THR A 75 -4.30 -5.79 -8.37
CA THR A 75 -5.54 -5.22 -7.88
C THR A 75 -5.31 -3.85 -7.25
N ASP A 76 -6.13 -2.88 -7.64
CA ASP A 76 -6.01 -1.52 -7.11
C ASP A 76 -6.64 -1.42 -5.73
N ASN A 77 -6.08 -0.55 -4.89
CA ASN A 77 -6.60 -0.37 -3.53
C ASN A 77 -7.02 1.08 -3.31
N LEU A 78 -7.99 1.54 -4.09
CA LEU A 78 -8.48 2.91 -3.97
C LEU A 78 -9.36 3.06 -2.73
N THR A 79 -9.63 1.96 -2.05
CA THR A 79 -10.44 1.98 -0.85
C THR A 79 -9.90 2.97 0.17
N VAL A 80 -8.58 2.99 0.32
CA VAL A 80 -7.94 3.90 1.26
C VAL A 80 -8.21 5.35 0.90
N LEU A 81 -8.26 5.63 -0.40
CA LEU A 81 -8.51 6.99 -0.88
C LEU A 81 -9.95 7.40 -0.61
N LYS A 82 -10.87 6.46 -0.76
CA LYS A 82 -12.29 6.72 -0.54
C LYS A 82 -12.52 7.22 0.88
N SER A 83 -13.25 8.34 1.00
CA SER A 83 -13.55 8.92 2.30
C SER A 83 -14.79 9.81 2.23
N GLY A 84 -15.54 9.86 3.32
CA GLY A 84 -16.74 10.69 3.36
C GLY A 84 -17.84 10.06 4.17
N PRO A 85 -18.54 10.88 4.96
CA PRO A 85 -19.65 10.43 5.82
C PRO A 85 -20.87 10.00 5.01
N SER A 86 -20.84 10.28 3.71
CA SER A 86 -21.95 9.93 2.82
C SER A 86 -21.91 8.45 2.47
N SER A 87 -22.54 7.64 3.30
CA SER A 87 -22.59 6.20 3.07
C SER A 87 -23.04 5.88 1.65
N GLY A 88 -24.02 6.64 1.17
CA GLY A 88 -24.53 6.43 -0.17
C GLY A 88 -25.51 7.50 -0.60
ZN ZN B . 5.05 1.63 1.67
ZN ZN C . 0.36 -10.03 1.27
N GLY A 1 17.51 31.14 16.07
CA GLY A 1 17.11 30.84 17.44
C GLY A 1 15.63 30.53 17.56
N SER A 2 15.28 29.25 17.47
CA SER A 2 13.88 28.83 17.56
C SER A 2 13.79 27.37 17.95
N SER A 3 12.79 27.04 18.77
CA SER A 3 12.60 25.67 19.23
C SER A 3 11.11 25.37 19.40
N GLY A 4 10.75 24.09 19.27
CA GLY A 4 9.36 23.69 19.42
C GLY A 4 9.11 22.28 18.91
N SER A 5 8.35 21.51 19.67
CA SER A 5 8.04 20.13 19.29
C SER A 5 6.53 19.89 19.31
N SER A 6 6.04 19.18 18.32
CA SER A 6 4.61 18.88 18.21
C SER A 6 4.36 17.38 18.38
N GLY A 7 3.13 17.04 18.78
CA GLY A 7 2.77 15.65 18.97
C GLY A 7 1.30 15.39 18.76
N ASN A 8 0.97 14.21 18.26
CA ASN A 8 -0.42 13.83 18.00
C ASN A 8 -0.67 12.38 18.37
N LEU A 9 -1.91 11.94 18.22
CA LEU A 9 -2.28 10.56 18.53
C LEU A 9 -2.91 9.87 17.32
N ASP A 10 -2.71 8.56 17.22
CA ASP A 10 -3.26 7.79 16.12
C ASP A 10 -4.27 6.76 16.62
N ALA A 11 -5.55 7.05 16.43
CA ALA A 11 -6.60 6.15 16.87
C ALA A 11 -7.33 5.54 15.67
N LEU A 12 -6.73 5.66 14.49
CA LEU A 12 -7.32 5.12 13.27
C LEU A 12 -7.46 3.60 13.36
N ARG A 13 -8.41 3.06 12.62
CA ARG A 13 -8.64 1.62 12.60
C ARG A 13 -8.36 1.02 11.23
N GLU A 14 -8.59 1.82 10.19
CA GLU A 14 -8.36 1.37 8.81
C GLU A 14 -6.87 1.40 8.49
N VAL A 15 -6.52 0.80 7.35
CA VAL A 15 -5.12 0.75 6.92
C VAL A 15 -4.84 1.83 5.88
N LEU A 16 -5.34 3.03 6.13
CA LEU A 16 -5.14 4.15 5.21
C LEU A 16 -3.65 4.38 4.96
N GLU A 17 -2.82 3.84 5.84
CA GLU A 17 -1.36 3.99 5.71
C GLU A 17 -0.72 2.67 5.27
N CYS A 18 0.42 2.78 4.61
CA CYS A 18 1.14 1.59 4.13
C CYS A 18 1.66 0.77 5.30
N PRO A 19 1.49 -0.56 5.20
CA PRO A 19 1.95 -1.49 6.24
C PRO A 19 3.47 -1.58 6.32
N ILE A 20 4.14 -0.82 5.47
CA ILE A 20 5.61 -0.82 5.43
C ILE A 20 6.16 0.54 5.84
N CYS A 21 6.06 1.51 4.94
CA CYS A 21 6.54 2.86 5.20
C CYS A 21 5.61 3.60 6.15
N MET A 22 4.34 3.21 6.14
CA MET A 22 3.34 3.83 7.01
C MET A 22 3.15 5.30 6.63
N GLU A 23 2.88 5.54 5.36
CA GLU A 23 2.68 6.91 4.87
C GLU A 23 1.29 7.05 4.25
N SER A 24 0.57 8.09 4.68
CA SER A 24 -0.77 8.34 4.17
C SER A 24 -0.83 8.13 2.65
N PHE A 25 -1.43 7.01 2.25
CA PHE A 25 -1.55 6.69 0.83
C PHE A 25 -1.92 7.92 0.02
N THR A 26 -0.92 8.53 -0.63
CA THR A 26 -1.15 9.71 -1.44
C THR A 26 -1.21 9.37 -2.92
N GLU A 27 -2.39 9.46 -3.50
CA GLU A 27 -2.58 9.16 -4.91
C GLU A 27 -1.47 9.79 -5.76
N GLU A 28 -1.07 11.00 -5.39
CA GLU A 28 -0.02 11.71 -6.11
C GLU A 28 1.16 10.78 -6.39
N GLN A 29 1.82 10.34 -5.34
CA GLN A 29 2.98 9.45 -5.48
C GLN A 29 2.70 8.10 -4.84
N LEU A 30 2.65 8.07 -3.51
CA LEU A 30 2.38 6.84 -2.77
C LEU A 30 0.98 6.33 -3.05
N ARG A 31 0.79 5.74 -4.23
CA ARG A 31 -0.51 5.21 -4.62
C ARG A 31 -0.73 3.82 -3.99
N PRO A 32 -1.89 3.66 -3.33
CA PRO A 32 -2.25 2.40 -2.68
C PRO A 32 -2.55 1.29 -3.69
N LYS A 33 -1.79 0.22 -3.63
CA LYS A 33 -1.98 -0.91 -4.54
C LYS A 33 -2.25 -2.19 -3.77
N LEU A 34 -3.27 -2.93 -4.18
CA LEU A 34 -3.64 -4.19 -3.54
C LEU A 34 -3.03 -5.37 -4.27
N LEU A 35 -2.42 -6.28 -3.51
CA LEU A 35 -1.79 -7.47 -4.08
C LEU A 35 -2.81 -8.59 -4.25
N HIS A 36 -2.48 -9.57 -5.08
CA HIS A 36 -3.36 -10.71 -5.32
C HIS A 36 -3.68 -11.44 -4.02
N CYS A 37 -2.95 -11.10 -2.96
CA CYS A 37 -3.14 -11.72 -1.66
C CYS A 37 -4.19 -10.96 -0.85
N GLY A 38 -4.06 -9.63 -0.81
CA GLY A 38 -5.00 -8.81 -0.07
C GLY A 38 -4.33 -7.65 0.63
N HIS A 39 -3.07 -7.83 1.01
CA HIS A 39 -2.32 -6.79 1.69
C HIS A 39 -2.17 -5.55 0.80
N THR A 40 -2.23 -4.38 1.41
CA THR A 40 -2.10 -3.12 0.69
C THR A 40 -0.74 -2.49 0.90
N ILE A 41 -0.10 -2.08 -0.19
CA ILE A 41 1.22 -1.46 -0.12
C ILE A 41 1.33 -0.30 -1.11
N CYS A 42 2.07 0.73 -0.71
CA CYS A 42 2.27 1.90 -1.56
C CYS A 42 3.17 1.57 -2.74
N ARG A 43 2.74 1.96 -3.94
CA ARG A 43 3.51 1.70 -5.15
C ARG A 43 5.01 1.86 -4.89
N GLN A 44 5.35 2.80 -4.01
CA GLN A 44 6.74 3.04 -3.67
C GLN A 44 7.42 1.78 -3.15
N CYS A 45 6.78 1.12 -2.19
CA CYS A 45 7.32 -0.10 -1.61
C CYS A 45 7.22 -1.25 -2.60
N LEU A 46 6.11 -1.32 -3.33
CA LEU A 46 5.90 -2.38 -4.31
C LEU A 46 6.95 -2.31 -5.41
N GLU A 47 7.27 -1.10 -5.85
CA GLU A 47 8.27 -0.90 -6.90
C GLU A 47 9.60 -1.55 -6.51
N LYS A 48 10.08 -1.24 -5.32
CA LYS A 48 11.34 -1.79 -4.83
C LYS A 48 11.35 -3.30 -4.97
N LEU A 49 10.20 -3.93 -4.74
CA LEU A 49 10.09 -5.38 -4.83
C LEU A 49 10.05 -5.83 -6.28
N LEU A 50 9.13 -5.26 -7.06
CA LEU A 50 9.01 -5.61 -8.47
C LEU A 50 10.34 -5.46 -9.19
N ALA A 51 11.13 -4.48 -8.78
CA ALA A 51 12.43 -4.24 -9.38
C ALA A 51 13.25 -5.52 -9.44
N SER A 52 13.70 -5.98 -8.28
CA SER A 52 14.51 -7.20 -8.19
C SER A 52 13.66 -8.43 -8.50
N SER A 53 12.44 -8.44 -8.00
CA SER A 53 11.53 -9.56 -8.23
C SER A 53 11.43 -9.89 -9.71
N ILE A 54 10.59 -10.86 -10.05
CA ILE A 54 10.40 -11.27 -11.43
C ILE A 54 9.05 -11.95 -11.62
N ASN A 55 8.54 -11.91 -12.84
CA ASN A 55 7.26 -12.54 -13.16
C ASN A 55 6.30 -12.41 -11.98
N GLY A 56 6.38 -11.29 -11.27
CA GLY A 56 5.51 -11.08 -10.13
C GLY A 56 6.23 -10.45 -8.96
N VAL A 57 5.48 -9.80 -8.08
CA VAL A 57 6.06 -9.15 -6.90
C VAL A 57 5.87 -10.00 -5.66
N ARG A 58 6.93 -10.16 -4.88
CA ARG A 58 6.88 -10.95 -3.67
C ARG A 58 6.43 -10.10 -2.49
N CYS A 59 5.38 -10.54 -1.80
CA CYS A 59 4.86 -9.82 -0.64
C CYS A 59 5.63 -10.18 0.62
N PRO A 60 6.14 -9.16 1.31
CA PRO A 60 6.91 -9.35 2.56
C PRO A 60 6.03 -9.82 3.71
N PHE A 61 4.75 -10.07 3.42
CA PHE A 61 3.81 -10.52 4.43
C PHE A 61 3.41 -11.97 4.19
N CYS A 62 2.76 -12.22 3.07
CA CYS A 62 2.32 -13.57 2.71
C CYS A 62 3.30 -14.22 1.74
N SER A 63 4.09 -13.39 1.06
CA SER A 63 5.06 -13.88 0.09
C SER A 63 4.37 -14.53 -1.10
N LYS A 64 3.31 -13.88 -1.58
CA LYS A 64 2.55 -14.40 -2.72
C LYS A 64 2.89 -13.64 -3.99
N ILE A 65 3.74 -14.22 -4.82
CA ILE A 65 4.15 -13.59 -6.07
C ILE A 65 2.95 -13.02 -6.82
N THR A 66 2.98 -11.71 -7.05
CA THR A 66 1.89 -11.03 -7.74
C THR A 66 2.20 -10.90 -9.23
N ARG A 67 1.88 -11.94 -9.99
CA ARG A 67 2.13 -11.93 -11.43
C ARG A 67 1.54 -10.68 -12.07
N ILE A 68 2.31 -9.61 -12.11
CA ILE A 68 1.86 -8.36 -12.70
C ILE A 68 3.04 -7.57 -13.29
N THR A 69 3.12 -7.56 -14.61
CA THR A 69 4.18 -6.85 -15.31
C THR A 69 4.11 -5.35 -15.05
N SER A 70 2.90 -4.86 -14.81
CA SER A 70 2.69 -3.44 -14.55
C SER A 70 2.23 -3.21 -13.12
N LEU A 71 2.28 -1.97 -12.67
CA LEU A 71 1.87 -1.62 -11.32
C LEU A 71 0.35 -1.56 -11.20
N THR A 72 -0.31 -1.24 -12.31
CA THR A 72 -1.76 -1.17 -12.35
C THR A 72 -2.39 -2.54 -12.54
N GLN A 73 -1.61 -3.46 -13.11
CA GLN A 73 -2.08 -4.82 -13.36
C GLN A 73 -2.70 -5.42 -12.10
N LEU A 74 -1.96 -5.37 -11.00
CA LEU A 74 -2.44 -5.90 -9.73
C LEU A 74 -3.81 -5.33 -9.38
N THR A 75 -4.29 -5.67 -8.18
CA THR A 75 -5.59 -5.19 -7.73
C THR A 75 -5.47 -3.80 -7.11
N ASP A 76 -6.28 -2.87 -7.61
CA ASP A 76 -6.27 -1.50 -7.11
C ASP A 76 -6.90 -1.42 -5.73
N ASN A 77 -6.42 -0.47 -4.92
CA ASN A 77 -6.93 -0.30 -3.56
C ASN A 77 -7.40 1.14 -3.35
N LEU A 78 -8.46 1.53 -4.04
CA LEU A 78 -9.01 2.87 -3.92
C LEU A 78 -9.84 3.00 -2.65
N THR A 79 -9.74 2.02 -1.76
CA THR A 79 -10.48 2.04 -0.51
C THR A 79 -9.86 2.99 0.49
N VAL A 80 -8.53 3.01 0.54
CA VAL A 80 -7.81 3.89 1.45
C VAL A 80 -7.99 5.35 1.08
N LEU A 81 -8.23 5.60 -0.21
CA LEU A 81 -8.43 6.96 -0.70
C LEU A 81 -9.85 7.45 -0.43
N LYS A 82 -10.81 6.53 -0.54
CA LYS A 82 -12.21 6.86 -0.29
C LYS A 82 -12.97 5.65 0.26
N SER A 83 -13.96 5.93 1.10
CA SER A 83 -14.76 4.86 1.70
C SER A 83 -15.93 4.48 0.79
N GLY A 84 -15.86 3.28 0.22
CA GLY A 84 -16.91 2.82 -0.67
C GLY A 84 -17.29 1.37 -0.40
N PRO A 85 -18.57 1.15 -0.06
CA PRO A 85 -19.09 -0.19 0.23
C PRO A 85 -19.17 -1.06 -1.02
N SER A 86 -18.13 -1.86 -1.26
CA SER A 86 -18.09 -2.74 -2.42
C SER A 86 -19.22 -3.75 -2.38
N SER A 87 -20.00 -3.81 -3.45
CA SER A 87 -21.13 -4.73 -3.53
C SER A 87 -21.22 -5.35 -4.93
N GLY A 88 -21.33 -6.68 -4.98
CA GLY A 88 -21.41 -7.37 -6.25
C GLY A 88 -20.41 -6.85 -7.26
ZN ZN B . 5.09 1.70 1.64
ZN ZN C . 0.54 -10.18 1.12
N GLY A 1 -11.34 28.44 36.46
CA GLY A 1 -10.60 28.24 35.23
C GLY A 1 -9.49 27.23 35.39
N SER A 2 -9.60 26.12 34.67
CA SER A 2 -8.58 25.07 34.74
C SER A 2 -8.67 24.15 33.52
N SER A 3 -7.65 23.31 33.34
CA SER A 3 -7.61 22.39 32.21
C SER A 3 -6.95 21.07 32.62
N GLY A 4 -7.34 19.99 31.94
CA GLY A 4 -6.78 18.69 32.24
C GLY A 4 -7.33 17.60 31.34
N SER A 5 -6.85 17.54 30.11
CA SER A 5 -7.31 16.55 29.15
C SER A 5 -6.13 15.93 28.40
N SER A 6 -6.07 14.60 28.39
CA SER A 6 -4.99 13.89 27.71
C SER A 6 -5.54 13.00 26.60
N GLY A 7 -4.66 12.56 25.71
CA GLY A 7 -5.08 11.70 24.62
C GLY A 7 -4.20 10.48 24.47
N ASN A 8 -4.59 9.39 25.10
CA ASN A 8 -3.82 8.15 25.04
C ASN A 8 -4.68 7.01 24.50
N LEU A 9 -5.46 7.30 23.46
CA LEU A 9 -6.33 6.30 22.85
C LEU A 9 -6.32 6.42 21.33
N ASP A 10 -6.47 5.29 20.65
CA ASP A 10 -6.47 5.27 19.19
C ASP A 10 -7.60 4.39 18.67
N ALA A 11 -8.47 4.97 17.85
CA ALA A 11 -9.60 4.24 17.28
C ALA A 11 -9.29 3.81 15.85
N LEU A 12 -8.44 4.57 15.17
CA LEU A 12 -8.07 4.27 13.79
C LEU A 12 -7.55 2.84 13.66
N ARG A 13 -8.33 2.00 12.99
CA ARG A 13 -7.95 0.60 12.81
C ARG A 13 -7.64 0.32 11.33
N GLU A 14 -8.39 0.96 10.44
CA GLU A 14 -8.20 0.77 9.01
C GLU A 14 -6.72 0.84 8.64
N VAL A 15 -6.39 0.43 7.43
CA VAL A 15 -5.01 0.43 6.96
C VAL A 15 -4.77 1.58 5.98
N LEU A 16 -5.42 2.72 6.24
CA LEU A 16 -5.28 3.89 5.39
C LEU A 16 -3.81 4.17 5.10
N GLU A 17 -2.93 3.65 5.94
CA GLU A 17 -1.50 3.85 5.76
C GLU A 17 -0.81 2.55 5.36
N CYS A 18 0.27 2.68 4.60
CA CYS A 18 1.01 1.51 4.13
C CYS A 18 1.60 0.73 5.30
N PRO A 19 1.44 -0.60 5.26
CA PRO A 19 1.94 -1.50 6.32
C PRO A 19 3.46 -1.57 6.32
N ILE A 20 4.10 -0.83 5.43
CA ILE A 20 5.55 -0.81 5.35
C ILE A 20 6.12 0.54 5.77
N CYS A 21 5.98 1.54 4.90
CA CYS A 21 6.46 2.89 5.19
C CYS A 21 5.58 3.58 6.22
N MET A 22 4.31 3.16 6.28
CA MET A 22 3.36 3.74 7.22
C MET A 22 3.07 5.20 6.87
N GLU A 23 2.93 5.47 5.59
CA GLU A 23 2.66 6.83 5.11
C GLU A 23 1.31 6.89 4.41
N SER A 24 0.45 7.81 4.84
CA SER A 24 -0.87 7.96 4.24
C SER A 24 -0.81 7.77 2.73
N PHE A 25 -1.64 6.87 2.23
CA PHE A 25 -1.69 6.59 0.79
C PHE A 25 -2.05 7.84 0.00
N THR A 26 -1.04 8.49 -0.57
CA THR A 26 -1.25 9.70 -1.35
C THR A 26 -1.22 9.41 -2.84
N GLU A 27 -2.40 9.28 -3.45
CA GLU A 27 -2.50 9.00 -4.86
C GLU A 27 -1.41 9.72 -5.65
N GLU A 28 -1.15 10.96 -5.26
CA GLU A 28 -0.13 11.78 -5.93
C GLU A 28 1.14 10.95 -6.17
N GLN A 29 1.73 10.47 -5.09
CA GLN A 29 2.95 9.66 -5.18
C GLN A 29 2.72 8.26 -4.64
N LEU A 30 2.56 8.16 -3.32
CA LEU A 30 2.33 6.87 -2.68
C LEU A 30 0.94 6.31 -3.04
N ARG A 31 0.86 5.67 -4.19
CA ARG A 31 -0.40 5.09 -4.66
C ARG A 31 -0.65 3.73 -4.01
N PRO A 32 -1.82 3.57 -3.37
CA PRO A 32 -2.20 2.32 -2.72
C PRO A 32 -2.46 1.19 -3.70
N LYS A 33 -1.64 0.15 -3.65
CA LYS A 33 -1.78 -0.99 -4.55
C LYS A 33 -2.20 -2.24 -3.77
N LEU A 34 -3.07 -3.04 -4.37
CA LEU A 34 -3.53 -4.27 -3.75
C LEU A 34 -2.98 -5.49 -4.45
N LEU A 35 -2.46 -6.44 -3.66
CA LEU A 35 -1.89 -7.67 -4.21
C LEU A 35 -2.95 -8.77 -4.26
N HIS A 36 -2.66 -9.80 -5.06
CA HIS A 36 -3.58 -10.93 -5.20
C HIS A 36 -3.81 -11.62 -3.85
N CYS A 37 -3.03 -11.22 -2.86
CA CYS A 37 -3.14 -11.81 -1.52
C CYS A 37 -4.17 -11.06 -0.68
N GLY A 38 -4.13 -9.73 -0.76
CA GLY A 38 -5.07 -8.92 0.00
C GLY A 38 -4.40 -7.72 0.66
N HIS A 39 -3.13 -7.90 1.01
CA HIS A 39 -2.37 -6.82 1.66
C HIS A 39 -2.27 -5.60 0.76
N THR A 40 -2.38 -4.43 1.36
CA THR A 40 -2.30 -3.17 0.61
C THR A 40 -0.98 -2.46 0.86
N ILE A 41 -0.23 -2.21 -0.22
CA ILE A 41 1.05 -1.53 -0.12
C ILE A 41 1.15 -0.37 -1.11
N CYS A 42 1.87 0.67 -0.73
CA CYS A 42 2.04 1.84 -1.59
C CYS A 42 2.96 1.51 -2.76
N ARG A 43 2.71 2.16 -3.89
CA ARG A 43 3.53 1.95 -5.09
C ARG A 43 5.01 2.06 -4.77
N GLN A 44 5.35 2.99 -3.88
CA GLN A 44 6.73 3.20 -3.50
C GLN A 44 7.39 1.91 -3.04
N CYS A 45 6.73 1.22 -2.10
CA CYS A 45 7.24 -0.04 -1.58
C CYS A 45 7.09 -1.16 -2.61
N LEU A 46 5.95 -1.18 -3.30
CA LEU A 46 5.69 -2.20 -4.31
C LEU A 46 6.71 -2.12 -5.43
N GLU A 47 7.16 -0.90 -5.73
CA GLU A 47 8.13 -0.69 -6.79
C GLU A 47 9.48 -1.31 -6.43
N LYS A 48 9.95 -0.99 -5.22
CA LYS A 48 11.22 -1.51 -4.74
C LYS A 48 11.30 -3.03 -4.91
N LEU A 49 10.16 -3.69 -4.79
CA LEU A 49 10.08 -5.14 -4.92
C LEU A 49 9.97 -5.54 -6.40
N LEU A 50 8.95 -5.00 -7.06
CA LEU A 50 8.73 -5.30 -8.48
C LEU A 50 10.01 -5.12 -9.28
N ALA A 51 10.75 -4.05 -8.98
CA ALA A 51 12.00 -3.77 -9.67
C ALA A 51 12.82 -5.04 -9.87
N SER A 52 13.28 -5.61 -8.76
CA SER A 52 14.09 -6.83 -8.81
C SER A 52 13.28 -7.99 -9.38
N SER A 53 12.15 -8.29 -8.73
CA SER A 53 11.29 -9.38 -9.16
C SER A 53 11.03 -9.31 -10.66
N ILE A 54 10.88 -10.48 -11.29
CA ILE A 54 10.63 -10.54 -12.72
C ILE A 54 9.40 -11.39 -13.02
N ASN A 55 9.14 -12.37 -12.16
CA ASN A 55 7.99 -13.25 -12.34
C ASN A 55 6.92 -12.98 -11.28
N GLY A 56 6.69 -11.69 -11.00
CA GLY A 56 5.70 -11.31 -10.02
C GLY A 56 6.32 -10.71 -8.77
N VAL A 57 5.55 -9.88 -8.07
CA VAL A 57 6.03 -9.23 -6.86
C VAL A 57 5.79 -10.11 -5.63
N ARG A 58 6.84 -10.29 -4.83
CA ARG A 58 6.74 -11.12 -3.63
C ARG A 58 6.36 -10.27 -2.43
N CYS A 59 5.20 -10.56 -1.85
CA CYS A 59 4.70 -9.82 -0.69
C CYS A 59 5.51 -10.18 0.56
N PRO A 60 6.13 -9.15 1.16
CA PRO A 60 6.95 -9.33 2.37
C PRO A 60 6.10 -9.68 3.60
N PHE A 61 4.80 -9.84 3.39
CA PHE A 61 3.89 -10.16 4.47
C PHE A 61 3.47 -11.63 4.40
N CYS A 62 2.94 -12.04 3.26
CA CYS A 62 2.50 -13.41 3.07
C CYS A 62 3.44 -14.16 2.11
N SER A 63 4.13 -13.39 1.27
CA SER A 63 5.05 -13.97 0.30
C SER A 63 4.29 -14.69 -0.81
N LYS A 64 3.30 -14.01 -1.37
CA LYS A 64 2.49 -14.57 -2.45
C LYS A 64 2.70 -13.80 -3.75
N ILE A 65 3.51 -14.36 -4.64
CA ILE A 65 3.80 -13.73 -5.91
C ILE A 65 2.52 -13.21 -6.57
N THR A 66 2.49 -11.93 -6.89
CA THR A 66 1.33 -11.32 -7.53
C THR A 66 1.26 -11.68 -9.02
N ARG A 67 2.42 -11.92 -9.61
CA ARG A 67 2.49 -12.27 -11.02
C ARG A 67 1.93 -11.15 -11.89
N ILE A 68 2.45 -9.94 -11.70
CA ILE A 68 2.00 -8.78 -12.46
C ILE A 68 3.18 -8.00 -13.02
N THR A 69 3.27 -7.94 -14.34
CA THR A 69 4.36 -7.23 -15.00
C THR A 69 4.04 -5.74 -15.13
N SER A 70 3.35 -5.19 -14.13
CA SER A 70 2.97 -3.79 -14.13
C SER A 70 2.28 -3.41 -12.82
N LEU A 71 2.41 -2.15 -12.43
CA LEU A 71 1.80 -1.66 -11.20
C LEU A 71 0.29 -1.57 -11.34
N THR A 72 -0.19 -1.47 -12.57
CA THR A 72 -1.62 -1.39 -12.83
C THR A 72 -2.22 -2.79 -12.97
N GLN A 73 -1.41 -3.75 -13.39
CA GLN A 73 -1.88 -5.12 -13.56
C GLN A 73 -2.59 -5.61 -12.31
N LEU A 74 -1.88 -5.64 -11.19
CA LEU A 74 -2.45 -6.09 -9.93
C LEU A 74 -3.76 -5.37 -9.63
N THR A 75 -4.32 -5.62 -8.45
CA THR A 75 -5.57 -4.99 -8.05
C THR A 75 -5.31 -3.65 -7.37
N ASP A 76 -5.98 -2.61 -7.86
CA ASP A 76 -5.83 -1.28 -7.30
C ASP A 76 -6.50 -1.17 -5.93
N ASN A 77 -6.04 -0.23 -5.12
CA ASN A 77 -6.59 -0.03 -3.79
C ASN A 77 -7.00 1.42 -3.58
N LEU A 78 -8.04 1.84 -4.28
CA LEU A 78 -8.54 3.21 -4.17
C LEU A 78 -9.51 3.34 -3.01
N THR A 79 -9.49 2.35 -2.12
CA THR A 79 -10.38 2.37 -0.95
C THR A 79 -9.79 3.20 0.17
N VAL A 80 -8.46 3.25 0.24
CA VAL A 80 -7.78 4.02 1.27
C VAL A 80 -7.90 5.52 1.01
N LEU A 81 -8.05 5.88 -0.26
CA LEU A 81 -8.18 7.29 -0.63
C LEU A 81 -9.55 7.84 -0.22
N LYS A 82 -10.58 7.03 -0.40
CA LYS A 82 -11.93 7.44 -0.04
C LYS A 82 -12.27 7.01 1.38
N SER A 83 -11.31 7.14 2.28
CA SER A 83 -11.51 6.77 3.67
C SER A 83 -12.45 5.56 3.78
N GLY A 84 -12.26 4.59 2.90
CA GLY A 84 -13.08 3.40 2.91
C GLY A 84 -12.86 2.55 4.15
N PRO A 85 -13.91 2.43 4.97
CA PRO A 85 -13.85 1.65 6.21
C PRO A 85 -13.77 0.15 5.95
N SER A 86 -12.54 -0.36 5.86
CA SER A 86 -12.32 -1.78 5.60
C SER A 86 -11.80 -2.48 6.86
N SER A 87 -12.51 -3.52 7.29
CA SER A 87 -12.12 -4.28 8.47
C SER A 87 -11.86 -5.74 8.12
N GLY A 88 -10.65 -6.21 8.40
CA GLY A 88 -10.30 -7.58 8.11
C GLY A 88 -9.12 -7.70 7.18
ZN ZN B . 4.92 1.70 1.58
ZN ZN C . 0.44 -10.26 1.19
N GLY A 1 17.38 22.57 18.86
CA GLY A 1 16.11 21.96 18.53
C GLY A 1 15.87 20.67 19.30
N SER A 2 16.03 20.74 20.62
CA SER A 2 15.83 19.57 21.47
C SER A 2 14.42 19.02 21.34
N SER A 3 13.43 19.88 21.60
CA SER A 3 12.03 19.48 21.51
C SER A 3 11.82 18.49 20.37
N GLY A 4 10.91 17.55 20.58
CA GLY A 4 10.62 16.54 19.57
C GLY A 4 9.56 15.56 20.01
N SER A 5 8.48 15.47 19.24
CA SER A 5 7.38 14.56 19.56
C SER A 5 6.53 14.29 18.33
N SER A 6 6.53 13.03 17.89
CA SER A 6 5.74 12.64 16.72
C SER A 6 4.80 11.49 17.05
N GLY A 7 3.54 11.82 17.29
CA GLY A 7 2.55 10.81 17.62
C GLY A 7 1.64 10.49 16.45
N ASN A 8 1.85 9.33 15.84
CA ASN A 8 1.04 8.90 14.71
C ASN A 8 0.31 7.59 15.02
N LEU A 9 -0.22 7.49 16.23
CA LEU A 9 -0.93 6.29 16.65
C LEU A 9 -2.03 5.94 15.65
N ASP A 10 -2.70 4.82 15.88
CA ASP A 10 -3.77 4.36 15.00
C ASP A 10 -4.99 3.93 15.82
N ALA A 11 -6.09 4.67 15.67
CA ALA A 11 -7.32 4.37 16.39
C ALA A 11 -8.25 3.51 15.55
N LEU A 12 -8.58 4.00 14.36
CA LEU A 12 -9.47 3.28 13.45
C LEU A 12 -8.93 1.89 13.15
N ARG A 13 -9.75 1.05 12.53
CA ARG A 13 -9.35 -0.30 12.19
C ARG A 13 -9.12 -0.44 10.69
N GLU A 14 -8.50 0.57 10.08
CA GLU A 14 -8.22 0.57 8.66
C GLU A 14 -6.72 0.65 8.39
N VAL A 15 -6.33 0.38 7.15
CA VAL A 15 -4.92 0.43 6.77
C VAL A 15 -4.61 1.69 5.97
N LEU A 16 -5.32 2.78 6.29
CA LEU A 16 -5.12 4.04 5.61
C LEU A 16 -3.64 4.30 5.34
N GLU A 17 -2.79 3.69 6.16
CA GLU A 17 -1.34 3.85 6.00
C GLU A 17 -0.70 2.55 5.49
N CYS A 18 0.39 2.69 4.77
CA CYS A 18 1.09 1.53 4.22
C CYS A 18 1.63 0.65 5.34
N PRO A 19 1.45 -0.67 5.18
CA PRO A 19 1.91 -1.65 6.17
C PRO A 19 3.43 -1.77 6.21
N ILE A 20 4.10 -0.97 5.38
CA ILE A 20 5.56 -0.99 5.33
C ILE A 20 6.14 0.36 5.79
N CYS A 21 6.02 1.36 4.94
CA CYS A 21 6.52 2.69 5.25
C CYS A 21 5.61 3.40 6.25
N MET A 22 4.33 3.03 6.24
CA MET A 22 3.35 3.63 7.13
C MET A 22 3.15 5.10 6.81
N GLU A 23 2.92 5.40 5.54
CA GLU A 23 2.71 6.77 5.09
C GLU A 23 1.32 6.93 4.45
N SER A 24 0.56 7.90 4.95
CA SER A 24 -0.77 8.16 4.43
C SER A 24 -0.81 8.01 2.92
N PHE A 25 -1.65 7.11 2.43
CA PHE A 25 -1.78 6.87 1.00
C PHE A 25 -2.23 8.14 0.28
N THR A 26 -1.29 8.75 -0.45
CA THR A 26 -1.59 9.98 -1.19
C THR A 26 -2.17 9.67 -2.56
N GLU A 27 -2.36 10.71 -3.36
CA GLU A 27 -2.92 10.54 -4.70
C GLU A 27 -1.81 10.48 -5.75
N GLU A 28 -1.06 11.58 -5.88
CA GLU A 28 0.03 11.65 -6.84
C GLU A 28 1.31 11.04 -6.26
N GLN A 29 1.14 10.10 -5.33
CA GLN A 29 2.28 9.45 -4.70
C GLN A 29 1.81 8.31 -3.80
N LEU A 30 2.77 7.52 -3.30
CA LEU A 30 2.46 6.40 -2.43
C LEU A 30 1.09 5.82 -2.75
N ARG A 31 0.82 5.64 -4.04
CA ARG A 31 -0.46 5.09 -4.49
C ARG A 31 -0.70 3.71 -3.88
N PRO A 32 -1.88 3.52 -3.27
CA PRO A 32 -2.25 2.25 -2.64
C PRO A 32 -2.49 1.15 -3.67
N LYS A 33 -1.63 0.14 -3.67
CA LYS A 33 -1.77 -0.98 -4.60
C LYS A 33 -2.13 -2.26 -3.85
N LEU A 34 -3.15 -2.96 -4.35
CA LEU A 34 -3.60 -4.20 -3.73
C LEU A 34 -3.01 -5.40 -4.47
N LEU A 35 -2.48 -6.35 -3.71
CA LEU A 35 -1.89 -7.55 -4.28
C LEU A 35 -2.92 -8.67 -4.38
N HIS A 36 -2.62 -9.68 -5.20
CA HIS A 36 -3.52 -10.80 -5.38
C HIS A 36 -3.73 -11.57 -4.07
N CYS A 37 -2.97 -11.18 -3.05
CA CYS A 37 -3.05 -11.82 -1.75
C CYS A 37 -4.11 -11.14 -0.88
N GLY A 38 -4.08 -9.81 -0.87
CA GLY A 38 -5.04 -9.06 -0.08
C GLY A 38 -4.41 -7.87 0.62
N HIS A 39 -3.13 -7.98 0.95
CA HIS A 39 -2.41 -6.90 1.61
C HIS A 39 -2.32 -5.67 0.72
N THR A 40 -2.40 -4.49 1.32
CA THR A 40 -2.32 -3.24 0.58
C THR A 40 -1.03 -2.50 0.88
N ILE A 41 -0.26 -2.23 -0.17
CA ILE A 41 1.01 -1.52 -0.02
C ILE A 41 1.11 -0.36 -1.01
N CYS A 42 1.88 0.67 -0.65
CA CYS A 42 2.06 1.82 -1.50
C CYS A 42 2.95 1.49 -2.70
N ARG A 43 2.68 2.13 -3.82
CA ARG A 43 3.45 1.90 -5.04
C ARG A 43 4.95 2.06 -4.78
N GLN A 44 5.29 2.95 -3.86
CA GLN A 44 6.69 3.19 -3.51
C GLN A 44 7.36 1.91 -3.04
N CYS A 45 6.68 1.16 -2.19
CA CYS A 45 7.22 -0.09 -1.66
C CYS A 45 7.04 -1.21 -2.67
N LEU A 46 5.97 -1.15 -3.45
CA LEU A 46 5.70 -2.16 -4.45
C LEU A 46 6.70 -2.08 -5.62
N GLU A 47 7.13 -0.86 -5.92
CA GLU A 47 8.09 -0.65 -7.00
C GLU A 47 9.45 -1.23 -6.63
N LYS A 48 9.90 -0.95 -5.42
CA LYS A 48 11.20 -1.44 -4.95
C LYS A 48 11.25 -2.96 -5.01
N LEU A 49 10.11 -3.60 -4.86
CA LEU A 49 10.03 -5.06 -4.90
C LEU A 49 9.90 -5.55 -6.34
N LEU A 50 8.93 -4.99 -7.06
CA LEU A 50 8.69 -5.38 -8.45
C LEU A 50 9.98 -5.27 -9.26
N ALA A 51 10.72 -4.19 -9.04
CA ALA A 51 11.98 -3.97 -9.75
C ALA A 51 12.85 -5.22 -9.75
N SER A 52 13.16 -5.71 -8.54
CA SER A 52 13.99 -6.90 -8.40
C SER A 52 13.32 -8.11 -9.06
N SER A 53 12.21 -8.54 -8.48
CA SER A 53 11.47 -9.69 -9.01
C SER A 53 11.14 -9.49 -10.49
N ILE A 54 10.84 -10.59 -11.17
CA ILE A 54 10.51 -10.53 -12.59
C ILE A 54 9.21 -11.29 -12.87
N ASN A 55 9.08 -12.47 -12.27
CA ASN A 55 7.89 -13.29 -12.46
C ASN A 55 6.81 -12.94 -11.43
N GLY A 56 6.70 -11.65 -11.12
CA GLY A 56 5.71 -11.20 -10.16
C GLY A 56 6.32 -10.37 -9.05
N VAL A 57 5.60 -10.25 -7.94
CA VAL A 57 6.07 -9.48 -6.79
C VAL A 57 5.83 -10.23 -5.49
N ARG A 58 6.91 -10.62 -4.84
CA ARG A 58 6.83 -11.34 -3.57
C ARG A 58 6.42 -10.41 -2.44
N CYS A 59 5.27 -10.70 -1.83
CA CYS A 59 4.76 -9.89 -0.73
C CYS A 59 5.60 -10.08 0.53
N PRO A 60 6.06 -8.97 1.12
CA PRO A 60 6.88 -9.00 2.33
C PRO A 60 6.08 -9.44 3.56
N PHE A 61 4.82 -9.79 3.34
CA PHE A 61 3.95 -10.22 4.43
C PHE A 61 3.59 -11.70 4.28
N CYS A 62 2.96 -12.03 3.16
CA CYS A 62 2.56 -13.42 2.89
C CYS A 62 3.51 -14.08 1.90
N SER A 63 4.26 -13.26 1.16
CA SER A 63 5.21 -13.76 0.18
C SER A 63 4.49 -14.55 -0.92
N LYS A 64 3.40 -13.99 -1.42
CA LYS A 64 2.62 -14.64 -2.47
C LYS A 64 2.76 -13.89 -3.79
N ILE A 65 3.69 -14.34 -4.62
CA ILE A 65 3.93 -13.72 -5.93
C ILE A 65 2.62 -13.27 -6.57
N THR A 66 2.55 -11.98 -6.91
CA THR A 66 1.35 -11.42 -7.53
C THR A 66 1.27 -11.81 -9.01
N ARG A 67 2.43 -12.02 -9.62
CA ARG A 67 2.48 -12.38 -11.03
C ARG A 67 1.95 -11.26 -11.91
N ILE A 68 2.52 -10.07 -11.75
CA ILE A 68 2.11 -8.91 -12.53
C ILE A 68 3.31 -8.18 -13.11
N THR A 69 3.31 -8.00 -14.43
CA THR A 69 4.40 -7.32 -15.11
C THR A 69 4.42 -5.83 -14.76
N SER A 70 3.25 -5.20 -14.81
CA SER A 70 3.14 -3.79 -14.50
C SER A 70 2.53 -3.58 -13.11
N LEU A 71 2.51 -2.33 -12.67
CA LEU A 71 1.96 -1.99 -11.36
C LEU A 71 0.43 -1.92 -11.41
N THR A 72 -0.09 -1.34 -12.49
CA THR A 72 -1.53 -1.21 -12.66
C THR A 72 -2.18 -2.56 -12.88
N GLN A 73 -1.35 -3.59 -13.04
CA GLN A 73 -1.85 -4.95 -13.27
C GLN A 73 -2.57 -5.48 -12.03
N LEU A 74 -1.84 -5.58 -10.93
CA LEU A 74 -2.40 -6.08 -9.68
C LEU A 74 -3.71 -5.37 -9.36
N THR A 75 -4.32 -5.73 -8.23
CA THR A 75 -5.56 -5.12 -7.80
C THR A 75 -5.33 -3.74 -7.20
N ASP A 76 -6.16 -2.78 -7.58
CA ASP A 76 -6.04 -1.42 -7.08
C ASP A 76 -6.72 -1.29 -5.72
N ASN A 77 -6.21 -0.37 -4.89
CA ASN A 77 -6.76 -0.15 -3.57
C ASN A 77 -7.15 1.32 -3.38
N LEU A 78 -8.18 1.75 -4.12
CA LEU A 78 -8.65 3.13 -4.03
C LEU A 78 -9.58 3.31 -2.84
N THR A 79 -9.57 2.34 -1.94
CA THR A 79 -10.41 2.39 -0.74
C THR A 79 -9.82 3.31 0.32
N VAL A 80 -8.48 3.39 0.35
CA VAL A 80 -7.78 4.22 1.31
C VAL A 80 -7.82 5.69 0.89
N LEU A 81 -7.92 5.91 -0.42
CA LEU A 81 -7.96 7.27 -0.97
C LEU A 81 -9.34 7.88 -0.80
N LYS A 82 -10.37 7.06 -0.98
CA LYS A 82 -11.75 7.52 -0.85
C LYS A 82 -12.16 7.58 0.62
N SER A 83 -13.35 8.14 0.86
CA SER A 83 -13.86 8.27 2.23
C SER A 83 -13.95 6.90 2.90
N GLY A 84 -14.04 6.91 4.23
CA GLY A 84 -14.13 5.67 4.97
C GLY A 84 -15.53 5.08 4.96
N PRO A 85 -15.61 3.75 4.95
CA PRO A 85 -16.89 3.03 4.94
C PRO A 85 -17.65 3.17 6.25
N SER A 86 -18.77 3.89 6.21
CA SER A 86 -19.59 4.09 7.40
C SER A 86 -20.70 3.06 7.48
N SER A 87 -20.72 2.31 8.58
CA SER A 87 -21.73 1.28 8.79
C SER A 87 -23.07 1.89 9.18
N GLY A 88 -23.86 2.27 8.19
CA GLY A 88 -25.15 2.86 8.45
C GLY A 88 -25.58 3.83 7.36
ZN ZN B . 5.01 1.76 1.68
ZN ZN C . 0.43 -10.26 1.08
N GLY A 1 7.57 17.90 -5.69
CA GLY A 1 7.95 18.64 -4.50
C GLY A 1 6.85 18.69 -3.47
N SER A 2 7.00 17.92 -2.40
CA SER A 2 6.00 17.87 -1.34
C SER A 2 6.55 17.14 -0.11
N SER A 3 6.30 17.70 1.07
CA SER A 3 6.77 17.11 2.32
C SER A 3 5.65 16.33 3.00
N GLY A 4 6.02 15.50 3.96
CA GLY A 4 5.04 14.70 4.67
C GLY A 4 5.53 14.27 6.04
N SER A 5 5.27 15.09 7.06
CA SER A 5 5.69 14.78 8.41
C SER A 5 4.55 15.01 9.41
N SER A 6 3.88 13.93 9.78
CA SER A 6 2.77 14.01 10.72
C SER A 6 2.64 12.72 11.52
N GLY A 7 2.05 12.82 12.70
CA GLY A 7 1.87 11.65 13.55
C GLY A 7 0.57 11.69 14.32
N ASN A 8 0.00 10.51 14.58
CA ASN A 8 -1.25 10.42 15.32
C ASN A 8 -1.49 8.99 15.80
N LEU A 9 -2.58 8.79 16.53
CA LEU A 9 -2.93 7.47 17.06
C LEU A 9 -3.77 6.68 16.06
N ASP A 10 -3.49 5.39 15.94
CA ASP A 10 -4.22 4.53 15.03
C ASP A 10 -5.32 3.76 15.76
N ALA A 11 -6.54 4.28 15.70
CA ALA A 11 -7.67 3.63 16.36
C ALA A 11 -8.56 2.92 15.35
N LEU A 12 -8.71 3.53 14.17
CA LEU A 12 -9.55 2.96 13.12
C LEU A 12 -9.09 1.54 12.77
N ARG A 13 -10.01 0.76 12.20
CA ARG A 13 -9.70 -0.62 11.83
C ARG A 13 -9.37 -0.71 10.34
N GLU A 14 -8.70 0.32 9.81
CA GLU A 14 -8.33 0.35 8.40
C GLU A 14 -6.82 0.42 8.24
N VAL A 15 -6.36 0.40 7.00
CA VAL A 15 -4.94 0.47 6.70
C VAL A 15 -4.62 1.68 5.82
N LEU A 16 -5.31 2.78 6.07
CA LEU A 16 -5.09 4.00 5.30
C LEU A 16 -3.61 4.24 5.06
N GLU A 17 -2.77 3.69 5.94
CA GLU A 17 -1.33 3.84 5.81
C GLU A 17 -0.68 2.55 5.32
N CYS A 18 0.45 2.67 4.66
CA CYS A 18 1.17 1.51 4.14
C CYS A 18 1.74 0.68 5.27
N PRO A 19 1.58 -0.65 5.16
CA PRO A 19 2.08 -1.59 6.17
C PRO A 19 3.61 -1.68 6.19
N ILE A 20 4.25 -0.90 5.32
CA ILE A 20 5.70 -0.89 5.24
C ILE A 20 6.26 0.46 5.67
N CYS A 21 6.13 1.46 4.81
CA CYS A 21 6.62 2.80 5.10
C CYS A 21 5.72 3.49 6.12
N MET A 22 4.45 3.10 6.15
CA MET A 22 3.50 3.69 7.08
C MET A 22 3.22 5.15 6.73
N GLU A 23 3.06 5.42 5.44
CA GLU A 23 2.79 6.77 4.97
C GLU A 23 1.42 6.86 4.29
N SER A 24 0.60 7.79 4.74
CA SER A 24 -0.74 7.97 4.18
C SER A 24 -0.74 7.72 2.68
N PHE A 25 -1.65 6.89 2.22
CA PHE A 25 -1.76 6.56 0.80
C PHE A 25 -2.19 7.80 -0.01
N THR A 26 -1.22 8.43 -0.66
CA THR A 26 -1.48 9.61 -1.47
C THR A 26 -1.65 9.24 -2.93
N GLU A 27 -2.64 9.87 -3.58
CA GLU A 27 -2.91 9.60 -4.99
C GLU A 27 -1.98 10.41 -5.88
N GLU A 28 -0.96 11.01 -5.27
CA GLU A 28 0.00 11.82 -6.01
C GLU A 28 1.34 11.09 -6.15
N GLN A 29 1.79 10.48 -5.06
CA GLN A 29 3.05 9.74 -5.05
C GLN A 29 2.85 8.33 -4.53
N LEU A 30 2.55 8.21 -3.25
CA LEU A 30 2.35 6.90 -2.63
C LEU A 30 0.95 6.37 -2.94
N ARG A 31 0.81 5.77 -4.12
CA ARG A 31 -0.47 5.21 -4.55
C ARG A 31 -0.69 3.83 -3.93
N PRO A 32 -1.86 3.65 -3.30
CA PRO A 32 -2.23 2.39 -2.66
C PRO A 32 -2.49 1.28 -3.67
N LYS A 33 -1.74 0.20 -3.56
CA LYS A 33 -1.89 -0.94 -4.47
C LYS A 33 -2.28 -2.20 -3.69
N LEU A 34 -3.23 -2.96 -4.25
CA LEU A 34 -3.69 -4.18 -3.61
C LEU A 34 -3.14 -5.41 -4.34
N LEU A 35 -2.52 -6.31 -3.57
CA LEU A 35 -1.96 -7.52 -4.15
C LEU A 35 -3.01 -8.63 -4.24
N HIS A 36 -2.72 -9.64 -5.05
CA HIS A 36 -3.64 -10.76 -5.23
C HIS A 36 -3.86 -11.50 -3.92
N CYS A 37 -3.08 -11.14 -2.90
CA CYS A 37 -3.18 -11.77 -1.59
C CYS A 37 -4.19 -11.03 -0.70
N GLY A 38 -4.13 -9.71 -0.71
CA GLY A 38 -5.04 -8.92 0.08
C GLY A 38 -4.36 -7.73 0.74
N HIS A 39 -3.08 -7.89 1.08
CA HIS A 39 -2.31 -6.83 1.72
C HIS A 39 -2.24 -5.61 0.81
N THR A 40 -2.34 -4.43 1.41
CA THR A 40 -2.28 -3.17 0.66
C THR A 40 -0.96 -2.45 0.90
N ILE A 41 -0.20 -2.24 -0.17
CA ILE A 41 1.08 -1.56 -0.07
C ILE A 41 1.18 -0.42 -1.08
N CYS A 42 1.92 0.61 -0.73
CA CYS A 42 2.10 1.77 -1.60
C CYS A 42 3.00 1.42 -2.79
N ARG A 43 2.67 1.98 -3.95
CA ARG A 43 3.45 1.72 -5.16
C ARG A 43 4.95 1.87 -4.90
N GLN A 44 5.29 2.85 -4.05
CA GLN A 44 6.68 3.11 -3.72
C GLN A 44 7.36 1.83 -3.21
N CYS A 45 6.70 1.14 -2.30
CA CYS A 45 7.24 -0.09 -1.73
C CYS A 45 7.10 -1.25 -2.72
N LEU A 46 6.02 -1.24 -3.49
CA LEU A 46 5.78 -2.28 -4.47
C LEU A 46 6.81 -2.23 -5.60
N GLU A 47 7.28 -1.02 -5.90
CA GLU A 47 8.27 -0.84 -6.95
C GLU A 47 9.60 -1.51 -6.58
N LYS A 48 10.05 -1.27 -5.35
CA LYS A 48 11.29 -1.86 -4.87
C LYS A 48 11.29 -3.37 -5.04
N LEU A 49 10.13 -3.98 -4.82
CA LEU A 49 9.99 -5.43 -4.94
C LEU A 49 9.86 -5.84 -6.41
N LEU A 50 8.96 -5.18 -7.13
CA LEU A 50 8.74 -5.48 -8.54
C LEU A 50 10.02 -5.28 -9.34
N ALA A 51 10.86 -4.34 -8.89
CA ALA A 51 12.12 -4.06 -9.57
C ALA A 51 13.05 -5.26 -9.51
N SER A 52 13.37 -5.71 -8.30
CA SER A 52 14.26 -6.85 -8.11
C SER A 52 13.63 -8.13 -8.67
N SER A 53 12.33 -8.30 -8.42
CA SER A 53 11.61 -9.47 -8.90
C SER A 53 11.81 -9.66 -10.40
N ILE A 54 11.12 -10.64 -10.96
CA ILE A 54 11.22 -10.92 -12.39
C ILE A 54 9.91 -10.62 -13.11
N ASN A 55 8.82 -11.20 -12.61
CA ASN A 55 7.50 -10.99 -13.19
C ASN A 55 6.47 -10.68 -12.12
N GLY A 56 6.58 -11.35 -10.98
CA GLY A 56 5.65 -11.13 -9.89
C GLY A 56 6.27 -10.35 -8.75
N VAL A 57 5.45 -9.97 -7.78
CA VAL A 57 5.92 -9.21 -6.63
C VAL A 57 5.70 -9.99 -5.34
N ARG A 58 6.78 -10.59 -4.83
CA ARG A 58 6.71 -11.37 -3.60
C ARG A 58 6.34 -10.48 -2.42
N CYS A 59 5.17 -10.73 -1.84
CA CYS A 59 4.70 -9.96 -0.70
C CYS A 59 5.54 -10.24 0.54
N PRO A 60 6.10 -9.18 1.13
CA PRO A 60 6.94 -9.27 2.32
C PRO A 60 6.15 -9.65 3.56
N PHE A 61 4.85 -9.92 3.37
CA PHE A 61 3.98 -10.29 4.47
C PHE A 61 3.55 -11.75 4.35
N CYS A 62 3.02 -12.11 3.20
CA CYS A 62 2.57 -13.47 2.95
C CYS A 62 3.43 -14.15 1.90
N SER A 63 4.26 -13.37 1.22
CA SER A 63 5.14 -13.89 0.18
C SER A 63 4.35 -14.68 -0.86
N LYS A 64 3.31 -14.07 -1.39
CA LYS A 64 2.47 -14.69 -2.39
C LYS A 64 2.57 -13.97 -3.72
N ILE A 65 3.54 -14.38 -4.54
CA ILE A 65 3.74 -13.76 -5.85
C ILE A 65 2.43 -13.27 -6.44
N THR A 66 2.41 -12.01 -6.88
CA THR A 66 1.21 -11.42 -7.47
C THR A 66 1.12 -11.74 -8.95
N ARG A 67 2.27 -11.94 -9.59
CA ARG A 67 2.32 -12.24 -11.01
C ARG A 67 1.80 -11.06 -11.83
N ILE A 68 2.38 -9.89 -11.60
CA ILE A 68 1.98 -8.69 -12.33
C ILE A 68 3.20 -7.91 -12.81
N THR A 69 3.47 -7.98 -14.11
CA THR A 69 4.60 -7.28 -14.70
C THR A 69 4.47 -5.78 -14.51
N SER A 70 3.23 -5.30 -14.48
CA SER A 70 2.97 -3.87 -14.32
C SER A 70 2.45 -3.57 -12.92
N LEU A 71 2.40 -2.29 -12.58
CA LEU A 71 1.92 -1.86 -11.27
C LEU A 71 0.41 -1.73 -11.25
N THR A 72 -0.18 -1.56 -12.43
CA THR A 72 -1.63 -1.42 -12.56
C THR A 72 -2.29 -2.78 -12.71
N GLN A 73 -1.54 -3.76 -13.22
CA GLN A 73 -2.07 -5.10 -13.41
C GLN A 73 -2.75 -5.61 -12.15
N LEU A 74 -2.03 -5.56 -11.04
CA LEU A 74 -2.57 -6.01 -9.76
C LEU A 74 -3.90 -5.33 -9.45
N THR A 75 -4.43 -5.58 -8.26
CA THR A 75 -5.70 -5.00 -7.84
C THR A 75 -5.49 -3.63 -7.18
N ASP A 76 -6.14 -2.62 -7.72
CA ASP A 76 -6.03 -1.26 -7.19
C ASP A 76 -6.68 -1.16 -5.81
N ASN A 77 -6.21 -0.23 -5.00
CA ASN A 77 -6.75 -0.03 -3.66
C ASN A 77 -7.20 1.41 -3.46
N LEU A 78 -8.23 1.80 -4.18
CA LEU A 78 -8.76 3.17 -4.09
C LEU A 78 -9.68 3.31 -2.88
N THR A 79 -9.64 2.32 -1.99
CA THR A 79 -10.46 2.34 -0.79
C THR A 79 -9.84 3.23 0.29
N VAL A 80 -8.51 3.24 0.36
CA VAL A 80 -7.81 4.05 1.33
C VAL A 80 -7.90 5.53 0.99
N LEU A 81 -8.13 5.83 -0.28
CA LEU A 81 -8.25 7.20 -0.73
C LEU A 81 -9.65 7.76 -0.45
N LYS A 82 -10.65 6.90 -0.57
CA LYS A 82 -12.03 7.29 -0.32
C LYS A 82 -12.96 6.08 -0.34
N SER A 83 -14.01 6.13 0.47
CA SER A 83 -14.97 5.03 0.55
C SER A 83 -15.19 4.40 -0.82
N GLY A 84 -14.61 3.22 -1.02
CA GLY A 84 -14.75 2.53 -2.28
C GLY A 84 -16.09 1.82 -2.42
N PRO A 85 -16.61 1.78 -3.65
CA PRO A 85 -17.90 1.14 -3.94
C PRO A 85 -17.83 -0.37 -3.80
N SER A 86 -18.76 -0.95 -3.04
CA SER A 86 -18.80 -2.38 -2.83
C SER A 86 -18.49 -3.13 -4.11
N SER A 87 -19.12 -2.71 -5.21
CA SER A 87 -18.90 -3.34 -6.50
C SER A 87 -17.69 -2.75 -7.21
N GLY A 88 -17.29 -3.36 -8.31
CA GLY A 88 -16.15 -2.89 -9.07
C GLY A 88 -14.95 -2.61 -8.17
ZN ZN B . 5.04 1.74 1.53
ZN ZN C . 0.42 -10.27 1.19
N GLY A 1 11.60 13.66 6.05
CA GLY A 1 11.57 15.11 6.01
C GLY A 1 10.90 15.71 7.23
N SER A 2 10.28 16.87 7.06
CA SER A 2 9.60 17.55 8.16
C SER A 2 8.30 18.19 7.68
N SER A 3 7.18 17.69 8.20
CA SER A 3 5.87 18.21 7.83
C SER A 3 5.02 18.49 9.07
N GLY A 4 4.15 19.49 8.97
CA GLY A 4 3.30 19.85 10.08
C GLY A 4 2.06 18.97 10.18
N SER A 5 1.43 18.95 11.34
CA SER A 5 0.24 18.14 11.56
C SER A 5 -0.52 18.61 12.80
N SER A 6 -1.85 18.61 12.70
CA SER A 6 -2.69 19.04 13.81
C SER A 6 -3.14 17.85 14.64
N GLY A 7 -2.34 17.49 15.65
CA GLY A 7 -2.67 16.37 16.50
C GLY A 7 -1.95 15.10 16.09
N ASN A 8 -1.26 14.48 17.06
CA ASN A 8 -0.51 13.25 16.79
C ASN A 8 -1.11 12.08 17.58
N LEU A 9 -1.72 11.15 16.86
CA LEU A 9 -2.33 9.98 17.48
C LEU A 9 -2.68 8.92 16.44
N ASP A 10 -2.92 7.70 16.90
CA ASP A 10 -3.27 6.60 16.01
C ASP A 10 -4.43 5.79 16.58
N ALA A 11 -5.60 5.93 15.96
CA ALA A 11 -6.78 5.20 16.41
C ALA A 11 -7.40 4.40 15.26
N LEU A 12 -7.51 5.03 14.10
CA LEU A 12 -8.08 4.39 12.92
C LEU A 12 -7.69 2.91 12.87
N ARG A 13 -8.59 2.07 12.36
CA ARG A 13 -8.33 0.65 12.26
C ARG A 13 -7.89 0.27 10.84
N GLU A 14 -8.57 0.85 9.85
CA GLU A 14 -8.25 0.58 8.45
C GLU A 14 -6.75 0.68 8.21
N VAL A 15 -6.33 0.31 7.00
CA VAL A 15 -4.92 0.36 6.64
C VAL A 15 -4.61 1.58 5.79
N LEU A 16 -5.28 2.69 6.09
CA LEU A 16 -5.07 3.93 5.35
C LEU A 16 -3.58 4.20 5.14
N GLU A 17 -2.76 3.61 6.00
CA GLU A 17 -1.31 3.79 5.91
C GLU A 17 -0.63 2.48 5.50
N CYS A 18 0.39 2.60 4.64
CA CYS A 18 1.12 1.42 4.18
C CYS A 18 1.66 0.62 5.35
N PRO A 19 1.51 -0.72 5.28
CA PRO A 19 1.97 -1.63 6.33
C PRO A 19 3.50 -1.70 6.40
N ILE A 20 4.16 -0.95 5.52
CA ILE A 20 5.62 -0.94 5.48
C ILE A 20 6.16 0.42 5.90
N CYS A 21 6.03 1.41 5.01
CA CYS A 21 6.51 2.76 5.29
C CYS A 21 5.57 3.48 6.25
N MET A 22 4.30 3.08 6.25
CA MET A 22 3.31 3.69 7.12
C MET A 22 3.06 5.14 6.73
N GLU A 23 2.78 5.37 5.45
CA GLU A 23 2.53 6.72 4.96
C GLU A 23 1.14 6.80 4.33
N SER A 24 0.42 7.87 4.65
CA SER A 24 -0.92 8.08 4.13
C SER A 24 -0.97 7.79 2.63
N PHE A 25 -1.94 6.99 2.21
CA PHE A 25 -2.10 6.64 0.81
C PHE A 25 -2.69 7.79 0.02
N THR A 26 -1.84 8.51 -0.70
CA THR A 26 -2.27 9.66 -1.50
C THR A 26 -1.91 9.47 -2.96
N GLU A 27 -2.83 9.81 -3.85
CA GLU A 27 -2.61 9.68 -5.28
C GLU A 27 -1.71 10.80 -5.79
N GLU A 28 -0.60 11.03 -5.09
CA GLU A 28 0.34 12.07 -5.48
C GLU A 28 1.78 11.54 -5.47
N GLN A 29 2.11 10.79 -4.43
CA GLN A 29 3.45 10.22 -4.30
C GLN A 29 3.39 8.75 -3.94
N LEU A 30 2.40 8.38 -3.13
CA LEU A 30 2.22 7.00 -2.71
C LEU A 30 0.85 6.47 -3.11
N ARG A 31 0.82 5.60 -4.12
CA ARG A 31 -0.43 5.02 -4.59
C ARG A 31 -0.68 3.66 -3.95
N PRO A 32 -1.84 3.51 -3.30
CA PRO A 32 -2.22 2.26 -2.64
C PRO A 32 -2.53 1.15 -3.63
N LYS A 33 -1.70 0.12 -3.63
CA LYS A 33 -1.88 -1.01 -4.54
C LYS A 33 -2.21 -2.29 -3.76
N LEU A 34 -3.22 -3.02 -4.23
CA LEU A 34 -3.64 -4.26 -3.58
C LEU A 34 -3.03 -5.47 -4.28
N LEU A 35 -2.41 -6.34 -3.51
CA LEU A 35 -1.79 -7.54 -4.05
C LEU A 35 -2.81 -8.67 -4.18
N HIS A 36 -2.46 -9.68 -4.97
CA HIS A 36 -3.35 -10.82 -5.18
C HIS A 36 -3.66 -11.52 -3.86
N CYS A 37 -2.93 -11.14 -2.81
CA CYS A 37 -3.13 -11.72 -1.49
C CYS A 37 -4.18 -10.95 -0.70
N GLY A 38 -4.08 -9.63 -0.70
CA GLY A 38 -5.03 -8.81 0.02
C GLY A 38 -4.37 -7.62 0.70
N HIS A 39 -3.11 -7.79 1.09
CA HIS A 39 -2.37 -6.73 1.76
C HIS A 39 -2.24 -5.50 0.85
N THR A 40 -2.32 -4.32 1.45
CA THR A 40 -2.20 -3.07 0.70
C THR A 40 -0.85 -2.41 0.93
N ILE A 41 -0.13 -2.17 -0.16
CA ILE A 41 1.19 -1.53 -0.07
C ILE A 41 1.30 -0.38 -1.06
N CYS A 42 2.04 0.65 -0.67
CA CYS A 42 2.24 1.83 -1.50
C CYS A 42 3.14 1.50 -2.69
N ARG A 43 2.75 1.96 -3.87
CA ARG A 43 3.52 1.72 -5.08
C ARG A 43 5.02 1.88 -4.82
N GLN A 44 5.35 2.78 -3.89
CA GLN A 44 6.74 3.02 -3.55
C GLN A 44 7.42 1.74 -3.06
N CYS A 45 6.78 1.07 -2.11
CA CYS A 45 7.32 -0.16 -1.56
C CYS A 45 7.21 -1.31 -2.56
N LEU A 46 6.08 -1.38 -3.26
CA LEU A 46 5.85 -2.41 -4.25
C LEU A 46 6.85 -2.30 -5.40
N GLU A 47 7.17 -1.07 -5.77
CA GLU A 47 8.11 -0.82 -6.85
C GLU A 47 9.47 -1.43 -6.54
N LYS A 48 9.98 -1.15 -5.35
CA LYS A 48 11.28 -1.68 -4.93
C LYS A 48 11.33 -3.20 -5.09
N LEU A 49 10.21 -3.85 -4.83
CA LEU A 49 10.13 -5.30 -4.96
C LEU A 49 10.02 -5.72 -6.43
N LEU A 50 9.03 -5.16 -7.12
CA LEU A 50 8.81 -5.47 -8.52
C LEU A 50 10.10 -5.28 -9.33
N ALA A 51 10.81 -4.20 -9.06
CA ALA A 51 12.06 -3.90 -9.75
C ALA A 51 12.88 -5.17 -9.95
N SER A 52 13.40 -5.72 -8.86
CA SER A 52 14.21 -6.93 -8.92
C SER A 52 13.38 -8.11 -9.43
N SER A 53 12.24 -8.35 -8.80
CA SER A 53 11.37 -9.45 -9.19
C SER A 53 11.18 -9.47 -10.71
N ILE A 54 10.91 -10.66 -11.24
CA ILE A 54 10.70 -10.83 -12.68
C ILE A 54 9.43 -11.62 -12.96
N ASN A 55 9.12 -12.57 -12.08
CA ASN A 55 7.93 -13.39 -12.24
C ASN A 55 6.88 -13.06 -11.18
N GLY A 56 6.73 -11.76 -10.91
CA GLY A 56 5.76 -11.33 -9.91
C GLY A 56 6.41 -10.72 -8.69
N VAL A 57 5.65 -9.91 -7.96
CA VAL A 57 6.17 -9.26 -6.76
C VAL A 57 5.93 -10.13 -5.52
N ARG A 58 6.95 -10.24 -4.68
CA ARG A 58 6.85 -11.03 -3.47
C ARG A 58 6.44 -10.17 -2.28
N CYS A 59 5.28 -10.48 -1.69
CA CYS A 59 4.77 -9.73 -0.55
C CYS A 59 5.60 -10.03 0.70
N PRO A 60 6.08 -8.96 1.35
CA PRO A 60 6.88 -9.08 2.58
C PRO A 60 6.06 -9.55 3.76
N PHE A 61 4.80 -9.85 3.53
CA PHE A 61 3.90 -10.32 4.58
C PHE A 61 3.55 -11.79 4.38
N CYS A 62 2.80 -12.07 3.32
CA CYS A 62 2.40 -13.44 3.01
C CYS A 62 3.32 -14.07 1.97
N SER A 63 4.02 -13.22 1.22
CA SER A 63 4.94 -13.69 0.19
C SER A 63 4.18 -14.39 -0.94
N LYS A 64 3.09 -13.78 -1.37
CA LYS A 64 2.29 -14.34 -2.46
C LYS A 64 2.62 -13.67 -3.78
N ILE A 65 3.62 -14.21 -4.48
CA ILE A 65 4.02 -13.67 -5.77
C ILE A 65 2.83 -13.10 -6.52
N THR A 66 2.95 -11.84 -6.93
CA THR A 66 1.88 -11.18 -7.68
C THR A 66 2.24 -11.06 -9.16
N ARG A 67 1.99 -12.12 -9.90
CA ARG A 67 2.27 -12.14 -11.33
C ARG A 67 1.65 -10.93 -12.02
N ILE A 68 2.41 -9.84 -12.10
CA ILE A 68 1.94 -8.63 -12.73
C ILE A 68 3.09 -7.82 -13.31
N THR A 69 3.22 -7.82 -14.64
CA THR A 69 4.27 -7.09 -15.32
C THR A 69 4.17 -5.59 -15.05
N SER A 70 2.93 -5.10 -15.00
CA SER A 70 2.68 -3.68 -14.76
C SER A 70 2.16 -3.45 -13.35
N LEU A 71 2.25 -2.21 -12.88
CA LEU A 71 1.78 -1.85 -11.55
C LEU A 71 0.26 -1.77 -11.51
N THR A 72 -0.33 -1.47 -12.67
CA THR A 72 -1.78 -1.36 -12.77
C THR A 72 -2.43 -2.73 -13.00
N GLN A 73 -1.60 -3.74 -13.22
CA GLN A 73 -2.08 -5.09 -13.45
C GLN A 73 -2.72 -5.66 -12.20
N LEU A 74 -1.97 -5.64 -11.09
CA LEU A 74 -2.47 -6.15 -9.82
C LEU A 74 -3.80 -5.51 -9.45
N THR A 75 -4.29 -5.82 -8.25
CA THR A 75 -5.55 -5.27 -7.78
C THR A 75 -5.35 -3.88 -7.19
N ASP A 76 -6.17 -2.93 -7.63
CA ASP A 76 -6.09 -1.56 -7.14
C ASP A 76 -6.77 -1.41 -5.79
N ASN A 77 -6.28 -0.49 -4.97
CA ASN A 77 -6.84 -0.27 -3.65
C ASN A 77 -7.24 1.20 -3.47
N LEU A 78 -8.25 1.62 -4.24
CA LEU A 78 -8.74 3.00 -4.17
C LEU A 78 -9.70 3.17 -3.00
N THR A 79 -9.64 2.26 -2.04
CA THR A 79 -10.51 2.31 -0.87
C THR A 79 -9.93 3.21 0.20
N VAL A 80 -8.60 3.21 0.32
CA VAL A 80 -7.92 4.04 1.31
C VAL A 80 -8.03 5.52 0.97
N LEU A 81 -8.03 5.83 -0.32
CA LEU A 81 -8.13 7.20 -0.78
C LEU A 81 -9.54 7.75 -0.53
N LYS A 82 -10.54 6.90 -0.75
CA LYS A 82 -11.94 7.29 -0.54
C LYS A 82 -12.06 8.30 0.60
N SER A 83 -12.60 9.47 0.30
CA SER A 83 -12.77 10.52 1.30
C SER A 83 -13.78 11.55 0.83
N GLY A 84 -14.71 11.89 1.71
CA GLY A 84 -15.74 12.87 1.38
C GLY A 84 -16.96 12.78 2.28
N PRO A 85 -18.03 13.48 1.90
CA PRO A 85 -19.28 13.49 2.68
C PRO A 85 -20.00 12.15 2.62
N SER A 86 -20.79 11.86 3.66
CA SER A 86 -21.54 10.61 3.72
C SER A 86 -22.06 10.21 2.34
N SER A 87 -22.82 11.11 1.71
CA SER A 87 -23.37 10.85 0.40
C SER A 87 -22.90 11.89 -0.61
N GLY A 88 -22.63 11.44 -1.83
CA GLY A 88 -22.18 12.35 -2.87
C GLY A 88 -21.07 11.75 -3.72
ZN ZN B . 5.06 1.58 1.70
ZN ZN C . 0.48 -10.20 1.28
N GLY A 1 19.89 22.24 17.50
CA GLY A 1 19.08 21.28 18.22
C GLY A 1 17.68 21.17 17.64
N SER A 2 17.16 19.95 17.61
CA SER A 2 15.82 19.71 17.08
C SER A 2 14.84 19.33 18.19
N SER A 3 13.63 19.86 18.11
CA SER A 3 12.61 19.59 19.11
C SER A 3 12.37 18.10 19.25
N GLY A 4 12.06 17.44 18.13
CA GLY A 4 11.81 16.01 18.16
C GLY A 4 10.50 15.66 18.83
N SER A 5 10.55 14.64 19.68
CA SER A 5 9.35 14.19 20.40
C SER A 5 8.20 13.92 19.42
N SER A 6 8.53 13.28 18.31
CA SER A 6 7.53 12.95 17.29
C SER A 6 7.21 11.46 17.30
N GLY A 7 6.10 11.10 17.95
CA GLY A 7 5.70 9.71 18.01
C GLY A 7 4.32 9.47 17.44
N ASN A 8 4.16 8.36 16.72
CA ASN A 8 2.87 8.03 16.11
C ASN A 8 2.10 7.05 16.99
N LEU A 9 0.83 6.82 16.63
CA LEU A 9 -0.01 5.90 17.38
C LEU A 9 -0.98 5.18 16.46
N ASP A 10 -1.61 4.12 16.98
CA ASP A 10 -2.57 3.35 16.20
C ASP A 10 -3.92 3.30 16.90
N ALA A 11 -4.89 4.00 16.33
CA ALA A 11 -6.24 4.04 16.90
C ALA A 11 -7.26 3.44 15.94
N LEU A 12 -7.29 3.95 14.72
CA LEU A 12 -8.21 3.45 13.71
C LEU A 12 -7.94 1.98 13.38
N ARG A 13 -8.89 1.34 12.71
CA ARG A 13 -8.75 -0.06 12.34
C ARG A 13 -8.31 -0.19 10.88
N GLU A 14 -8.64 0.82 10.08
CA GLU A 14 -8.28 0.82 8.67
C GLU A 14 -6.77 0.93 8.48
N VAL A 15 -6.30 0.56 7.31
CA VAL A 15 -4.87 0.61 7.00
C VAL A 15 -4.55 1.76 6.05
N LEU A 16 -5.28 2.86 6.19
CA LEU A 16 -5.08 4.03 5.35
C LEU A 16 -3.60 4.28 5.12
N GLU A 17 -2.76 3.81 6.05
CA GLU A 17 -1.32 4.00 5.95
C GLU A 17 -0.64 2.69 5.56
N CYS A 18 0.30 2.78 4.63
CA CYS A 18 1.04 1.61 4.17
C CYS A 18 1.61 0.82 5.35
N PRO A 19 1.49 -0.51 5.29
CA PRO A 19 1.99 -1.40 6.35
C PRO A 19 3.52 -1.44 6.38
N ILE A 20 4.15 -0.69 5.49
CA ILE A 20 5.61 -0.64 5.42
C ILE A 20 6.13 0.74 5.79
N CYS A 21 5.97 1.69 4.88
CA CYS A 21 6.42 3.05 5.10
C CYS A 21 5.49 3.78 6.07
N MET A 22 4.24 3.35 6.12
CA MET A 22 3.26 3.96 7.00
C MET A 22 3.02 5.42 6.62
N GLU A 23 2.85 5.66 5.33
CA GLU A 23 2.61 7.01 4.84
C GLU A 23 1.22 7.13 4.22
N SER A 24 0.45 8.10 4.69
CA SER A 24 -0.91 8.32 4.19
C SER A 24 -0.98 8.06 2.69
N PHE A 25 -1.53 6.91 2.32
CA PHE A 25 -1.66 6.54 0.92
C PHE A 25 -2.05 7.75 0.07
N THR A 26 -1.06 8.35 -0.58
CA THR A 26 -1.30 9.51 -1.44
C THR A 26 -1.45 9.10 -2.90
N GLU A 27 -2.49 9.61 -3.54
CA GLU A 27 -2.74 9.31 -4.95
C GLU A 27 -1.74 10.02 -5.85
N GLU A 28 -1.09 11.04 -5.30
CA GLU A 28 -0.11 11.81 -6.06
C GLU A 28 1.15 10.98 -6.32
N GLN A 29 1.71 10.44 -5.25
CA GLN A 29 2.92 9.61 -5.36
C GLN A 29 2.70 8.23 -4.78
N LEU A 30 2.56 8.15 -3.46
CA LEU A 30 2.35 6.88 -2.78
C LEU A 30 0.96 6.33 -3.09
N ARG A 31 0.78 5.88 -4.33
CA ARG A 31 -0.50 5.33 -4.76
C ARG A 31 -0.73 3.94 -4.15
N PRO A 32 -1.83 3.79 -3.41
CA PRO A 32 -2.18 2.53 -2.78
C PRO A 32 -2.60 1.46 -3.78
N LYS A 33 -1.91 0.32 -3.75
CA LYS A 33 -2.21 -0.79 -4.65
C LYS A 33 -2.50 -2.06 -3.88
N LEU A 34 -3.44 -2.86 -4.39
CA LEU A 34 -3.82 -4.11 -3.75
C LEU A 34 -3.21 -5.30 -4.48
N LEU A 35 -2.61 -6.22 -3.72
CA LEU A 35 -1.98 -7.40 -4.30
C LEU A 35 -3.00 -8.53 -4.43
N HIS A 36 -2.66 -9.53 -5.24
CA HIS A 36 -3.54 -10.67 -5.45
C HIS A 36 -3.76 -11.43 -4.15
N CYS A 37 -3.03 -11.05 -3.11
CA CYS A 37 -3.13 -11.70 -1.82
C CYS A 37 -4.21 -11.02 -0.96
N GLY A 38 -4.15 -9.70 -0.89
CA GLY A 38 -5.13 -8.95 -0.11
C GLY A 38 -4.51 -7.76 0.60
N HIS A 39 -3.21 -7.85 0.87
CA HIS A 39 -2.50 -6.77 1.56
C HIS A 39 -2.38 -5.54 0.66
N THR A 40 -2.41 -4.36 1.27
CA THR A 40 -2.32 -3.12 0.52
C THR A 40 -0.98 -2.43 0.78
N ILE A 41 -0.26 -2.12 -0.28
CA ILE A 41 1.03 -1.46 -0.16
C ILE A 41 1.16 -0.30 -1.16
N CYS A 42 1.94 0.71 -0.80
CA CYS A 42 2.14 1.86 -1.66
C CYS A 42 3.07 1.52 -2.83
N ARG A 43 2.81 2.13 -3.98
CA ARG A 43 3.62 1.88 -5.17
C ARG A 43 5.10 1.96 -4.84
N GLN A 44 5.46 2.88 -3.95
CA GLN A 44 6.85 3.05 -3.55
C GLN A 44 7.45 1.74 -3.07
N CYS A 45 6.85 1.14 -2.06
CA CYS A 45 7.32 -0.13 -1.52
C CYS A 45 7.18 -1.25 -2.54
N LEU A 46 6.06 -1.27 -3.24
CA LEU A 46 5.80 -2.28 -4.25
C LEU A 46 6.82 -2.20 -5.38
N GLU A 47 7.34 -1.00 -5.61
CA GLU A 47 8.33 -0.79 -6.67
C GLU A 47 9.66 -1.45 -6.29
N LYS A 48 10.11 -1.21 -5.07
CA LYS A 48 11.36 -1.79 -4.59
C LYS A 48 11.38 -3.30 -4.78
N LEU A 49 10.22 -3.92 -4.64
CA LEU A 49 10.10 -5.37 -4.80
C LEU A 49 10.02 -5.75 -6.28
N LEU A 50 9.07 -5.15 -6.98
CA LEU A 50 8.88 -5.42 -8.40
C LEU A 50 10.20 -5.24 -9.17
N ALA A 51 10.92 -4.18 -8.85
CA ALA A 51 12.20 -3.90 -9.50
C ALA A 51 12.97 -5.18 -9.75
N SER A 52 13.39 -5.83 -8.67
CA SER A 52 14.16 -7.07 -8.77
C SER A 52 13.27 -8.21 -9.28
N SER A 53 12.10 -8.34 -8.68
CA SER A 53 11.16 -9.40 -9.06
C SER A 53 10.95 -9.40 -10.58
N ILE A 54 10.84 -10.60 -11.15
CA ILE A 54 10.64 -10.74 -12.59
C ILE A 54 9.47 -11.68 -12.88
N ASN A 55 9.25 -12.64 -11.99
CA ASN A 55 8.15 -13.59 -12.15
C ASN A 55 6.99 -13.24 -11.24
N GLY A 56 6.92 -11.99 -10.82
CA GLY A 56 5.85 -11.55 -9.94
C GLY A 56 6.36 -10.88 -8.68
N VAL A 57 5.57 -9.96 -8.15
CA VAL A 57 5.96 -9.24 -6.93
C VAL A 57 5.68 -10.09 -5.69
N ARG A 58 6.73 -10.36 -4.93
CA ARG A 58 6.61 -11.16 -3.72
C ARG A 58 6.22 -10.28 -2.53
N CYS A 59 5.04 -10.54 -1.97
CA CYS A 59 4.56 -9.77 -0.83
C CYS A 59 5.45 -9.98 0.39
N PRO A 60 5.89 -8.87 1.00
CA PRO A 60 6.75 -8.91 2.18
C PRO A 60 6.02 -9.42 3.42
N PHE A 61 4.77 -9.81 3.24
CA PHE A 61 3.96 -10.31 4.34
C PHE A 61 3.59 -11.78 4.11
N CYS A 62 2.84 -12.04 3.05
CA CYS A 62 2.42 -13.40 2.73
C CYS A 62 3.29 -13.98 1.62
N SER A 63 4.07 -13.13 0.97
CA SER A 63 4.95 -13.56 -0.11
C SER A 63 4.17 -14.36 -1.15
N LYS A 64 3.02 -13.84 -1.55
CA LYS A 64 2.18 -14.50 -2.54
C LYS A 64 2.37 -13.88 -3.92
N ILE A 65 3.35 -14.38 -4.67
CA ILE A 65 3.64 -13.87 -6.00
C ILE A 65 2.36 -13.39 -6.69
N THR A 66 2.36 -12.13 -7.12
CA THR A 66 1.20 -11.56 -7.80
C THR A 66 1.20 -11.90 -9.27
N ARG A 67 2.39 -12.10 -9.84
CA ARG A 67 2.52 -12.43 -11.25
C ARG A 67 2.00 -11.30 -12.13
N ILE A 68 2.53 -10.09 -11.90
CA ILE A 68 2.12 -8.93 -12.68
C ILE A 68 3.32 -8.27 -13.35
N THR A 69 3.06 -7.54 -14.43
CA THR A 69 4.12 -6.85 -15.17
C THR A 69 3.85 -5.35 -15.23
N SER A 70 3.22 -4.82 -14.20
CA SER A 70 2.91 -3.39 -14.15
C SER A 70 2.28 -3.03 -12.81
N LEU A 71 2.83 -2.01 -12.15
CA LEU A 71 2.32 -1.55 -10.87
C LEU A 71 0.80 -1.49 -10.86
N THR A 72 0.22 -1.39 -12.06
CA THR A 72 -1.23 -1.32 -12.20
C THR A 72 -1.83 -2.70 -12.38
N GLN A 73 -1.13 -3.55 -13.12
CA GLN A 73 -1.59 -4.91 -13.37
C GLN A 73 -2.30 -5.47 -12.14
N LEU A 74 -1.59 -5.55 -11.03
CA LEU A 74 -2.16 -6.07 -9.79
C LEU A 74 -3.48 -5.38 -9.46
N THR A 75 -4.03 -5.71 -8.30
CA THR A 75 -5.30 -5.12 -7.87
C THR A 75 -5.09 -3.73 -7.29
N ASP A 76 -6.13 -2.90 -7.35
CA ASP A 76 -6.06 -1.55 -6.83
C ASP A 76 -6.66 -1.47 -5.43
N ASN A 77 -6.22 -0.49 -4.65
CA ASN A 77 -6.72 -0.31 -3.29
C ASN A 77 -7.19 1.13 -3.08
N LEU A 78 -8.17 1.55 -3.86
CA LEU A 78 -8.73 2.89 -3.75
C LEU A 78 -9.57 3.04 -2.49
N THR A 79 -9.62 1.97 -1.70
CA THR A 79 -10.39 1.98 -0.47
C THR A 79 -9.78 2.93 0.55
N VAL A 80 -8.45 3.00 0.58
CA VAL A 80 -7.74 3.86 1.51
C VAL A 80 -7.97 5.34 1.17
N LEU A 81 -8.10 5.63 -0.13
CA LEU A 81 -8.33 6.99 -0.58
C LEU A 81 -9.76 7.43 -0.31
N LYS A 82 -10.70 6.49 -0.46
CA LYS A 82 -12.12 6.78 -0.23
C LYS A 82 -12.45 6.66 1.26
N SER A 83 -13.03 7.73 1.80
CA SER A 83 -13.40 7.75 3.21
C SER A 83 -14.79 8.37 3.40
N GLY A 84 -15.68 7.61 4.03
CA GLY A 84 -17.03 8.10 4.26
C GLY A 84 -17.59 7.67 5.61
N PRO A 85 -18.35 8.56 6.25
CA PRO A 85 -18.95 8.30 7.56
C PRO A 85 -20.07 7.26 7.48
N SER A 86 -20.34 6.79 6.27
CA SER A 86 -21.38 5.79 6.05
C SER A 86 -20.99 4.81 4.95
N SER A 87 -21.49 3.59 5.04
CA SER A 87 -21.20 2.56 4.05
C SER A 87 -22.16 2.64 2.88
N GLY A 88 -21.85 3.49 1.91
CA GLY A 88 -22.70 3.65 0.74
C GLY A 88 -24.18 3.71 1.11
ZN ZN B . 4.94 1.71 1.60
ZN ZN C . 0.26 -10.22 1.03
N GLY A 1 11.71 23.50 -9.28
CA GLY A 1 11.44 22.84 -8.02
C GLY A 1 10.47 23.62 -7.16
N SER A 2 9.96 22.96 -6.12
CA SER A 2 9.01 23.60 -5.21
C SER A 2 9.02 22.92 -3.85
N SER A 3 8.24 23.46 -2.92
CA SER A 3 8.17 22.91 -1.57
C SER A 3 6.82 23.23 -0.93
N GLY A 4 6.56 22.61 0.22
CA GLY A 4 5.30 22.84 0.92
C GLY A 4 4.43 21.60 0.97
N SER A 5 4.28 21.03 2.16
CA SER A 5 3.47 19.83 2.34
C SER A 5 3.19 19.59 3.82
N SER A 6 2.14 18.83 4.10
CA SER A 6 1.76 18.51 5.47
C SER A 6 1.71 17.00 5.69
N GLY A 7 1.65 16.60 6.96
CA GLY A 7 1.59 15.18 7.27
C GLY A 7 0.18 14.69 7.47
N ASN A 8 0.03 13.39 7.74
CA ASN A 8 -1.28 12.80 7.94
C ASN A 8 -1.17 11.49 8.73
N LEU A 9 -1.77 11.47 9.91
CA LEU A 9 -1.74 10.28 10.76
C LEU A 9 -3.15 9.86 11.15
N ASP A 10 -3.29 8.60 11.56
CA ASP A 10 -4.59 8.07 11.97
C ASP A 10 -4.42 6.79 12.78
N ALA A 11 -4.95 6.79 14.00
CA ALA A 11 -4.86 5.63 14.87
C ALA A 11 -6.03 4.67 14.64
N LEU A 12 -6.73 4.86 13.52
CA LEU A 12 -7.87 4.01 13.17
C LEU A 12 -7.44 2.55 13.02
N ARG A 13 -8.40 1.68 12.77
CA ARG A 13 -8.13 0.26 12.59
C ARG A 13 -7.77 -0.05 11.14
N GLU A 14 -8.35 0.71 10.22
CA GLU A 14 -8.08 0.52 8.80
C GLU A 14 -6.59 0.66 8.50
N VAL A 15 -6.19 0.26 7.30
CA VAL A 15 -4.80 0.36 6.88
C VAL A 15 -4.57 1.54 5.95
N LEU A 16 -5.24 2.64 6.24
CA LEU A 16 -5.13 3.84 5.42
C LEU A 16 -3.66 4.12 5.07
N GLU A 17 -2.76 3.67 5.94
CA GLU A 17 -1.33 3.86 5.71
C GLU A 17 -0.67 2.56 5.24
N CYS A 18 0.47 2.70 4.57
CA CYS A 18 1.20 1.54 4.07
C CYS A 18 1.80 0.74 5.22
N PRO A 19 1.66 -0.60 5.15
CA PRO A 19 2.18 -1.51 6.17
C PRO A 19 3.70 -1.57 6.16
N ILE A 20 4.32 -0.81 5.26
CA ILE A 20 5.78 -0.78 5.16
C ILE A 20 6.33 0.57 5.60
N CYS A 21 6.15 1.58 4.75
CA CYS A 21 6.62 2.93 5.05
C CYS A 21 5.73 3.61 6.07
N MET A 22 4.45 3.23 6.08
CA MET A 22 3.49 3.81 7.01
C MET A 22 3.21 5.27 6.66
N GLU A 23 3.00 5.53 5.38
CA GLU A 23 2.72 6.89 4.92
C GLU A 23 1.33 6.98 4.31
N SER A 24 0.51 7.89 4.84
CA SER A 24 -0.84 8.07 4.35
C SER A 24 -0.89 7.96 2.83
N PHE A 25 -1.41 6.85 2.34
CA PHE A 25 -1.51 6.60 0.90
C PHE A 25 -1.84 7.90 0.16
N THR A 26 -0.81 8.54 -0.39
CA THR A 26 -0.98 9.79 -1.11
C THR A 26 -1.06 9.54 -2.61
N GLU A 27 -2.28 9.50 -3.14
CA GLU A 27 -2.49 9.27 -4.56
C GLU A 27 -1.42 9.96 -5.39
N GLU A 28 -1.04 11.17 -4.97
CA GLU A 28 -0.03 11.94 -5.68
C GLU A 28 1.18 11.07 -6.00
N GLN A 29 1.83 10.56 -4.96
CA GLN A 29 3.00 9.72 -5.14
C GLN A 29 2.74 8.31 -4.62
N LEU A 30 2.69 8.16 -3.30
CA LEU A 30 2.45 6.87 -2.68
C LEU A 30 1.03 6.37 -2.99
N ARG A 31 0.88 5.75 -4.15
CA ARG A 31 -0.42 5.23 -4.56
C ARG A 31 -0.66 3.84 -3.98
N PRO A 32 -1.82 3.66 -3.32
CA PRO A 32 -2.20 2.39 -2.70
C PRO A 32 -2.50 1.31 -3.74
N LYS A 33 -1.68 0.27 -3.75
CA LYS A 33 -1.86 -0.84 -4.68
C LYS A 33 -2.19 -2.13 -3.94
N LEU A 34 -3.21 -2.85 -4.42
CA LEU A 34 -3.61 -4.10 -3.81
C LEU A 34 -2.98 -5.29 -4.52
N LEU A 35 -2.41 -6.20 -3.75
CA LEU A 35 -1.78 -7.40 -4.31
C LEU A 35 -2.78 -8.53 -4.47
N HIS A 36 -2.43 -9.52 -5.29
CA HIS A 36 -3.30 -10.66 -5.52
C HIS A 36 -3.53 -11.44 -4.25
N CYS A 37 -2.81 -11.08 -3.19
CA CYS A 37 -2.93 -11.75 -1.91
C CYS A 37 -4.02 -11.10 -1.05
N GLY A 38 -3.99 -9.77 -0.97
CA GLY A 38 -4.98 -9.04 -0.20
C GLY A 38 -4.39 -7.84 0.52
N HIS A 39 -3.10 -7.92 0.84
CA HIS A 39 -2.42 -6.83 1.53
C HIS A 39 -2.29 -5.61 0.62
N THR A 40 -2.38 -4.42 1.21
CA THR A 40 -2.28 -3.19 0.46
C THR A 40 -0.95 -2.48 0.71
N ILE A 41 -0.24 -2.14 -0.35
CA ILE A 41 1.04 -1.47 -0.23
C ILE A 41 1.14 -0.29 -1.20
N CYS A 42 1.89 0.74 -0.79
CA CYS A 42 2.06 1.92 -1.62
C CYS A 42 2.94 1.62 -2.83
N ARG A 43 2.69 2.34 -3.92
CA ARG A 43 3.47 2.15 -5.15
C ARG A 43 4.96 2.23 -4.87
N GLN A 44 5.34 3.12 -3.96
CA GLN A 44 6.75 3.30 -3.60
C GLN A 44 7.37 1.97 -3.20
N CYS A 45 6.68 1.23 -2.32
CA CYS A 45 7.17 -0.06 -1.85
C CYS A 45 6.90 -1.15 -2.89
N LEU A 46 5.74 -1.07 -3.54
CA LEU A 46 5.37 -2.05 -4.55
C LEU A 46 6.34 -2.03 -5.72
N GLU A 47 6.86 -0.85 -6.03
CA GLU A 47 7.81 -0.70 -7.12
C GLU A 47 9.15 -1.37 -6.79
N LYS A 48 9.71 -1.01 -5.64
CA LYS A 48 10.98 -1.58 -5.21
C LYS A 48 10.93 -3.10 -5.21
N LEU A 49 9.75 -3.65 -4.94
CA LEU A 49 9.57 -5.10 -4.91
C LEU A 49 9.39 -5.65 -6.32
N LEU A 50 8.61 -4.94 -7.13
CA LEU A 50 8.36 -5.36 -8.51
C LEU A 50 9.66 -5.38 -9.32
N ALA A 51 10.50 -4.37 -9.09
CA ALA A 51 11.77 -4.26 -9.79
C ALA A 51 12.69 -5.42 -9.42
N SER A 52 12.88 -5.63 -8.12
CA SER A 52 13.75 -6.70 -7.63
C SER A 52 13.33 -8.04 -8.23
N SER A 53 12.09 -8.44 -7.98
CA SER A 53 11.58 -9.71 -8.48
C SER A 53 11.55 -9.72 -10.01
N ILE A 54 11.23 -10.87 -10.58
CA ILE A 54 11.15 -11.00 -12.03
C ILE A 54 9.88 -11.70 -12.47
N ASN A 55 9.40 -12.62 -11.62
CA ASN A 55 8.18 -13.36 -11.91
C ASN A 55 7.02 -12.88 -11.04
N GLY A 56 6.92 -11.56 -10.88
CA GLY A 56 5.86 -11.00 -10.07
C GLY A 56 6.39 -10.22 -8.89
N VAL A 57 5.50 -9.88 -7.95
CA VAL A 57 5.89 -9.13 -6.76
C VAL A 57 5.74 -9.98 -5.51
N ARG A 58 6.86 -10.29 -4.86
CA ARG A 58 6.85 -11.09 -3.65
C ARG A 58 6.45 -10.25 -2.44
N CYS A 59 5.29 -10.56 -1.88
CA CYS A 59 4.80 -9.82 -0.71
C CYS A 59 5.56 -10.23 0.54
N PRO A 60 6.16 -9.23 1.20
CA PRO A 60 6.94 -9.45 2.43
C PRO A 60 6.05 -9.83 3.62
N PHE A 61 4.76 -9.94 3.36
CA PHE A 61 3.80 -10.29 4.40
C PHE A 61 3.36 -11.75 4.27
N CYS A 62 2.82 -12.09 3.10
CA CYS A 62 2.36 -13.45 2.84
C CYS A 62 3.33 -14.19 1.91
N SER A 63 4.05 -13.42 1.10
CA SER A 63 5.01 -14.01 0.16
C SER A 63 4.28 -14.71 -0.99
N LYS A 64 3.26 -14.04 -1.53
CA LYS A 64 2.49 -14.59 -2.64
C LYS A 64 2.82 -13.88 -3.94
N ILE A 65 3.80 -14.40 -4.67
CA ILE A 65 4.21 -13.81 -5.94
C ILE A 65 3.00 -13.27 -6.70
N THR A 66 3.04 -11.97 -7.01
CA THR A 66 1.95 -11.35 -7.74
C THR A 66 2.28 -11.23 -9.23
N ARG A 67 2.04 -12.31 -9.97
CA ARG A 67 2.31 -12.33 -11.39
C ARG A 67 1.50 -11.25 -12.11
N ILE A 68 2.03 -10.04 -12.13
CA ILE A 68 1.35 -8.92 -12.78
C ILE A 68 2.31 -8.16 -13.70
N THR A 69 3.54 -7.98 -13.24
CA THR A 69 4.56 -7.28 -14.01
C THR A 69 4.06 -5.90 -14.44
N SER A 70 3.23 -5.29 -13.59
CA SER A 70 2.68 -3.97 -13.88
C SER A 70 1.92 -3.43 -12.68
N LEU A 71 2.29 -2.22 -12.24
CA LEU A 71 1.63 -1.59 -11.10
C LEU A 71 0.12 -1.56 -11.29
N THR A 72 -0.31 -1.35 -12.52
CA THR A 72 -1.74 -1.30 -12.84
C THR A 72 -2.33 -2.70 -12.92
N GLN A 73 -1.57 -3.63 -13.50
CA GLN A 73 -2.02 -5.01 -13.64
C GLN A 73 -2.71 -5.49 -12.37
N LEU A 74 -1.96 -5.55 -11.27
CA LEU A 74 -2.50 -5.98 -9.99
C LEU A 74 -3.78 -5.23 -9.65
N THR A 75 -4.37 -5.56 -8.51
CA THR A 75 -5.60 -4.91 -8.07
C THR A 75 -5.30 -3.61 -7.34
N ASP A 76 -6.04 -2.56 -7.70
CA ASP A 76 -5.86 -1.25 -7.08
C ASP A 76 -6.59 -1.17 -5.74
N ASN A 77 -6.07 -0.36 -4.84
CA ASN A 77 -6.66 -0.19 -3.52
C ASN A 77 -7.13 1.25 -3.31
N LEU A 78 -8.14 1.65 -4.07
CA LEU A 78 -8.68 3.01 -3.96
C LEU A 78 -9.61 3.13 -2.76
N THR A 79 -9.59 2.12 -1.88
CA THR A 79 -10.43 2.11 -0.69
C THR A 79 -9.83 2.99 0.40
N VAL A 80 -8.50 3.09 0.41
CA VAL A 80 -7.81 3.91 1.41
C VAL A 80 -7.98 5.39 1.11
N LEU A 81 -8.23 5.73 -0.14
CA LEU A 81 -8.41 7.12 -0.55
C LEU A 81 -9.89 7.52 -0.43
N LYS A 82 -10.77 6.56 -0.62
CA LYS A 82 -12.20 6.81 -0.53
C LYS A 82 -12.52 7.80 0.59
N SER A 83 -12.11 7.47 1.80
CA SER A 83 -12.35 8.33 2.95
C SER A 83 -11.68 7.76 4.20
N GLY A 84 -11.37 8.63 5.15
CA GLY A 84 -10.73 8.21 6.38
C GLY A 84 -11.72 7.92 7.49
N PRO A 85 -11.63 8.69 8.58
CA PRO A 85 -12.53 8.54 9.74
C PRO A 85 -13.95 8.99 9.42
N SER A 86 -14.83 8.88 10.41
CA SER A 86 -16.22 9.26 10.25
C SER A 86 -16.77 8.76 8.91
N SER A 87 -16.42 7.52 8.56
CA SER A 87 -16.86 6.93 7.31
C SER A 87 -18.21 6.25 7.49
N GLY A 88 -18.31 5.38 8.50
CA GLY A 88 -19.55 4.68 8.75
C GLY A 88 -19.97 3.80 7.59
ZN ZN B . 5.07 1.75 1.47
ZN ZN C . 0.45 -10.15 1.03
N GLY A 1 12.97 26.20 23.83
CA GLY A 1 12.57 25.21 24.81
C GLY A 1 11.75 24.09 24.19
N SER A 2 11.05 23.34 25.03
CA SER A 2 10.23 22.23 24.57
C SER A 2 8.81 22.34 25.12
N SER A 3 7.86 22.69 24.24
CA SER A 3 6.47 22.83 24.64
C SER A 3 5.55 22.26 23.56
N GLY A 4 4.57 21.46 24.00
CA GLY A 4 3.63 20.88 23.07
C GLY A 4 3.49 19.37 23.27
N SER A 5 2.30 18.85 23.00
CA SER A 5 2.03 17.43 23.16
C SER A 5 2.10 16.72 21.81
N SER A 6 3.12 15.89 21.63
CA SER A 6 3.29 15.15 20.39
C SER A 6 2.93 13.68 20.58
N GLY A 7 2.61 13.01 19.46
CA GLY A 7 2.24 11.61 19.53
C GLY A 7 1.70 11.10 18.21
N ASN A 8 2.19 9.94 17.76
CA ASN A 8 1.74 9.35 16.52
C ASN A 8 0.93 8.09 16.77
N LEU A 9 -0.39 8.25 16.90
CA LEU A 9 -1.28 7.12 17.14
C LEU A 9 -2.55 7.25 16.32
N ASP A 10 -3.22 6.12 16.10
CA ASP A 10 -4.46 6.10 15.33
C ASP A 10 -5.47 5.14 15.94
N ALA A 11 -6.61 5.67 16.35
CA ALA A 11 -7.66 4.85 16.95
C ALA A 11 -8.59 4.27 15.89
N LEU A 12 -8.15 4.32 14.64
CA LEU A 12 -8.93 3.80 13.52
C LEU A 12 -8.58 2.35 13.24
N ARG A 13 -9.53 1.61 12.66
CA ARG A 13 -9.31 0.21 12.34
C ARG A 13 -9.13 0.02 10.83
N GLU A 14 -8.42 0.96 10.20
CA GLU A 14 -8.18 0.90 8.77
C GLU A 14 -6.68 0.98 8.47
N VAL A 15 -6.30 0.56 7.27
CA VAL A 15 -4.90 0.59 6.85
C VAL A 15 -4.63 1.75 5.91
N LEU A 16 -5.31 2.88 6.16
CA LEU A 16 -5.14 4.06 5.33
C LEU A 16 -3.67 4.32 5.03
N GLU A 17 -2.79 3.80 5.89
CA GLU A 17 -1.36 3.96 5.71
C GLU A 17 -0.70 2.65 5.29
N CYS A 18 0.48 2.74 4.70
CA CYS A 18 1.21 1.56 4.26
C CYS A 18 1.78 0.79 5.44
N PRO A 19 1.63 -0.53 5.42
CA PRO A 19 2.12 -1.41 6.49
C PRO A 19 3.65 -1.50 6.52
N ILE A 20 4.29 -0.77 5.60
CA ILE A 20 5.74 -0.76 5.53
C ILE A 20 6.31 0.61 5.91
N CYS A 21 6.16 1.58 5.02
CA CYS A 21 6.66 2.93 5.27
C CYS A 21 5.76 3.66 6.26
N MET A 22 4.50 3.23 6.35
CA MET A 22 3.55 3.84 7.26
C MET A 22 3.21 5.25 6.82
N GLU A 23 2.88 5.42 5.54
CA GLU A 23 2.54 6.72 5.00
C GLU A 23 1.15 6.70 4.36
N SER A 24 0.40 7.78 4.55
CA SER A 24 -0.95 7.89 4.01
C SER A 24 -0.96 7.58 2.52
N PHE A 25 -1.95 6.81 2.08
CA PHE A 25 -2.07 6.43 0.67
C PHE A 25 -2.61 7.60 -0.15
N THR A 26 -1.72 8.27 -0.87
CA THR A 26 -2.12 9.41 -1.70
C THR A 26 -1.83 9.14 -3.17
N GLU A 27 -2.73 9.60 -4.04
CA GLU A 27 -2.57 9.41 -5.48
C GLU A 27 -1.65 10.47 -6.07
N GLU A 28 -0.65 10.88 -5.30
CA GLU A 28 0.30 11.89 -5.76
C GLU A 28 1.73 11.37 -5.70
N GLN A 29 2.07 10.71 -4.61
CA GLN A 29 3.41 10.16 -4.43
C GLN A 29 3.34 8.69 -4.04
N LEU A 30 2.49 8.37 -3.07
CA LEU A 30 2.33 7.01 -2.59
C LEU A 30 0.94 6.47 -2.94
N ARG A 31 0.82 5.87 -4.11
CA ARG A 31 -0.46 5.31 -4.56
C ARG A 31 -0.69 3.93 -3.95
N PRO A 32 -1.88 3.73 -3.35
CA PRO A 32 -2.25 2.46 -2.73
C PRO A 32 -2.47 1.35 -3.76
N LYS A 33 -1.82 0.21 -3.53
CA LYS A 33 -1.94 -0.93 -4.44
C LYS A 33 -2.25 -2.21 -3.67
N LEU A 34 -3.23 -2.97 -4.14
CA LEU A 34 -3.61 -4.22 -3.51
C LEU A 34 -3.01 -5.41 -4.23
N LEU A 35 -2.37 -6.30 -3.49
CA LEU A 35 -1.76 -7.50 -4.06
C LEU A 35 -2.78 -8.62 -4.19
N HIS A 36 -2.45 -9.61 -5.02
CA HIS A 36 -3.34 -10.76 -5.23
C HIS A 36 -3.62 -11.47 -3.92
N CYS A 37 -2.88 -11.11 -2.87
CA CYS A 37 -3.06 -11.71 -1.56
C CYS A 37 -4.11 -10.97 -0.75
N GLY A 38 -4.01 -9.65 -0.73
CA GLY A 38 -4.96 -8.84 0.02
C GLY A 38 -4.31 -7.67 0.71
N HIS A 39 -3.04 -7.82 1.06
CA HIS A 39 -2.29 -6.77 1.74
C HIS A 39 -2.18 -5.52 0.86
N THR A 40 -2.25 -4.36 1.48
CA THR A 40 -2.16 -3.10 0.75
C THR A 40 -0.82 -2.42 0.99
N ILE A 41 -0.10 -2.15 -0.09
CA ILE A 41 1.20 -1.50 -0.01
C ILE A 41 1.31 -0.34 -0.99
N CYS A 42 2.05 0.70 -0.58
CA CYS A 42 2.24 1.87 -1.43
C CYS A 42 3.13 1.55 -2.63
N ARG A 43 2.74 2.05 -3.80
CA ARG A 43 3.50 1.82 -5.02
C ARG A 43 5.00 1.96 -4.76
N GLN A 44 5.35 2.86 -3.84
CA GLN A 44 6.74 3.09 -3.51
C GLN A 44 7.41 1.81 -3.01
N CYS A 45 6.74 1.11 -2.11
CA CYS A 45 7.26 -0.13 -1.55
C CYS A 45 7.12 -1.27 -2.55
N LEU A 46 6.01 -1.29 -3.27
CA LEU A 46 5.75 -2.32 -4.26
C LEU A 46 6.76 -2.27 -5.40
N GLU A 47 7.10 -1.05 -5.82
CA GLU A 47 8.07 -0.86 -6.90
C GLU A 47 9.40 -1.53 -6.55
N LYS A 48 9.91 -1.25 -5.35
CA LYS A 48 11.16 -1.83 -4.91
C LYS A 48 11.17 -3.35 -5.06
N LEU A 49 10.00 -3.96 -4.82
CA LEU A 49 9.87 -5.40 -4.93
C LEU A 49 9.77 -5.82 -6.39
N LEU A 50 8.85 -5.21 -7.11
CA LEU A 50 8.66 -5.51 -8.53
C LEU A 50 9.97 -5.43 -9.29
N ALA A 51 10.78 -4.43 -8.97
CA ALA A 51 12.07 -4.24 -9.62
C ALA A 51 12.90 -5.51 -9.56
N SER A 52 13.30 -5.90 -8.36
CA SER A 52 14.11 -7.10 -8.17
C SER A 52 13.45 -8.31 -8.82
N SER A 53 12.30 -8.71 -8.27
CA SER A 53 11.56 -9.86 -8.78
C SER A 53 11.28 -9.69 -10.28
N ILE A 54 10.95 -10.80 -10.94
CA ILE A 54 10.66 -10.78 -12.37
C ILE A 54 9.33 -11.47 -12.66
N ASN A 55 9.09 -12.59 -11.99
CA ASN A 55 7.85 -13.34 -12.17
C ASN A 55 6.77 -12.88 -11.20
N GLY A 56 6.69 -11.57 -11.00
CA GLY A 56 5.70 -11.02 -10.09
C GLY A 56 6.33 -10.24 -8.95
N VAL A 57 5.53 -9.93 -7.93
CA VAL A 57 6.02 -9.17 -6.79
C VAL A 57 5.83 -9.96 -5.50
N ARG A 58 6.94 -10.36 -4.88
CA ARG A 58 6.90 -11.13 -3.65
C ARG A 58 6.49 -10.23 -2.48
N CYS A 59 5.38 -10.60 -1.83
CA CYS A 59 4.87 -9.83 -0.69
C CYS A 59 5.65 -10.17 0.58
N PRO A 60 6.18 -9.14 1.24
CA PRO A 60 6.95 -9.31 2.48
C PRO A 60 6.08 -9.73 3.66
N PHE A 61 4.79 -9.94 3.38
CA PHE A 61 3.85 -10.34 4.41
C PHE A 61 3.46 -11.81 4.25
N CYS A 62 2.84 -12.13 3.12
CA CYS A 62 2.42 -13.50 2.85
C CYS A 62 3.35 -14.17 1.83
N SER A 63 4.05 -13.35 1.06
CA SER A 63 4.98 -13.84 0.05
C SER A 63 4.22 -14.54 -1.07
N LYS A 64 3.20 -13.87 -1.59
CA LYS A 64 2.40 -14.43 -2.68
C LYS A 64 2.74 -13.75 -4.01
N ILE A 65 3.74 -14.28 -4.70
CA ILE A 65 4.16 -13.72 -5.98
C ILE A 65 2.97 -13.12 -6.73
N THR A 66 3.05 -11.83 -7.02
CA THR A 66 1.99 -11.13 -7.73
C THR A 66 2.32 -11.00 -9.22
N ARG A 67 1.94 -12.01 -10.00
CA ARG A 67 2.20 -12.00 -11.43
C ARG A 67 1.58 -10.77 -12.10
N ILE A 68 2.37 -9.72 -12.22
CA ILE A 68 1.91 -8.48 -12.83
C ILE A 68 3.08 -7.67 -13.39
N THR A 69 3.18 -7.62 -14.71
CA THR A 69 4.24 -6.89 -15.37
C THR A 69 4.09 -5.38 -15.16
N SER A 70 2.85 -4.95 -14.93
CA SER A 70 2.57 -3.53 -14.70
C SER A 70 2.09 -3.30 -13.28
N LEU A 71 2.13 -2.03 -12.85
CA LEU A 71 1.70 -1.67 -11.50
C LEU A 71 0.17 -1.65 -11.42
N THR A 72 -0.48 -1.40 -12.54
CA THR A 72 -1.93 -1.34 -12.59
C THR A 72 -2.53 -2.73 -12.76
N GLN A 73 -1.73 -3.65 -13.28
CA GLN A 73 -2.17 -5.03 -13.50
C GLN A 73 -2.75 -5.62 -12.21
N LEU A 74 -2.00 -5.51 -11.12
CA LEU A 74 -2.44 -6.03 -9.83
C LEU A 74 -3.79 -5.43 -9.44
N THR A 75 -4.24 -5.75 -8.22
CA THR A 75 -5.51 -5.25 -7.72
C THR A 75 -5.35 -3.86 -7.11
N ASP A 76 -6.13 -2.91 -7.61
CA ASP A 76 -6.07 -1.54 -7.10
C ASP A 76 -6.70 -1.44 -5.71
N ASN A 77 -6.24 -0.46 -4.94
CA ASN A 77 -6.75 -0.26 -3.58
C ASN A 77 -7.14 1.20 -3.36
N LEU A 78 -8.14 1.67 -4.10
CA LEU A 78 -8.60 3.04 -3.99
C LEU A 78 -9.42 3.23 -2.72
N THR A 79 -9.75 2.12 -2.06
CA THR A 79 -10.52 2.17 -0.82
C THR A 79 -9.92 3.16 0.17
N VAL A 80 -8.61 3.08 0.34
CA VAL A 80 -7.90 3.98 1.26
C VAL A 80 -8.08 5.44 0.85
N LEU A 81 -8.16 5.68 -0.45
CA LEU A 81 -8.33 7.03 -0.97
C LEU A 81 -9.74 7.54 -0.72
N LYS A 82 -10.72 6.64 -0.83
CA LYS A 82 -12.11 7.00 -0.62
C LYS A 82 -12.35 7.42 0.83
N SER A 83 -13.14 8.48 1.01
CA SER A 83 -13.44 8.99 2.34
C SER A 83 -14.92 8.84 2.66
N GLY A 84 -15.21 8.36 3.87
CA GLY A 84 -16.60 8.18 4.27
C GLY A 84 -16.76 7.08 5.30
N PRO A 85 -17.73 7.25 6.21
CA PRO A 85 -18.00 6.28 7.27
C PRO A 85 -18.60 4.98 6.73
N SER A 86 -19.61 5.11 5.88
CA SER A 86 -20.26 3.96 5.29
C SER A 86 -20.00 3.88 3.79
N SER A 87 -19.03 3.06 3.41
CA SER A 87 -18.67 2.90 2.00
C SER A 87 -19.77 2.16 1.25
N GLY A 88 -20.26 2.76 0.18
CA GLY A 88 -21.30 2.14 -0.62
C GLY A 88 -22.61 2.89 -0.54
ZN ZN B . 5.12 1.66 1.73
ZN ZN C . 0.59 -10.23 1.15
N GLY A 1 19.34 20.86 12.33
CA GLY A 1 18.57 20.59 13.53
C GLY A 1 17.09 20.47 13.25
N SER A 2 16.59 19.24 13.20
CA SER A 2 15.18 19.00 12.93
C SER A 2 14.63 17.90 13.83
N SER A 3 13.31 17.84 13.96
CA SER A 3 12.65 16.84 14.79
C SER A 3 11.23 16.59 14.32
N GLY A 4 10.71 15.41 14.65
CA GLY A 4 9.36 15.06 14.26
C GLY A 4 9.05 13.59 14.49
N SER A 5 8.11 13.32 15.38
CA SER A 5 7.72 11.95 15.70
C SER A 5 6.24 11.73 15.44
N SER A 6 5.84 10.47 15.38
CA SER A 6 4.44 10.12 15.14
C SER A 6 3.55 10.59 16.29
N GLY A 7 2.95 11.76 16.13
CA GLY A 7 2.09 12.29 17.16
C GLY A 7 0.61 12.22 16.78
N ASN A 8 0.06 11.02 16.82
CA ASN A 8 -1.35 10.82 16.48
C ASN A 8 -1.82 9.43 16.90
N LEU A 9 -2.69 9.38 17.89
CA LEU A 9 -3.22 8.12 18.39
C LEU A 9 -3.72 7.25 17.24
N ASP A 10 -3.65 5.93 17.43
CA ASP A 10 -4.09 4.99 16.41
C ASP A 10 -5.35 4.27 16.87
N ALA A 11 -6.50 4.68 16.33
CA ALA A 11 -7.77 4.06 16.67
C ALA A 11 -8.43 3.44 15.44
N LEU A 12 -8.19 4.04 14.28
CA LEU A 12 -8.77 3.55 13.04
C LEU A 12 -8.42 2.07 12.83
N ARG A 13 -9.30 1.35 12.14
CA ARG A 13 -9.09 -0.06 11.87
C ARG A 13 -8.61 -0.27 10.44
N GLU A 14 -8.88 0.70 9.58
CA GLU A 14 -8.48 0.61 8.18
C GLU A 14 -6.96 0.73 8.04
N VAL A 15 -6.44 0.33 6.89
CA VAL A 15 -5.01 0.38 6.64
C VAL A 15 -4.64 1.59 5.79
N LEU A 16 -5.36 2.70 6.02
CA LEU A 16 -5.10 3.93 5.28
C LEU A 16 -3.61 4.16 5.09
N GLU A 17 -2.81 3.61 6.01
CA GLU A 17 -1.37 3.75 5.94
C GLU A 17 -0.71 2.46 5.48
N CYS A 18 0.40 2.59 4.75
CA CYS A 18 1.12 1.43 4.24
C CYS A 18 1.75 0.64 5.39
N PRO A 19 1.63 -0.70 5.33
CA PRO A 19 2.18 -1.59 6.35
C PRO A 19 3.70 -1.64 6.32
N ILE A 20 4.29 -0.86 5.42
CA ILE A 20 5.74 -0.82 5.29
C ILE A 20 6.28 0.56 5.64
N CYS A 21 6.09 1.52 4.74
CA CYS A 21 6.56 2.88 4.96
C CYS A 21 5.68 3.60 5.99
N MET A 22 4.44 3.15 6.11
CA MET A 22 3.50 3.75 7.05
C MET A 22 3.20 5.20 6.68
N GLU A 23 2.93 5.43 5.40
CA GLU A 23 2.64 6.78 4.92
C GLU A 23 1.23 6.85 4.32
N SER A 24 0.41 7.74 4.86
CA SER A 24 -0.96 7.91 4.38
C SER A 24 -1.00 7.88 2.86
N PHE A 25 -1.56 6.81 2.30
CA PHE A 25 -1.67 6.67 0.85
C PHE A 25 -2.16 7.96 0.21
N THR A 26 -1.33 8.53 -0.65
CA THR A 26 -1.67 9.77 -1.34
C THR A 26 -2.30 9.49 -2.70
N GLU A 27 -2.55 10.56 -3.45
CA GLU A 27 -3.15 10.44 -4.78
C GLU A 27 -2.12 10.00 -5.81
N GLU A 28 -0.90 10.51 -5.66
CA GLU A 28 0.18 10.18 -6.57
C GLU A 28 1.44 9.76 -5.81
N GLN A 29 1.96 10.69 -5.01
CA GLN A 29 3.17 10.42 -4.22
C GLN A 29 3.24 8.95 -3.82
N LEU A 30 2.25 8.50 -3.07
CA LEU A 30 2.20 7.11 -2.62
C LEU A 30 0.84 6.49 -2.91
N ARG A 31 0.65 6.06 -4.16
CA ARG A 31 -0.61 5.44 -4.58
C ARG A 31 -0.74 4.05 -3.99
N PRO A 32 -1.92 3.76 -3.40
CA PRO A 32 -2.20 2.46 -2.79
C PRO A 32 -2.35 1.36 -3.83
N LYS A 33 -1.78 0.19 -3.52
CA LYS A 33 -1.85 -0.95 -4.43
C LYS A 33 -2.21 -2.23 -3.67
N LEU A 34 -3.14 -3.00 -4.24
CA LEU A 34 -3.57 -4.25 -3.61
C LEU A 34 -2.98 -5.45 -4.34
N LEU A 35 -2.31 -6.33 -3.60
CA LEU A 35 -1.71 -7.52 -4.18
C LEU A 35 -2.73 -8.64 -4.32
N HIS A 36 -2.41 -9.63 -5.14
CA HIS A 36 -3.31 -10.75 -5.37
C HIS A 36 -3.56 -11.52 -4.08
N CYS A 37 -2.83 -11.15 -3.03
CA CYS A 37 -2.97 -11.79 -1.73
C CYS A 37 -4.03 -11.10 -0.89
N GLY A 38 -3.96 -9.76 -0.84
CA GLY A 38 -4.92 -9.00 -0.06
C GLY A 38 -4.29 -7.80 0.62
N HIS A 39 -3.01 -7.94 0.98
CA HIS A 39 -2.29 -6.85 1.64
C HIS A 39 -2.22 -5.62 0.75
N THR A 40 -2.26 -4.44 1.37
CA THR A 40 -2.20 -3.19 0.63
C THR A 40 -0.88 -2.48 0.86
N ILE A 41 -0.15 -2.20 -0.23
CA ILE A 41 1.13 -1.53 -0.14
C ILE A 41 1.22 -0.37 -1.14
N CYS A 42 1.94 0.68 -0.76
CA CYS A 42 2.10 1.84 -1.63
C CYS A 42 3.01 1.52 -2.81
N ARG A 43 2.70 2.07 -3.97
CA ARG A 43 3.49 1.84 -5.17
C ARG A 43 4.98 1.99 -4.88
N GLN A 44 5.31 2.91 -3.99
CA GLN A 44 6.70 3.16 -3.62
C GLN A 44 7.36 1.86 -3.15
N CYS A 45 6.74 1.20 -2.18
CA CYS A 45 7.27 -0.05 -1.64
C CYS A 45 7.16 -1.18 -2.66
N LEU A 46 6.00 -1.26 -3.31
CA LEU A 46 5.76 -2.29 -4.31
C LEU A 46 6.79 -2.21 -5.43
N GLU A 47 7.14 -0.99 -5.82
CA GLU A 47 8.11 -0.77 -6.88
C GLU A 47 9.45 -1.41 -6.53
N LYS A 48 9.98 -1.05 -5.36
CA LYS A 48 11.26 -1.58 -4.90
C LYS A 48 11.33 -3.08 -5.11
N LEU A 49 10.21 -3.77 -4.89
CA LEU A 49 10.15 -5.21 -5.06
C LEU A 49 10.01 -5.58 -6.53
N LEU A 50 8.98 -5.06 -7.18
CA LEU A 50 8.74 -5.34 -8.59
C LEU A 50 10.03 -5.19 -9.39
N ALA A 51 10.92 -4.32 -8.93
CA ALA A 51 12.19 -4.10 -9.62
C ALA A 51 13.16 -5.24 -9.34
N SER A 52 13.10 -5.78 -8.13
CA SER A 52 13.98 -6.88 -7.74
C SER A 52 13.18 -8.15 -7.47
N SER A 53 12.16 -8.38 -8.29
CA SER A 53 11.31 -9.55 -8.14
C SER A 53 11.41 -10.46 -9.36
N ILE A 54 10.62 -11.53 -9.37
CA ILE A 54 10.62 -12.47 -10.48
C ILE A 54 9.23 -13.04 -10.72
N ASN A 55 8.86 -13.15 -12.00
CA ASN A 55 7.56 -13.67 -12.37
C ASN A 55 6.45 -13.04 -11.52
N GLY A 56 6.68 -11.80 -11.09
CA GLY A 56 5.71 -11.10 -10.28
C GLY A 56 6.34 -10.28 -9.18
N VAL A 57 5.56 -9.92 -8.18
CA VAL A 57 6.06 -9.12 -7.07
C VAL A 57 5.81 -9.83 -5.73
N ARG A 58 6.87 -10.40 -5.17
CA ARG A 58 6.78 -11.11 -3.90
C ARG A 58 6.35 -10.16 -2.79
N CYS A 59 5.41 -10.63 -1.96
CA CYS A 59 4.90 -9.83 -0.86
C CYS A 59 5.74 -10.04 0.40
N PRO A 60 6.15 -8.93 1.04
CA PRO A 60 6.96 -8.97 2.26
C PRO A 60 6.17 -9.49 3.46
N PHE A 61 4.92 -9.89 3.22
CA PHE A 61 4.07 -10.39 4.28
C PHE A 61 3.73 -11.86 4.05
N CYS A 62 2.95 -12.12 2.99
CA CYS A 62 2.55 -13.48 2.66
C CYS A 62 3.47 -14.07 1.59
N SER A 63 4.24 -13.20 0.93
CA SER A 63 5.16 -13.64 -0.11
C SER A 63 4.40 -14.35 -1.24
N LYS A 64 3.28 -13.77 -1.64
CA LYS A 64 2.47 -14.34 -2.71
C LYS A 64 2.77 -13.67 -4.04
N ILE A 65 3.79 -14.17 -4.74
CA ILE A 65 4.17 -13.62 -6.03
C ILE A 65 2.97 -13.01 -6.75
N THR A 66 3.04 -11.72 -7.05
CA THR A 66 1.96 -11.03 -7.74
C THR A 66 2.25 -10.91 -9.23
N ARG A 67 1.89 -11.94 -9.97
CA ARG A 67 2.10 -11.96 -11.41
C ARG A 67 1.49 -10.73 -12.06
N ILE A 68 2.29 -9.67 -12.19
CA ILE A 68 1.82 -8.44 -12.80
C ILE A 68 2.98 -7.64 -13.39
N THR A 69 3.01 -7.54 -14.72
CA THR A 69 4.08 -6.81 -15.40
C THR A 69 3.97 -5.31 -15.13
N SER A 70 2.75 -4.84 -14.90
CA SER A 70 2.52 -3.42 -14.62
C SER A 70 2.00 -3.22 -13.20
N LEU A 71 2.17 -2.00 -12.69
CA LEU A 71 1.72 -1.68 -11.34
C LEU A 71 0.19 -1.68 -11.26
N THR A 72 -0.45 -1.32 -12.36
CA THR A 72 -1.91 -1.28 -12.41
C THR A 72 -2.49 -2.67 -12.61
N GLN A 73 -1.73 -3.54 -13.25
CA GLN A 73 -2.17 -4.91 -13.50
C GLN A 73 -2.79 -5.52 -12.25
N LEU A 74 -2.04 -5.52 -11.15
CA LEU A 74 -2.51 -6.08 -9.89
C LEU A 74 -3.83 -5.41 -9.48
N THR A 75 -4.30 -5.75 -8.28
CA THR A 75 -5.54 -5.20 -7.77
C THR A 75 -5.31 -3.83 -7.14
N ASP A 76 -6.07 -2.84 -7.61
CA ASP A 76 -5.94 -1.48 -7.08
C ASP A 76 -6.64 -1.36 -5.73
N ASN A 77 -6.15 -0.43 -4.90
CA ASN A 77 -6.72 -0.22 -3.58
C ASN A 77 -7.18 1.23 -3.41
N LEU A 78 -8.19 1.62 -4.17
CA LEU A 78 -8.72 2.98 -4.10
C LEU A 78 -9.66 3.14 -2.92
N THR A 79 -9.62 2.17 -2.00
CA THR A 79 -10.48 2.21 -0.82
C THR A 79 -9.87 3.09 0.27
N VAL A 80 -8.55 3.20 0.27
CA VAL A 80 -7.84 4.01 1.25
C VAL A 80 -7.95 5.50 0.91
N LEU A 81 -8.04 5.80 -0.37
CA LEU A 81 -8.16 7.18 -0.83
C LEU A 81 -9.52 7.76 -0.49
N LYS A 82 -10.56 6.94 -0.66
CA LYS A 82 -11.92 7.38 -0.37
C LYS A 82 -12.22 7.28 1.12
N SER A 83 -13.08 8.16 1.61
CA SER A 83 -13.45 8.18 3.02
C SER A 83 -14.68 7.30 3.28
N GLY A 84 -14.71 6.15 2.61
CA GLY A 84 -15.83 5.24 2.78
C GLY A 84 -16.17 4.50 1.50
N PRO A 85 -16.95 3.40 1.63
CA PRO A 85 -17.36 2.59 0.50
C PRO A 85 -18.35 3.31 -0.42
N SER A 86 -18.25 3.06 -1.72
CA SER A 86 -19.14 3.68 -2.69
C SER A 86 -20.60 3.50 -2.30
N SER A 87 -21.47 4.34 -2.84
CA SER A 87 -22.90 4.27 -2.54
C SER A 87 -23.72 4.28 -3.82
N GLY A 88 -23.21 4.97 -4.85
CA GLY A 88 -23.91 5.05 -6.11
C GLY A 88 -25.32 5.58 -5.96
ZN ZN B . 4.91 1.65 1.54
ZN ZN C . 0.63 -10.20 1.06
N GLY A 1 17.80 15.25 -3.81
CA GLY A 1 17.93 15.33 -2.36
C GLY A 1 16.59 15.20 -1.66
N SER A 2 16.61 14.69 -0.43
CA SER A 2 15.39 14.51 0.35
C SER A 2 15.70 14.50 1.84
N SER A 3 14.65 14.50 2.65
CA SER A 3 14.81 14.49 4.11
C SER A 3 13.77 13.60 4.75
N GLY A 4 14.14 13.00 5.88
CA GLY A 4 13.23 12.11 6.59
C GLY A 4 12.59 12.78 7.79
N SER A 5 11.71 12.06 8.48
CA SER A 5 11.02 12.60 9.65
C SER A 5 10.21 11.51 10.34
N SER A 6 10.65 11.13 11.54
CA SER A 6 9.96 10.09 12.30
C SER A 6 8.56 10.55 12.69
N GLY A 7 7.59 10.25 11.83
CA GLY A 7 6.22 10.64 12.09
C GLY A 7 5.21 9.79 11.33
N ASN A 8 4.88 8.63 11.88
CA ASN A 8 3.93 7.73 11.24
C ASN A 8 3.30 6.78 12.26
N LEU A 9 1.97 6.67 12.22
CA LEU A 9 1.25 5.81 13.14
C LEU A 9 -0.22 5.69 12.74
N ASP A 10 -0.89 4.67 13.25
CA ASP A 10 -2.30 4.45 12.94
C ASP A 10 -3.00 3.78 14.12
N ALA A 11 -4.07 4.40 14.59
CA ALA A 11 -4.84 3.87 15.72
C ALA A 11 -6.06 3.10 15.22
N LEU A 12 -6.61 3.52 14.09
CA LEU A 12 -7.79 2.88 13.52
C LEU A 12 -7.46 1.46 13.08
N ARG A 13 -8.48 0.73 12.63
CA ARG A 13 -8.30 -0.65 12.18
C ARG A 13 -7.99 -0.69 10.68
N GLU A 14 -8.45 0.32 9.96
CA GLU A 14 -8.22 0.41 8.52
C GLU A 14 -6.74 0.54 8.22
N VAL A 15 -6.34 0.14 7.01
CA VAL A 15 -4.95 0.21 6.59
C VAL A 15 -4.71 1.45 5.72
N LEU A 16 -5.27 2.57 6.13
CA LEU A 16 -5.11 3.82 5.39
C LEU A 16 -3.65 4.10 5.10
N GLU A 17 -2.77 3.58 5.96
CA GLU A 17 -1.33 3.77 5.78
C GLU A 17 -0.65 2.47 5.35
N CYS A 18 0.43 2.60 4.58
CA CYS A 18 1.16 1.44 4.11
C CYS A 18 1.75 0.64 5.28
N PRO A 19 1.60 -0.68 5.22
CA PRO A 19 2.10 -1.58 6.26
C PRO A 19 3.63 -1.65 6.28
N ILE A 20 4.26 -0.92 5.37
CA ILE A 20 5.72 -0.90 5.28
C ILE A 20 6.27 0.47 5.66
N CYS A 21 6.11 1.45 4.77
CA CYS A 21 6.59 2.79 5.02
C CYS A 21 5.69 3.52 6.01
N MET A 22 4.42 3.14 6.03
CA MET A 22 3.44 3.76 6.93
C MET A 22 3.20 5.22 6.57
N GLU A 23 2.99 5.47 5.28
CA GLU A 23 2.75 6.83 4.80
C GLU A 23 1.38 6.93 4.14
N SER A 24 0.54 7.83 4.65
CA SER A 24 -0.80 8.02 4.10
C SER A 24 -0.81 7.83 2.59
N PHE A 25 -1.78 7.07 2.10
CA PHE A 25 -1.90 6.80 0.67
C PHE A 25 -2.39 8.04 -0.07
N THR A 26 -1.49 8.68 -0.81
CA THR A 26 -1.84 9.87 -1.56
C THR A 26 -1.75 9.62 -3.06
N GLU A 27 -2.69 10.20 -3.80
CA GLU A 27 -2.73 10.04 -5.26
C GLU A 27 -1.80 11.04 -5.94
N GLU A 28 -0.61 11.23 -5.37
CA GLU A 28 0.35 12.17 -5.92
C GLU A 28 1.74 11.53 -6.02
N GLN A 29 2.12 10.80 -4.97
CA GLN A 29 3.42 10.14 -4.93
C GLN A 29 3.27 8.68 -4.51
N LEU A 30 2.62 8.46 -3.36
CA LEU A 30 2.42 7.11 -2.85
C LEU A 30 1.01 6.63 -3.16
N ARG A 31 0.88 5.85 -4.24
CA ARG A 31 -0.41 5.31 -4.65
C ARG A 31 -0.64 3.94 -4.04
N PRO A 32 -1.82 3.75 -3.42
CA PRO A 32 -2.19 2.49 -2.79
C PRO A 32 -2.44 1.38 -3.81
N LYS A 33 -1.74 0.26 -3.64
CA LYS A 33 -1.89 -0.87 -4.55
C LYS A 33 -2.25 -2.14 -3.78
N LEU A 34 -3.20 -2.90 -4.30
CA LEU A 34 -3.63 -4.14 -3.67
C LEU A 34 -3.02 -5.35 -4.37
N LEU A 35 -2.53 -6.29 -3.58
CA LEU A 35 -1.92 -7.51 -4.12
C LEU A 35 -2.95 -8.62 -4.28
N HIS A 36 -2.62 -9.62 -5.08
CA HIS A 36 -3.52 -10.75 -5.30
C HIS A 36 -3.81 -11.48 -4.00
N CYS A 37 -3.08 -11.13 -2.95
CA CYS A 37 -3.27 -11.75 -1.64
C CYS A 37 -4.31 -10.99 -0.82
N GLY A 38 -4.22 -9.66 -0.83
CA GLY A 38 -5.16 -8.85 -0.09
C GLY A 38 -4.49 -7.67 0.61
N HIS A 39 -3.23 -7.85 0.98
CA HIS A 39 -2.47 -6.80 1.65
C HIS A 39 -2.34 -5.57 0.76
N THR A 40 -2.41 -4.39 1.37
CA THR A 40 -2.31 -3.14 0.63
C THR A 40 -0.95 -2.47 0.87
N ILE A 41 -0.29 -2.10 -0.22
CA ILE A 41 1.02 -1.44 -0.12
C ILE A 41 1.14 -0.30 -1.12
N CYS A 42 1.92 0.70 -0.77
CA CYS A 42 2.12 1.86 -1.65
C CYS A 42 3.02 1.49 -2.83
N ARG A 43 2.72 2.07 -3.99
CA ARG A 43 3.49 1.82 -5.19
C ARG A 43 4.99 1.90 -4.91
N GLN A 44 5.38 2.85 -4.06
CA GLN A 44 6.78 3.03 -3.70
C GLN A 44 7.39 1.72 -3.24
N CYS A 45 6.76 1.09 -2.26
CA CYS A 45 7.26 -0.18 -1.72
C CYS A 45 7.07 -1.30 -2.73
N LEU A 46 5.93 -1.30 -3.41
CA LEU A 46 5.63 -2.32 -4.40
C LEU A 46 6.62 -2.27 -5.55
N GLU A 47 7.13 -1.08 -5.84
CA GLU A 47 8.10 -0.90 -6.92
C GLU A 47 9.43 -1.55 -6.56
N LYS A 48 9.94 -1.24 -5.38
CA LYS A 48 11.22 -1.79 -4.93
C LYS A 48 11.21 -3.31 -5.03
N LEU A 49 10.03 -3.91 -4.85
CA LEU A 49 9.89 -5.36 -4.91
C LEU A 49 9.82 -5.83 -6.36
N LEU A 50 9.00 -5.16 -7.16
CA LEU A 50 8.84 -5.51 -8.57
C LEU A 50 10.17 -5.39 -9.31
N ALA A 51 10.92 -4.33 -9.00
CA ALA A 51 12.21 -4.11 -9.63
C ALA A 51 13.14 -5.30 -9.45
N SER A 52 13.45 -5.61 -8.20
CA SER A 52 14.34 -6.73 -7.90
C SER A 52 13.75 -8.04 -8.42
N SER A 53 12.43 -8.17 -8.32
CA SER A 53 11.75 -9.37 -8.78
C SER A 53 12.03 -9.63 -10.25
N ILE A 54 11.36 -10.63 -10.81
CA ILE A 54 11.54 -10.98 -12.22
C ILE A 54 10.25 -10.76 -13.00
N ASN A 55 9.16 -11.36 -12.53
CA ASN A 55 7.87 -11.22 -13.19
C ASN A 55 6.77 -10.94 -12.17
N GLY A 56 6.87 -11.57 -11.00
CA GLY A 56 5.88 -11.37 -9.96
C GLY A 56 6.45 -10.69 -8.74
N VAL A 57 5.59 -10.02 -7.98
CA VAL A 57 6.01 -9.31 -6.78
C VAL A 57 5.78 -10.17 -5.53
N ARG A 58 6.85 -10.44 -4.81
CA ARG A 58 6.76 -11.25 -3.59
C ARG A 58 6.36 -10.39 -2.40
N CYS A 59 5.18 -10.67 -1.84
CA CYS A 59 4.68 -9.92 -0.70
C CYS A 59 5.41 -10.32 0.58
N PRO A 60 6.08 -9.35 1.21
CA PRO A 60 6.82 -9.58 2.45
C PRO A 60 5.91 -9.85 3.64
N PHE A 61 4.62 -9.92 3.37
CA PHE A 61 3.63 -10.18 4.42
C PHE A 61 3.15 -11.62 4.37
N CYS A 62 2.68 -12.04 3.21
CA CYS A 62 2.19 -13.41 3.02
C CYS A 62 3.15 -14.23 2.16
N SER A 63 4.07 -13.54 1.49
CA SER A 63 5.04 -14.19 0.63
C SER A 63 4.36 -14.84 -0.57
N LYS A 64 3.33 -14.19 -1.09
CA LYS A 64 2.59 -14.68 -2.24
C LYS A 64 2.89 -13.85 -3.48
N ILE A 65 3.33 -14.51 -4.54
CA ILE A 65 3.64 -13.84 -5.79
C ILE A 65 2.38 -13.31 -6.47
N THR A 66 2.37 -12.02 -6.77
CA THR A 66 1.23 -11.39 -7.42
C THR A 66 1.15 -11.80 -8.88
N ARG A 67 2.29 -12.01 -9.51
CA ARG A 67 2.35 -12.40 -10.91
C ARG A 67 1.79 -11.29 -11.81
N ILE A 68 2.36 -10.10 -11.67
CA ILE A 68 1.92 -8.95 -12.47
C ILE A 68 3.10 -8.29 -13.17
N THR A 69 2.93 -7.99 -14.46
CA THR A 69 3.98 -7.36 -15.24
C THR A 69 3.74 -5.85 -15.35
N SER A 70 3.05 -5.29 -14.37
CA SER A 70 2.76 -3.87 -14.35
C SER A 70 2.11 -3.45 -13.03
N LEU A 71 2.35 -2.21 -12.63
CA LEU A 71 1.79 -1.69 -11.38
C LEU A 71 0.27 -1.64 -11.45
N THR A 72 -0.26 -1.35 -12.63
CA THR A 72 -1.70 -1.27 -12.82
C THR A 72 -2.31 -2.66 -12.99
N GLN A 73 -1.48 -3.63 -13.36
CA GLN A 73 -1.93 -5.00 -13.55
C GLN A 73 -2.63 -5.53 -12.31
N LEU A 74 -1.87 -5.62 -11.22
CA LEU A 74 -2.41 -6.11 -9.96
C LEU A 74 -3.71 -5.38 -9.60
N THR A 75 -4.26 -5.71 -8.43
CA THR A 75 -5.50 -5.08 -7.98
C THR A 75 -5.23 -3.75 -7.29
N ASP A 76 -6.03 -2.75 -7.63
CA ASP A 76 -5.87 -1.41 -7.06
C ASP A 76 -6.48 -1.35 -5.65
N ASN A 77 -6.06 -0.37 -4.87
CA ASN A 77 -6.57 -0.20 -3.51
C ASN A 77 -7.06 1.23 -3.28
N LEU A 78 -8.13 1.59 -3.98
CA LEU A 78 -8.69 2.93 -3.86
C LEU A 78 -9.59 3.02 -2.63
N THR A 79 -9.56 1.99 -1.80
CA THR A 79 -10.37 1.95 -0.58
C THR A 79 -9.74 2.79 0.52
N VAL A 80 -8.45 3.08 0.38
CA VAL A 80 -7.73 3.87 1.37
C VAL A 80 -7.96 5.37 1.14
N LEU A 81 -8.35 5.72 -0.08
CA LEU A 81 -8.59 7.11 -0.43
C LEU A 81 -10.00 7.53 -0.01
N LYS A 82 -10.96 6.62 -0.16
CA LYS A 82 -12.34 6.90 0.20
C LYS A 82 -12.44 7.36 1.65
N SER A 83 -13.23 8.41 1.88
CA SER A 83 -13.41 8.94 3.22
C SER A 83 -13.53 7.83 4.25
N GLY A 84 -14.40 6.87 3.96
CA GLY A 84 -14.59 5.75 4.87
C GLY A 84 -15.61 6.06 5.96
N PRO A 85 -16.63 5.21 6.07
CA PRO A 85 -17.69 5.38 7.07
C PRO A 85 -17.19 5.12 8.50
N SER A 86 -17.68 5.91 9.45
CA SER A 86 -17.28 5.76 10.84
C SER A 86 -18.50 5.67 11.75
N SER A 87 -19.50 4.91 11.31
CA SER A 87 -20.73 4.74 12.08
C SER A 87 -20.80 3.34 12.69
N GLY A 88 -19.67 2.86 13.21
CA GLY A 88 -19.64 1.54 13.81
C GLY A 88 -19.68 0.44 12.77
ZN ZN B . 5.02 1.64 1.49
ZN ZN C . 0.39 -10.20 1.12
N GLY A 1 19.52 16.08 9.37
CA GLY A 1 18.19 15.76 9.85
C GLY A 1 18.15 14.45 10.61
N SER A 2 17.03 14.18 11.28
CA SER A 2 16.88 12.96 12.05
C SER A 2 15.45 12.84 12.58
N SER A 3 15.16 11.71 13.23
CA SER A 3 13.83 11.47 13.78
C SER A 3 13.83 10.22 14.67
N GLY A 4 12.83 10.11 15.53
CA GLY A 4 12.74 8.97 16.41
C GLY A 4 11.37 8.84 17.05
N SER A 5 11.33 8.61 18.35
CA SER A 5 10.07 8.46 19.07
C SER A 5 9.07 7.66 18.25
N SER A 6 9.55 6.59 17.62
CA SER A 6 8.69 5.74 16.80
C SER A 6 7.43 5.34 17.56
N GLY A 7 6.31 5.96 17.18
CA GLY A 7 5.05 5.66 17.84
C GLY A 7 4.07 4.98 16.91
N ASN A 8 3.77 3.71 17.17
CA ASN A 8 2.84 2.96 16.36
C ASN A 8 1.44 2.94 16.99
N LEU A 9 0.49 3.59 16.32
CA LEU A 9 -0.88 3.64 16.83
C LEU A 9 -1.84 4.10 15.73
N ASP A 10 -3.08 3.61 15.79
CA ASP A 10 -4.09 3.97 14.81
C ASP A 10 -5.49 3.83 15.40
N ALA A 11 -6.29 4.89 15.31
CA ALA A 11 -7.64 4.88 15.82
C ALA A 11 -8.56 4.05 14.93
N LEU A 12 -8.67 4.44 13.67
CA LEU A 12 -9.52 3.73 12.72
C LEU A 12 -9.10 2.26 12.60
N ARG A 13 -9.88 1.49 11.85
CA ARG A 13 -9.58 0.07 11.66
C ARG A 13 -9.31 -0.23 10.19
N GLU A 14 -8.58 0.68 9.53
CA GLU A 14 -8.25 0.51 8.13
C GLU A 14 -6.74 0.60 7.90
N VAL A 15 -6.30 0.27 6.70
CA VAL A 15 -4.89 0.30 6.36
C VAL A 15 -4.55 1.56 5.56
N LEU A 16 -5.27 2.63 5.82
CA LEU A 16 -5.06 3.90 5.12
C LEU A 16 -3.56 4.16 4.92
N GLU A 17 -2.74 3.57 5.79
CA GLU A 17 -1.29 3.74 5.72
C GLU A 17 -0.63 2.45 5.24
N CYS A 18 0.61 2.58 4.78
CA CYS A 18 1.37 1.44 4.29
C CYS A 18 1.93 0.63 5.45
N PRO A 19 1.81 -0.70 5.36
CA PRO A 19 2.29 -1.62 6.39
C PRO A 19 3.82 -1.68 6.44
N ILE A 20 4.46 -0.91 5.56
CA ILE A 20 5.93 -0.87 5.51
C ILE A 20 6.45 0.49 5.98
N CYS A 21 6.30 1.50 5.13
CA CYS A 21 6.76 2.84 5.46
C CYS A 21 5.82 3.51 6.45
N MET A 22 4.54 3.15 6.38
CA MET A 22 3.53 3.72 7.28
C MET A 22 3.19 5.15 6.88
N GLU A 23 2.98 5.37 5.58
CA GLU A 23 2.65 6.69 5.07
C GLU A 23 1.27 6.69 4.41
N SER A 24 0.45 7.66 4.76
CA SER A 24 -0.90 7.78 4.20
C SER A 24 -0.86 7.69 2.68
N PHE A 25 -1.70 6.82 2.13
CA PHE A 25 -1.77 6.64 0.68
C PHE A 25 -2.29 7.90 0.00
N THR A 26 -1.42 8.57 -0.74
CA THR A 26 -1.80 9.79 -1.45
C THR A 26 -2.10 9.51 -2.92
N GLU A 27 -3.03 10.28 -3.48
CA GLU A 27 -3.42 10.10 -4.88
C GLU A 27 -2.24 10.41 -5.80
N GLU A 28 -1.36 11.30 -5.36
CA GLU A 28 -0.20 11.68 -6.16
C GLU A 28 0.91 10.66 -6.01
N GLN A 29 1.52 10.61 -4.82
CA GLN A 29 2.60 9.67 -4.54
C GLN A 29 2.12 8.52 -3.66
N LEU A 30 3.05 7.66 -3.28
CA LEU A 30 2.72 6.51 -2.43
C LEU A 30 1.34 5.96 -2.78
N ARG A 31 1.03 5.93 -4.07
CA ARG A 31 -0.27 5.43 -4.54
C ARG A 31 -0.56 4.05 -3.94
N PRO A 32 -1.80 3.88 -3.46
CA PRO A 32 -2.23 2.61 -2.84
C PRO A 32 -2.37 1.49 -3.86
N LYS A 33 -1.82 0.32 -3.54
CA LYS A 33 -1.88 -0.83 -4.42
C LYS A 33 -2.26 -2.09 -3.65
N LEU A 34 -3.16 -2.87 -4.22
CA LEU A 34 -3.61 -4.11 -3.58
C LEU A 34 -3.01 -5.33 -4.28
N LEU A 35 -2.52 -6.27 -3.49
CA LEU A 35 -1.93 -7.49 -4.04
C LEU A 35 -2.95 -8.62 -4.12
N HIS A 36 -2.64 -9.63 -4.91
CA HIS A 36 -3.54 -10.78 -5.08
C HIS A 36 -3.78 -11.48 -3.75
N CYS A 37 -3.02 -11.08 -2.73
CA CYS A 37 -3.15 -11.67 -1.41
C CYS A 37 -4.18 -10.93 -0.57
N GLY A 38 -4.10 -9.60 -0.58
CA GLY A 38 -5.03 -8.80 0.18
C GLY A 38 -4.37 -7.59 0.82
N HIS A 39 -3.10 -7.74 1.16
CA HIS A 39 -2.35 -6.66 1.79
C HIS A 39 -2.24 -5.45 0.86
N THR A 40 -2.23 -4.25 1.44
CA THR A 40 -2.13 -3.03 0.67
C THR A 40 -0.81 -2.31 0.93
N ILE A 41 0.01 -2.17 -0.10
CA ILE A 41 1.30 -1.50 0.01
C ILE A 41 1.38 -0.31 -0.93
N CYS A 42 2.17 0.69 -0.54
CA CYS A 42 2.35 1.89 -1.34
C CYS A 42 3.20 1.60 -2.57
N ARG A 43 2.81 2.16 -3.71
CA ARG A 43 3.55 1.96 -4.95
C ARG A 43 5.05 2.09 -4.72
N GLN A 44 5.43 2.95 -3.77
CA GLN A 44 6.83 3.18 -3.46
C GLN A 44 7.51 1.87 -3.04
N CYS A 45 6.92 1.19 -2.06
CA CYS A 45 7.46 -0.06 -1.56
C CYS A 45 7.29 -1.18 -2.58
N LEU A 46 6.16 -1.16 -3.28
CA LEU A 46 5.87 -2.17 -4.29
C LEU A 46 6.88 -2.09 -5.44
N GLU A 47 7.19 -0.88 -5.87
CA GLU A 47 8.14 -0.67 -6.95
C GLU A 47 9.49 -1.32 -6.63
N LYS A 48 9.99 -1.05 -5.43
CA LYS A 48 11.27 -1.60 -4.99
C LYS A 48 11.26 -3.13 -5.09
N LEU A 49 10.08 -3.72 -4.92
CA LEU A 49 9.94 -5.17 -4.99
C LEU A 49 9.88 -5.64 -6.44
N LEU A 50 9.00 -5.03 -7.22
CA LEU A 50 8.84 -5.39 -8.62
C LEU A 50 10.14 -5.19 -9.38
N ALA A 51 10.85 -4.11 -9.07
CA ALA A 51 12.13 -3.82 -9.72
C ALA A 51 12.97 -5.08 -9.87
N SER A 52 13.32 -5.69 -8.74
CA SER A 52 14.14 -6.89 -8.75
C SER A 52 13.35 -8.08 -9.31
N SER A 53 12.21 -8.37 -8.68
CA SER A 53 11.36 -9.48 -9.11
C SER A 53 11.03 -9.36 -10.60
N ILE A 54 10.74 -10.50 -11.22
CA ILE A 54 10.42 -10.54 -12.63
C ILE A 54 9.19 -11.40 -12.90
N ASN A 55 9.05 -12.47 -12.12
CA ASN A 55 7.92 -13.38 -12.27
C ASN A 55 6.87 -13.12 -11.19
N GLY A 56 6.58 -11.84 -10.95
CA GLY A 56 5.60 -11.48 -9.95
C GLY A 56 6.23 -10.84 -8.73
N VAL A 57 5.46 -10.00 -8.03
CA VAL A 57 5.95 -9.32 -6.84
C VAL A 57 5.65 -10.13 -5.58
N ARG A 58 6.71 -10.60 -4.93
CA ARG A 58 6.56 -11.39 -3.70
C ARG A 58 6.27 -10.49 -2.51
N CYS A 59 5.07 -10.61 -1.96
CA CYS A 59 4.68 -9.81 -0.81
C CYS A 59 5.51 -10.17 0.42
N PRO A 60 6.12 -9.14 1.04
CA PRO A 60 6.96 -9.33 2.23
C PRO A 60 6.14 -9.70 3.46
N PHE A 61 4.83 -9.89 3.27
CA PHE A 61 3.94 -10.25 4.36
C PHE A 61 3.50 -11.70 4.24
N CYS A 62 2.84 -12.03 3.14
CA CYS A 62 2.35 -13.38 2.90
C CYS A 62 3.23 -14.10 1.88
N SER A 63 4.03 -13.34 1.15
CA SER A 63 4.91 -13.90 0.14
C SER A 63 4.13 -14.66 -0.91
N LYS A 64 3.11 -14.02 -1.47
CA LYS A 64 2.26 -14.65 -2.49
C LYS A 64 2.44 -13.96 -3.83
N ILE A 65 3.40 -14.43 -4.62
CA ILE A 65 3.66 -13.87 -5.94
C ILE A 65 2.37 -13.34 -6.58
N THR A 66 2.39 -12.07 -6.96
CA THR A 66 1.22 -11.46 -7.59
C THR A 66 1.19 -11.74 -9.09
N ARG A 67 2.36 -11.92 -9.67
CA ARG A 67 2.46 -12.21 -11.10
C ARG A 67 1.95 -11.02 -11.93
N ILE A 68 2.51 -9.85 -11.68
CA ILE A 68 2.10 -8.64 -12.40
C ILE A 68 3.32 -7.91 -12.96
N THR A 69 3.42 -7.88 -14.29
CA THR A 69 4.53 -7.21 -14.95
C THR A 69 4.55 -5.73 -14.63
N SER A 70 3.38 -5.11 -14.60
CA SER A 70 3.26 -3.68 -14.31
C SER A 70 2.59 -3.47 -12.95
N LEU A 71 2.42 -2.20 -12.58
CA LEU A 71 1.80 -1.86 -11.30
C LEU A 71 0.28 -1.83 -11.43
N THR A 72 -0.21 -1.19 -12.49
CA THR A 72 -1.64 -1.09 -12.74
C THR A 72 -2.26 -2.46 -12.93
N GLN A 73 -1.42 -3.48 -13.06
CA GLN A 73 -1.89 -4.84 -13.25
C GLN A 73 -2.55 -5.38 -11.99
N LEU A 74 -1.76 -5.53 -10.93
CA LEU A 74 -2.26 -6.03 -9.66
C LEU A 74 -3.57 -5.33 -9.28
N THR A 75 -4.20 -5.80 -8.21
CA THR A 75 -5.45 -5.23 -7.74
C THR A 75 -5.23 -3.83 -7.17
N ASP A 76 -6.04 -2.88 -7.62
CA ASP A 76 -5.94 -1.50 -7.15
C ASP A 76 -6.66 -1.34 -5.82
N ASN A 77 -6.11 -0.46 -4.97
CA ASN A 77 -6.71 -0.20 -3.66
C ASN A 77 -7.21 1.24 -3.56
N LEU A 78 -8.27 1.53 -4.31
CA LEU A 78 -8.86 2.87 -4.31
C LEU A 78 -9.79 3.05 -3.11
N THR A 79 -9.68 2.15 -2.14
CA THR A 79 -10.51 2.21 -0.95
C THR A 79 -9.86 3.07 0.12
N VAL A 80 -8.55 3.30 -0.02
CA VAL A 80 -7.81 4.10 0.95
C VAL A 80 -7.93 5.59 0.63
N LEU A 81 -8.32 5.89 -0.61
CA LEU A 81 -8.47 7.28 -1.04
C LEU A 81 -9.90 7.75 -0.83
N LYS A 82 -10.85 6.84 -0.98
CA LYS A 82 -12.26 7.17 -0.80
C LYS A 82 -12.67 7.06 0.67
N SER A 83 -13.79 7.67 1.01
CA SER A 83 -14.29 7.64 2.39
C SER A 83 -15.68 7.03 2.45
N GLY A 84 -15.77 5.78 2.90
CA GLY A 84 -17.04 5.11 3.00
C GLY A 84 -17.97 5.77 4.00
N PRO A 85 -19.27 5.79 3.69
CA PRO A 85 -20.28 6.39 4.56
C PRO A 85 -20.51 5.58 5.84
N SER A 86 -19.59 4.67 6.12
CA SER A 86 -19.68 3.83 7.31
C SER A 86 -20.44 4.55 8.42
N SER A 87 -20.12 5.83 8.62
CA SER A 87 -20.76 6.63 9.66
C SER A 87 -20.92 8.08 9.21
N GLY A 88 -22.17 8.51 9.03
CA GLY A 88 -22.43 9.87 8.60
C GLY A 88 -23.61 10.48 9.31
ZN ZN B . 5.32 1.67 1.83
ZN ZN C . 0.49 -10.04 1.28
N GLY A 1 20.17 17.17 17.98
CA GLY A 1 18.77 16.98 17.63
C GLY A 1 18.05 16.09 18.61
N SER A 2 16.90 15.56 18.19
CA SER A 2 16.10 14.68 19.04
C SER A 2 14.96 14.05 18.25
N SER A 3 14.41 12.97 18.80
CA SER A 3 13.31 12.27 18.13
C SER A 3 12.15 12.06 19.10
N GLY A 4 12.45 11.54 20.29
CA GLY A 4 11.42 11.29 21.27
C GLY A 4 11.08 9.83 21.42
N SER A 5 10.12 9.52 22.29
CA SER A 5 9.71 8.13 22.52
C SER A 5 8.26 8.07 22.99
N SER A 6 7.49 7.18 22.39
CA SER A 6 6.08 7.01 22.75
C SER A 6 5.52 5.73 22.15
N GLY A 7 4.72 5.02 22.94
CA GLY A 7 4.12 3.79 22.46
C GLY A 7 3.23 3.99 21.25
N ASN A 8 2.37 3.02 20.98
CA ASN A 8 1.46 3.09 19.84
C ASN A 8 0.30 2.13 20.01
N LEU A 9 -0.81 2.41 19.31
CA LEU A 9 -1.99 1.57 19.38
C LEU A 9 -3.02 1.99 18.34
N ASP A 10 -3.76 1.02 17.82
CA ASP A 10 -4.78 1.28 16.82
C ASP A 10 -5.83 0.17 16.80
N ALA A 11 -7.08 0.55 17.06
CA ALA A 11 -8.18 -0.40 17.08
C ALA A 11 -8.70 -0.67 15.66
N LEU A 12 -8.93 0.40 14.91
CA LEU A 12 -9.43 0.27 13.55
C LEU A 12 -8.75 -0.88 12.83
N ARG A 13 -9.36 -1.33 11.74
CA ARG A 13 -8.82 -2.42 10.95
C ARG A 13 -8.33 -1.94 9.59
N GLU A 14 -8.78 -0.75 9.19
CA GLU A 14 -8.38 -0.17 7.92
C GLU A 14 -6.88 0.05 7.87
N VAL A 15 -6.36 0.19 6.66
CA VAL A 15 -4.92 0.40 6.46
C VAL A 15 -4.66 1.69 5.67
N LEU A 16 -5.28 2.78 6.11
CA LEU A 16 -5.11 4.07 5.45
C LEU A 16 -3.63 4.38 5.22
N GLU A 17 -2.77 3.71 6.00
CA GLU A 17 -1.33 3.92 5.88
C GLU A 17 -0.63 2.62 5.47
N CYS A 18 0.34 2.73 4.57
CA CYS A 18 1.08 1.57 4.10
C CYS A 18 1.63 0.76 5.27
N PRO A 19 1.47 -0.57 5.20
CA PRO A 19 1.94 -1.48 6.25
C PRO A 19 3.46 -1.56 6.30
N ILE A 20 4.11 -0.83 5.41
CA ILE A 20 5.58 -0.83 5.35
C ILE A 20 6.14 0.52 5.79
N CYS A 21 6.02 1.52 4.91
CA CYS A 21 6.52 2.86 5.21
C CYS A 21 5.62 3.55 6.22
N MET A 22 4.34 3.21 6.21
CA MET A 22 3.38 3.81 7.13
C MET A 22 3.09 5.25 6.75
N GLU A 23 2.83 5.48 5.46
CA GLU A 23 2.53 6.82 4.96
C GLU A 23 1.14 6.87 4.35
N SER A 24 0.42 7.96 4.62
CA SER A 24 -0.92 8.14 4.10
C SER A 24 -0.96 7.89 2.59
N PHE A 25 -1.94 7.11 2.15
CA PHE A 25 -2.09 6.79 0.74
C PHE A 25 -2.67 7.98 -0.03
N THR A 26 -1.81 8.71 -0.73
CA THR A 26 -2.23 9.87 -1.50
C THR A 26 -1.86 9.71 -2.97
N GLU A 27 -2.80 10.06 -3.85
CA GLU A 27 -2.57 9.96 -5.29
C GLU A 27 -1.69 11.10 -5.78
N GLU A 28 -0.60 11.35 -5.07
CA GLU A 28 0.33 12.41 -5.43
C GLU A 28 1.78 11.93 -5.38
N GLN A 29 2.09 11.11 -4.38
CA GLN A 29 3.43 10.57 -4.22
C GLN A 29 3.38 9.08 -3.91
N LEU A 30 2.45 8.68 -3.05
CA LEU A 30 2.30 7.28 -2.68
C LEU A 30 0.90 6.77 -3.02
N ARG A 31 0.82 5.88 -4.01
CA ARG A 31 -0.45 5.31 -4.43
C ARG A 31 -0.64 3.92 -3.85
N PRO A 32 -1.82 3.68 -3.24
CA PRO A 32 -2.15 2.39 -2.63
C PRO A 32 -2.37 1.29 -3.68
N LYS A 33 -1.67 0.17 -3.49
CA LYS A 33 -1.78 -0.95 -4.42
C LYS A 33 -2.21 -2.21 -3.69
N LEU A 34 -3.03 -3.02 -4.35
CA LEU A 34 -3.51 -4.27 -3.76
C LEU A 34 -2.92 -5.48 -4.47
N LEU A 35 -2.40 -6.42 -3.69
CA LEU A 35 -1.80 -7.63 -4.25
C LEU A 35 -2.81 -8.76 -4.31
N HIS A 36 -2.51 -9.78 -5.12
CA HIS A 36 -3.40 -10.93 -5.26
C HIS A 36 -3.59 -11.65 -3.93
N CYS A 37 -2.81 -11.24 -2.93
CA CYS A 37 -2.90 -11.84 -1.60
C CYS A 37 -3.96 -11.15 -0.75
N GLY A 38 -3.96 -9.82 -0.78
CA GLY A 38 -4.93 -9.07 -0.01
C GLY A 38 -4.30 -7.86 0.67
N HIS A 39 -3.02 -7.97 1.00
CA HIS A 39 -2.31 -6.89 1.67
C HIS A 39 -2.20 -5.66 0.76
N THR A 40 -2.28 -4.48 1.34
CA THR A 40 -2.20 -3.24 0.59
C THR A 40 -0.88 -2.53 0.84
N ILE A 41 -0.18 -2.18 -0.24
CA ILE A 41 1.11 -1.50 -0.12
C ILE A 41 1.20 -0.35 -1.12
N CYS A 42 1.94 0.69 -0.74
CA CYS A 42 2.11 1.85 -1.60
C CYS A 42 3.00 1.53 -2.80
N ARG A 43 2.74 2.18 -3.92
CA ARG A 43 3.52 1.96 -5.14
C ARG A 43 5.02 2.10 -4.86
N GLN A 44 5.35 2.98 -3.92
CA GLN A 44 6.75 3.22 -3.56
C GLN A 44 7.41 1.93 -3.10
N CYS A 45 6.72 1.19 -2.22
CA CYS A 45 7.25 -0.06 -1.70
C CYS A 45 7.05 -1.20 -2.70
N LEU A 46 5.95 -1.13 -3.44
CA LEU A 46 5.64 -2.16 -4.43
C LEU A 46 6.66 -2.14 -5.57
N GLU A 47 7.10 -0.94 -5.94
CA GLU A 47 8.08 -0.78 -7.01
C GLU A 47 9.40 -1.47 -6.66
N LYS A 48 9.90 -1.18 -5.47
CA LYS A 48 11.15 -1.76 -5.01
C LYS A 48 11.12 -3.28 -5.13
N LEU A 49 9.96 -3.87 -4.84
CA LEU A 49 9.79 -5.32 -4.92
C LEU A 49 9.79 -5.78 -6.37
N LEU A 50 8.90 -5.20 -7.16
CA LEU A 50 8.79 -5.56 -8.58
C LEU A 50 10.14 -5.45 -9.28
N ALA A 51 10.87 -4.36 -8.98
CA ALA A 51 12.17 -4.14 -9.58
C ALA A 51 13.00 -5.42 -9.59
N SER A 52 13.28 -5.95 -8.40
CA SER A 52 14.06 -7.18 -8.28
C SER A 52 13.37 -8.35 -8.95
N SER A 53 12.26 -8.79 -8.35
CA SER A 53 11.50 -9.91 -8.90
C SER A 53 11.21 -9.70 -10.38
N ILE A 54 10.82 -10.78 -11.06
CA ILE A 54 10.52 -10.70 -12.49
C ILE A 54 9.20 -11.40 -12.80
N ASN A 55 9.00 -12.58 -12.21
CA ASN A 55 7.78 -13.35 -12.42
C ASN A 55 6.72 -12.97 -11.39
N GLY A 56 6.56 -11.68 -11.16
CA GLY A 56 5.57 -11.21 -10.21
C GLY A 56 6.20 -10.42 -9.07
N VAL A 57 5.42 -10.17 -8.02
CA VAL A 57 5.90 -9.43 -6.87
C VAL A 57 5.72 -10.23 -5.58
N ARG A 58 6.84 -10.50 -4.90
CA ARG A 58 6.80 -11.25 -3.65
C ARG A 58 6.42 -10.36 -2.47
N CYS A 59 5.30 -10.69 -1.83
CA CYS A 59 4.83 -9.91 -0.69
C CYS A 59 5.64 -10.24 0.57
N PRO A 60 6.25 -9.20 1.16
CA PRO A 60 7.06 -9.34 2.37
C PRO A 60 6.22 -9.69 3.60
N PHE A 61 4.92 -9.87 3.38
CA PHE A 61 4.01 -10.20 4.47
C PHE A 61 3.58 -11.66 4.41
N CYS A 62 2.99 -12.05 3.28
CA CYS A 62 2.54 -13.42 3.08
C CYS A 62 3.47 -14.18 2.15
N SER A 63 4.19 -13.44 1.30
CA SER A 63 5.12 -14.04 0.36
C SER A 63 4.37 -14.70 -0.80
N LYS A 64 3.35 -14.02 -1.31
CA LYS A 64 2.55 -14.54 -2.41
C LYS A 64 2.77 -13.71 -3.68
N ILE A 65 3.46 -14.30 -4.65
CA ILE A 65 3.74 -13.62 -5.90
C ILE A 65 2.45 -13.08 -6.53
N THR A 66 2.47 -11.80 -6.88
CA THR A 66 1.30 -11.17 -7.48
C THR A 66 1.14 -11.59 -8.94
N ARG A 67 2.25 -11.94 -9.58
CA ARG A 67 2.23 -12.37 -10.97
C ARG A 67 1.72 -11.25 -11.88
N ILE A 68 2.36 -10.08 -11.79
CA ILE A 68 1.98 -8.94 -12.60
C ILE A 68 3.19 -8.29 -13.24
N THR A 69 3.01 -7.76 -14.45
CA THR A 69 4.08 -7.11 -15.19
C THR A 69 4.16 -5.63 -14.85
N SER A 70 3.01 -4.99 -14.69
CA SER A 70 2.94 -3.57 -14.37
C SER A 70 2.26 -3.36 -13.02
N LEU A 71 2.36 -2.14 -12.51
CA LEU A 71 1.76 -1.79 -11.23
C LEU A 71 0.24 -1.70 -11.35
N THR A 72 -0.23 -1.31 -12.53
CA THR A 72 -1.66 -1.19 -12.78
C THR A 72 -2.31 -2.55 -12.96
N GLN A 73 -1.53 -3.53 -13.39
CA GLN A 73 -2.02 -4.88 -13.60
C GLN A 73 -2.64 -5.45 -12.31
N LEU A 74 -1.83 -5.51 -11.26
CA LEU A 74 -2.29 -6.02 -9.98
C LEU A 74 -3.57 -5.32 -9.53
N THR A 75 -4.16 -5.81 -8.45
CA THR A 75 -5.39 -5.22 -7.92
C THR A 75 -5.12 -3.85 -7.30
N ASP A 76 -5.94 -2.88 -7.66
CA ASP A 76 -5.79 -1.52 -7.15
C ASP A 76 -6.49 -1.38 -5.79
N ASN A 77 -5.93 -0.53 -4.93
CA ASN A 77 -6.50 -0.31 -3.61
C ASN A 77 -6.96 1.14 -3.45
N LEU A 78 -8.02 1.50 -4.15
CA LEU A 78 -8.57 2.85 -4.08
C LEU A 78 -9.54 2.99 -2.91
N THR A 79 -9.47 2.05 -1.98
CA THR A 79 -10.34 2.07 -0.81
C THR A 79 -9.80 3.01 0.26
N VAL A 80 -8.48 3.07 0.37
CA VAL A 80 -7.84 3.94 1.36
C VAL A 80 -8.02 5.40 0.99
N LEU A 81 -8.17 5.69 -0.29
CA LEU A 81 -8.35 7.05 -0.76
C LEU A 81 -9.78 7.53 -0.52
N LYS A 82 -10.74 6.61 -0.64
CA LYS A 82 -12.14 6.94 -0.43
C LYS A 82 -12.43 7.14 1.05
N SER A 83 -13.34 8.07 1.35
CA SER A 83 -13.70 8.36 2.72
C SER A 83 -15.07 7.76 3.06
N GLY A 84 -15.05 6.56 3.65
CA GLY A 84 -16.29 5.90 4.01
C GLY A 84 -17.01 5.34 2.81
N PRO A 85 -17.84 4.31 3.04
CA PRO A 85 -18.62 3.65 1.98
C PRO A 85 -19.74 4.55 1.45
N SER A 86 -19.75 4.74 0.14
CA SER A 86 -20.76 5.57 -0.51
C SER A 86 -21.42 4.84 -1.67
N SER A 87 -20.60 4.19 -2.49
CA SER A 87 -21.09 3.45 -3.65
C SER A 87 -20.44 2.07 -3.73
N GLY A 88 -19.14 2.02 -3.53
CA GLY A 88 -18.42 0.77 -3.58
C GLY A 88 -19.18 -0.36 -2.91
ZN ZN B . 5.00 1.81 1.60
ZN ZN C . 0.54 -10.24 1.20
N GLY A 1 21.06 15.78 4.42
CA GLY A 1 20.24 15.30 5.52
C GLY A 1 20.50 16.04 6.81
N SER A 2 19.99 17.27 6.90
CA SER A 2 20.17 18.08 8.10
C SER A 2 19.58 17.41 9.32
N SER A 3 18.29 17.08 9.25
CA SER A 3 17.61 16.42 10.35
C SER A 3 16.26 15.86 9.89
N GLY A 4 15.67 15.00 10.72
CA GLY A 4 14.39 14.41 10.39
C GLY A 4 13.45 14.38 11.58
N SER A 5 12.22 13.94 11.33
CA SER A 5 11.22 13.86 12.40
C SER A 5 10.59 12.46 12.45
N SER A 6 9.78 12.22 13.47
CA SER A 6 9.13 10.93 13.65
C SER A 6 7.79 11.09 14.35
N GLY A 7 7.03 10.00 14.43
CA GLY A 7 5.74 10.03 15.08
C GLY A 7 4.92 8.78 14.84
N ASN A 8 3.93 8.55 15.69
CA ASN A 8 3.07 7.37 15.55
C ASN A 8 1.73 7.59 16.25
N LEU A 9 0.66 7.07 15.64
CA LEU A 9 -0.67 7.21 16.20
C LEU A 9 -1.68 6.41 15.40
N ASP A 10 -2.47 5.58 16.08
CA ASP A 10 -3.48 4.77 15.43
C ASP A 10 -4.75 4.71 16.27
N ALA A 11 -5.85 5.19 15.70
CA ALA A 11 -7.13 5.19 16.40
C ALA A 11 -8.16 4.35 15.65
N LEU A 12 -8.26 4.57 14.34
CA LEU A 12 -9.20 3.84 13.50
C LEU A 12 -8.68 2.44 13.18
N ARG A 13 -9.57 1.58 12.70
CA ARG A 13 -9.19 0.22 12.36
C ARG A 13 -9.02 0.07 10.84
N GLU A 14 -8.42 1.07 10.22
CA GLU A 14 -8.19 1.06 8.79
C GLU A 14 -6.71 1.16 8.47
N VAL A 15 -6.31 0.62 7.31
CA VAL A 15 -4.92 0.65 6.89
C VAL A 15 -4.65 1.84 5.99
N LEU A 16 -5.20 3.00 6.35
CA LEU A 16 -5.00 4.22 5.57
C LEU A 16 -3.53 4.46 5.28
N GLU A 17 -2.66 3.85 6.10
CA GLU A 17 -1.23 4.00 5.93
C GLU A 17 -0.60 2.68 5.47
N CYS A 18 0.43 2.79 4.64
CA CYS A 18 1.13 1.60 4.14
C CYS A 18 1.65 0.75 5.28
N PRO A 19 1.46 -0.58 5.16
CA PRO A 19 1.90 -1.54 6.18
C PRO A 19 3.41 -1.66 6.24
N ILE A 20 4.10 -0.93 5.37
CA ILE A 20 5.56 -0.96 5.32
C ILE A 20 6.15 0.38 5.76
N CYS A 21 6.04 1.38 4.90
CA CYS A 21 6.57 2.71 5.19
C CYS A 21 5.65 3.45 6.18
N MET A 22 4.37 3.13 6.13
CA MET A 22 3.39 3.76 7.02
C MET A 22 3.19 5.22 6.63
N GLU A 23 3.07 5.49 5.34
CA GLU A 23 2.87 6.85 4.86
C GLU A 23 1.50 6.98 4.20
N SER A 24 0.72 7.95 4.67
CA SER A 24 -0.62 8.20 4.13
C SER A 24 -0.65 7.93 2.63
N PHE A 25 -1.53 7.02 2.21
CA PHE A 25 -1.66 6.67 0.80
C PHE A 25 -2.04 7.90 -0.03
N THR A 26 -1.07 8.42 -0.78
CA THR A 26 -1.31 9.58 -1.61
C THR A 26 -1.47 9.19 -3.08
N GLU A 27 -2.51 9.74 -3.72
CA GLU A 27 -2.78 9.44 -5.12
C GLU A 27 -1.71 10.05 -6.02
N GLU A 28 -0.96 11.00 -5.48
CA GLU A 28 0.09 11.67 -6.23
C GLU A 28 1.26 10.72 -6.50
N GLN A 29 1.80 10.15 -5.44
CA GLN A 29 2.92 9.22 -5.56
C GLN A 29 2.60 7.89 -4.88
N LEU A 30 2.57 7.91 -3.55
CA LEU A 30 2.29 6.70 -2.77
C LEU A 30 0.85 6.24 -3.02
N ARG A 31 0.65 5.52 -4.13
CA ARG A 31 -0.67 5.01 -4.48
C ARG A 31 -0.89 3.63 -3.86
N PRO A 32 -2.06 3.45 -3.23
CA PRO A 32 -2.43 2.19 -2.59
C PRO A 32 -2.69 1.08 -3.60
N LYS A 33 -1.80 0.09 -3.64
CA LYS A 33 -1.93 -1.03 -4.56
C LYS A 33 -2.28 -2.31 -3.81
N LEU A 34 -3.26 -3.04 -4.32
CA LEU A 34 -3.69 -4.29 -3.70
C LEU A 34 -3.10 -5.49 -4.43
N LEU A 35 -2.39 -6.34 -3.68
CA LEU A 35 -1.77 -7.52 -4.25
C LEU A 35 -2.80 -8.64 -4.44
N HIS A 36 -2.45 -9.63 -5.26
CA HIS A 36 -3.34 -10.75 -5.51
C HIS A 36 -3.60 -11.55 -4.24
N CYS A 37 -2.90 -11.18 -3.16
CA CYS A 37 -3.06 -11.86 -1.88
C CYS A 37 -4.15 -11.19 -1.05
N GLY A 38 -4.12 -9.87 -0.99
CA GLY A 38 -5.11 -9.14 -0.22
C GLY A 38 -4.51 -7.95 0.50
N HIS A 39 -3.25 -8.06 0.88
CA HIS A 39 -2.55 -6.98 1.59
C HIS A 39 -2.41 -5.76 0.69
N THR A 40 -2.41 -4.57 1.31
CA THR A 40 -2.28 -3.33 0.57
C THR A 40 -0.91 -2.69 0.81
N ILE A 41 -0.30 -2.19 -0.27
CA ILE A 41 1.01 -1.55 -0.16
C ILE A 41 1.13 -0.39 -1.15
N CYS A 42 1.88 0.63 -0.75
CA CYS A 42 2.07 1.80 -1.60
C CYS A 42 2.96 1.47 -2.80
N ARG A 43 2.53 1.91 -3.97
CA ARG A 43 3.28 1.66 -5.19
C ARG A 43 4.79 1.79 -4.95
N GLN A 44 5.16 2.75 -4.11
CA GLN A 44 6.56 2.97 -3.79
C GLN A 44 7.24 1.69 -3.34
N CYS A 45 6.67 1.06 -2.31
CA CYS A 45 7.21 -0.18 -1.78
C CYS A 45 7.02 -1.33 -2.76
N LEU A 46 5.88 -1.35 -3.44
CA LEU A 46 5.58 -2.39 -4.41
C LEU A 46 6.56 -2.33 -5.58
N GLU A 47 7.01 -1.13 -5.92
CA GLU A 47 7.96 -0.94 -7.01
C GLU A 47 9.32 -1.50 -6.66
N LYS A 48 9.79 -1.19 -5.46
CA LYS A 48 11.09 -1.66 -4.99
C LYS A 48 11.18 -3.18 -5.09
N LEU A 49 10.06 -3.86 -4.88
CA LEU A 49 10.01 -5.31 -4.95
C LEU A 49 9.91 -5.78 -6.39
N LEU A 50 8.96 -5.21 -7.13
CA LEU A 50 8.76 -5.59 -8.53
C LEU A 50 10.05 -5.41 -9.33
N ALA A 51 10.79 -4.35 -9.04
CA ALA A 51 12.04 -4.07 -9.71
C ALA A 51 13.02 -5.23 -9.55
N SER A 52 13.42 -5.49 -8.30
CA SER A 52 14.35 -6.56 -8.00
C SER A 52 13.83 -7.90 -8.51
N SER A 53 12.53 -8.11 -8.40
CA SER A 53 11.90 -9.34 -8.85
C SER A 53 12.13 -9.55 -10.34
N ILE A 54 11.52 -10.61 -10.89
CA ILE A 54 11.67 -10.93 -12.30
C ILE A 54 10.37 -10.64 -13.05
N ASN A 55 9.27 -11.17 -12.55
CA ASN A 55 7.97 -10.98 -13.18
C ASN A 55 6.91 -10.63 -12.14
N GLY A 56 6.86 -11.40 -11.06
CA GLY A 56 5.90 -11.16 -10.01
C GLY A 56 6.52 -10.53 -8.78
N VAL A 57 5.69 -9.91 -7.95
CA VAL A 57 6.16 -9.26 -6.73
C VAL A 57 5.88 -10.13 -5.51
N ARG A 58 6.92 -10.33 -4.69
CA ARG A 58 6.78 -11.14 -3.49
C ARG A 58 6.31 -10.29 -2.32
N CYS A 59 5.20 -10.68 -1.71
CA CYS A 59 4.64 -9.96 -0.58
C CYS A 59 5.33 -10.36 0.73
N PRO A 60 5.95 -9.38 1.39
CA PRO A 60 6.66 -9.61 2.66
C PRO A 60 5.70 -9.93 3.80
N PHE A 61 4.42 -10.06 3.48
CA PHE A 61 3.41 -10.37 4.48
C PHE A 61 2.96 -11.83 4.37
N CYS A 62 2.44 -12.19 3.21
CA CYS A 62 1.97 -13.55 2.97
C CYS A 62 2.95 -14.33 2.12
N SER A 63 3.91 -13.61 1.53
CA SER A 63 4.92 -14.24 0.68
C SER A 63 4.28 -14.82 -0.57
N LYS A 64 3.26 -14.14 -1.08
CA LYS A 64 2.57 -14.59 -2.28
C LYS A 64 3.07 -13.85 -3.52
N ILE A 65 3.60 -14.60 -4.47
CA ILE A 65 4.12 -14.01 -5.70
C ILE A 65 2.99 -13.45 -6.57
N THR A 66 2.97 -12.14 -6.72
CA THR A 66 1.95 -11.48 -7.52
C THR A 66 2.44 -11.23 -8.95
N ARG A 67 2.05 -12.13 -9.85
CA ARG A 67 2.44 -12.01 -11.25
C ARG A 67 1.81 -10.78 -11.89
N ILE A 68 2.53 -9.66 -11.86
CA ILE A 68 2.04 -8.42 -12.44
C ILE A 68 3.19 -7.49 -12.81
N THR A 69 3.47 -7.39 -14.10
CA THR A 69 4.55 -6.53 -14.58
C THR A 69 4.22 -5.06 -14.38
N SER A 70 2.93 -4.72 -14.52
CA SER A 70 2.48 -3.34 -14.36
C SER A 70 1.73 -3.17 -13.04
N LEU A 71 2.01 -2.07 -12.34
CA LEU A 71 1.36 -1.79 -11.08
C LEU A 71 -0.16 -1.75 -11.24
N THR A 72 -0.61 -1.57 -12.47
CA THR A 72 -2.05 -1.52 -12.76
C THR A 72 -2.64 -2.92 -12.86
N GLN A 73 -1.83 -3.86 -13.31
CA GLN A 73 -2.29 -5.25 -13.44
C GLN A 73 -2.95 -5.74 -12.16
N LEU A 74 -2.16 -5.81 -11.09
CA LEU A 74 -2.67 -6.27 -9.80
C LEU A 74 -3.92 -5.48 -9.41
N THR A 75 -4.53 -5.88 -8.29
CA THR A 75 -5.73 -5.22 -7.80
C THR A 75 -5.40 -3.86 -7.19
N ASP A 76 -6.24 -2.87 -7.47
CA ASP A 76 -6.03 -1.52 -6.95
C ASP A 76 -6.74 -1.36 -5.60
N ASN A 77 -6.18 -0.48 -4.76
CA ASN A 77 -6.76 -0.24 -3.44
C ASN A 77 -7.10 1.25 -3.27
N LEU A 78 -8.06 1.72 -4.05
CA LEU A 78 -8.48 3.12 -3.98
C LEU A 78 -9.47 3.34 -2.83
N THR A 79 -9.45 2.42 -1.87
CA THR A 79 -10.35 2.52 -0.72
C THR A 79 -9.75 3.40 0.36
N VAL A 80 -8.42 3.41 0.45
CA VAL A 80 -7.73 4.22 1.45
C VAL A 80 -7.73 5.70 1.07
N LEU A 81 -7.87 5.96 -0.23
CA LEU A 81 -7.89 7.34 -0.73
C LEU A 81 -9.21 8.02 -0.39
N LYS A 82 -10.29 7.27 -0.50
CA LYS A 82 -11.62 7.80 -0.20
C LYS A 82 -12.00 7.54 1.25
N SER A 83 -12.73 8.47 1.85
CA SER A 83 -13.15 8.34 3.24
C SER A 83 -14.64 8.01 3.33
N GLY A 84 -15.46 8.82 2.68
CA GLY A 84 -16.89 8.59 2.69
C GLY A 84 -17.57 9.07 1.42
N PRO A 85 -18.87 8.77 1.29
CA PRO A 85 -19.66 9.15 0.11
C PRO A 85 -19.89 10.66 0.04
N SER A 86 -20.19 11.14 -1.16
CA SER A 86 -20.42 12.57 -1.38
C SER A 86 -21.89 12.84 -1.66
N SER A 87 -22.25 14.12 -1.71
CA SER A 87 -23.64 14.51 -1.97
C SER A 87 -23.68 15.71 -2.92
N GLY A 88 -24.52 15.60 -3.95
CA GLY A 88 -24.64 16.68 -4.91
C GLY A 88 -24.74 18.04 -4.26
ZN ZN B . 5.04 1.72 1.61
ZN ZN C . 0.31 -10.32 1.14
N GLY A 1 -8.80 23.93 31.45
CA GLY A 1 -8.75 22.99 30.34
C GLY A 1 -8.40 21.58 30.78
N SER A 2 -9.26 20.99 31.60
CA SER A 2 -9.03 19.63 32.09
C SER A 2 -9.48 18.60 31.07
N SER A 3 -8.72 17.51 30.97
CA SER A 3 -9.04 16.44 30.03
C SER A 3 -8.47 15.11 30.50
N GLY A 4 -8.95 14.02 29.91
CA GLY A 4 -8.50 12.70 30.29
C GLY A 4 -9.27 11.59 29.60
N SER A 5 -8.92 10.34 29.91
CA SER A 5 -9.59 9.20 29.32
C SER A 5 -9.70 9.37 27.81
N SER A 6 -8.63 9.84 27.19
CA SER A 6 -8.61 10.06 25.74
C SER A 6 -8.90 8.76 25.00
N GLY A 7 -8.14 7.71 25.33
CA GLY A 7 -8.33 6.43 24.68
C GLY A 7 -7.20 5.47 24.98
N ASN A 8 -7.52 4.36 25.65
CA ASN A 8 -6.51 3.36 26.01
C ASN A 8 -6.04 2.62 24.76
N LEU A 9 -6.97 1.95 24.09
CA LEU A 9 -6.65 1.19 22.88
C LEU A 9 -7.24 1.86 21.65
N ASP A 10 -6.95 1.32 20.48
CA ASP A 10 -7.45 1.86 19.22
C ASP A 10 -8.41 0.88 18.56
N ALA A 11 -9.70 1.18 18.65
CA ALA A 11 -10.73 0.33 18.06
C ALA A 11 -10.52 0.19 16.56
N LEU A 12 -10.58 1.31 15.84
CA LEU A 12 -10.39 1.30 14.40
C LEU A 12 -9.16 0.48 14.01
N ARG A 13 -9.32 -0.38 13.01
CA ARG A 13 -8.22 -1.22 12.55
C ARG A 13 -8.00 -1.03 11.05
N GLU A 14 -8.14 0.20 10.58
CA GLU A 14 -7.95 0.51 9.17
C GLU A 14 -6.48 0.52 8.80
N VAL A 15 -6.19 0.68 7.52
CA VAL A 15 -4.81 0.71 7.03
C VAL A 15 -4.58 1.90 6.10
N LEU A 16 -5.13 3.05 6.47
CA LEU A 16 -4.98 4.26 5.66
C LEU A 16 -3.52 4.48 5.27
N GLU A 17 -2.62 3.88 6.04
CA GLU A 17 -1.18 4.01 5.76
C GLU A 17 -0.58 2.67 5.37
N CYS A 18 0.50 2.71 4.61
CA CYS A 18 1.17 1.50 4.16
C CYS A 18 1.75 0.73 5.34
N PRO A 19 1.56 -0.60 5.33
CA PRO A 19 2.05 -1.48 6.39
C PRO A 19 3.57 -1.60 6.40
N ILE A 20 4.21 -0.91 5.46
CA ILE A 20 5.66 -0.94 5.34
C ILE A 20 6.26 0.41 5.69
N CYS A 21 6.13 1.37 4.78
CA CYS A 21 6.66 2.71 5.00
C CYS A 21 5.81 3.48 6.00
N MET A 22 4.52 3.13 6.07
CA MET A 22 3.60 3.78 6.99
C MET A 22 3.36 5.23 6.57
N GLU A 23 3.12 5.44 5.28
CA GLU A 23 2.87 6.77 4.75
C GLU A 23 1.47 6.88 4.18
N SER A 24 0.79 7.98 4.49
CA SER A 24 -0.58 8.20 4.02
C SER A 24 -0.67 7.96 2.52
N PHE A 25 -1.65 7.16 2.11
CA PHE A 25 -1.85 6.85 0.70
C PHE A 25 -2.37 8.07 -0.06
N THR A 26 -1.50 8.66 -0.87
CA THR A 26 -1.87 9.84 -1.65
C THR A 26 -1.85 9.53 -3.15
N GLU A 27 -2.76 10.16 -3.88
CA GLU A 27 -2.84 9.96 -5.33
C GLU A 27 -1.88 10.88 -6.07
N GLU A 28 -0.67 11.00 -5.54
CA GLU A 28 0.34 11.86 -6.16
C GLU A 28 1.68 11.12 -6.27
N GLN A 29 2.09 10.50 -5.18
CA GLN A 29 3.35 9.76 -5.16
C GLN A 29 3.14 8.33 -4.67
N LEU A 30 2.63 8.20 -3.45
CA LEU A 30 2.39 6.89 -2.86
C LEU A 30 0.96 6.42 -3.14
N ARG A 31 0.81 5.56 -4.14
CA ARG A 31 -0.50 5.04 -4.51
C ARG A 31 -0.72 3.65 -3.93
N PRO A 32 -1.87 3.46 -3.27
CA PRO A 32 -2.23 2.18 -2.65
C PRO A 32 -2.53 1.11 -3.69
N LYS A 33 -1.73 0.05 -3.67
CA LYS A 33 -1.91 -1.06 -4.60
C LYS A 33 -2.26 -2.35 -3.87
N LEU A 34 -3.29 -3.04 -4.34
CA LEU A 34 -3.73 -4.28 -3.73
C LEU A 34 -3.09 -5.48 -4.41
N LEU A 35 -2.55 -6.41 -3.62
CA LEU A 35 -1.91 -7.60 -4.16
C LEU A 35 -2.93 -8.72 -4.36
N HIS A 36 -2.56 -9.72 -5.16
CA HIS A 36 -3.45 -10.84 -5.43
C HIS A 36 -3.72 -11.64 -4.16
N CYS A 37 -3.02 -11.28 -3.08
CA CYS A 37 -3.20 -11.95 -1.80
C CYS A 37 -4.27 -11.26 -0.95
N GLY A 38 -4.18 -9.94 -0.87
CA GLY A 38 -5.14 -9.18 -0.09
C GLY A 38 -4.52 -7.98 0.60
N HIS A 39 -3.24 -8.10 0.95
CA HIS A 39 -2.53 -7.02 1.63
C HIS A 39 -2.38 -5.82 0.70
N THR A 40 -2.33 -4.63 1.29
CA THR A 40 -2.19 -3.39 0.52
C THR A 40 -0.83 -2.75 0.76
N ILE A 41 -0.22 -2.24 -0.31
CA ILE A 41 1.09 -1.59 -0.20
C ILE A 41 1.20 -0.43 -1.18
N CYS A 42 1.96 0.58 -0.80
CA CYS A 42 2.16 1.76 -1.65
C CYS A 42 3.06 1.42 -2.84
N ARG A 43 2.69 1.95 -4.01
CA ARG A 43 3.46 1.70 -5.23
C ARG A 43 4.95 1.76 -4.95
N GLN A 44 5.36 2.66 -4.05
CA GLN A 44 6.76 2.83 -3.70
C GLN A 44 7.36 1.49 -3.25
N CYS A 45 6.80 0.92 -2.18
CA CYS A 45 7.28 -0.35 -1.66
C CYS A 45 7.15 -1.45 -2.71
N LEU A 46 5.99 -1.54 -3.32
CA LEU A 46 5.73 -2.56 -4.35
C LEU A 46 6.74 -2.44 -5.49
N GLU A 47 7.10 -1.21 -5.83
CA GLU A 47 8.06 -0.96 -6.91
C GLU A 47 9.43 -1.51 -6.54
N LYS A 48 9.93 -1.12 -5.37
CA LYS A 48 11.24 -1.57 -4.91
C LYS A 48 11.35 -3.09 -5.00
N LEU A 49 10.22 -3.77 -4.87
CA LEU A 49 10.19 -5.22 -4.93
C LEU A 49 10.11 -5.70 -6.38
N LEU A 50 9.08 -5.26 -7.08
CA LEU A 50 8.89 -5.64 -8.49
C LEU A 50 10.18 -5.45 -9.27
N ALA A 51 10.88 -4.36 -9.00
CA ALA A 51 12.13 -4.06 -9.69
C ALA A 51 13.10 -5.25 -9.61
N SER A 52 13.53 -5.56 -8.39
CA SER A 52 14.46 -6.66 -8.17
C SER A 52 13.79 -8.00 -8.46
N SER A 53 12.69 -8.27 -7.76
CA SER A 53 11.96 -9.52 -7.95
C SER A 53 11.65 -9.76 -9.42
N ILE A 54 10.89 -10.81 -9.70
CA ILE A 54 10.52 -11.15 -11.07
C ILE A 54 9.23 -10.46 -11.47
N ASN A 55 8.70 -10.81 -12.64
CA ASN A 55 7.47 -10.22 -13.15
C ASN A 55 6.45 -10.05 -12.03
N GLY A 56 6.60 -10.84 -10.97
CA GLY A 56 5.69 -10.76 -9.84
C GLY A 56 6.35 -10.18 -8.61
N VAL A 57 5.53 -9.57 -7.74
CA VAL A 57 6.04 -8.97 -6.51
C VAL A 57 5.81 -9.88 -5.32
N ARG A 58 6.89 -10.21 -4.60
CA ARG A 58 6.79 -11.08 -3.44
C ARG A 58 6.36 -10.29 -2.21
N CYS A 59 5.18 -10.61 -1.69
CA CYS A 59 4.66 -9.94 -0.51
C CYS A 59 5.43 -10.33 0.75
N PRO A 60 6.02 -9.33 1.41
CA PRO A 60 6.80 -9.55 2.64
C PRO A 60 5.92 -9.96 3.81
N PHE A 61 4.63 -10.12 3.56
CA PHE A 61 3.68 -10.51 4.60
C PHE A 61 3.25 -11.96 4.44
N CYS A 62 2.63 -12.26 3.30
CA CYS A 62 2.16 -13.61 3.02
C CYS A 62 3.12 -14.34 2.10
N SER A 63 3.88 -13.57 1.32
CA SER A 63 4.86 -14.15 0.39
C SER A 63 4.16 -14.74 -0.83
N LYS A 64 3.23 -13.98 -1.40
CA LYS A 64 2.50 -14.42 -2.58
C LYS A 64 2.93 -13.65 -3.82
N ILE A 65 3.52 -14.36 -4.77
CA ILE A 65 3.98 -13.75 -6.01
C ILE A 65 2.81 -13.16 -6.80
N THR A 66 2.85 -11.85 -7.02
CA THR A 66 1.79 -11.16 -7.76
C THR A 66 2.17 -11.03 -9.23
N ARG A 67 1.86 -12.07 -10.01
CA ARG A 67 2.16 -12.07 -11.43
C ARG A 67 1.54 -10.84 -12.12
N ILE A 68 2.29 -9.76 -12.17
CA ILE A 68 1.82 -8.53 -12.79
C ILE A 68 2.99 -7.71 -13.34
N THR A 69 3.12 -7.69 -14.66
CA THR A 69 4.18 -6.94 -15.31
C THR A 69 4.12 -5.45 -14.96
N SER A 70 2.90 -4.94 -14.81
CA SER A 70 2.69 -3.54 -14.48
C SER A 70 2.05 -3.40 -13.11
N LEU A 71 2.10 -2.19 -12.56
CA LEU A 71 1.52 -1.92 -11.24
C LEU A 71 0.00 -1.84 -11.33
N THR A 72 -0.51 -1.47 -12.50
CA THR A 72 -1.94 -1.35 -12.71
C THR A 72 -2.57 -2.72 -12.93
N GLN A 73 -1.77 -3.68 -13.34
CA GLN A 73 -2.24 -5.04 -13.58
C GLN A 73 -2.85 -5.63 -12.31
N LEU A 74 -2.07 -5.63 -11.24
CA LEU A 74 -2.53 -6.17 -9.96
C LEU A 74 -3.84 -5.54 -9.54
N THR A 75 -4.31 -5.88 -8.33
CA THR A 75 -5.55 -5.33 -7.81
C THR A 75 -5.34 -3.94 -7.21
N ASP A 76 -6.22 -3.01 -7.57
CA ASP A 76 -6.12 -1.64 -7.07
C ASP A 76 -6.69 -1.54 -5.66
N ASN A 77 -6.21 -0.55 -4.90
CA ASN A 77 -6.68 -0.35 -3.53
C ASN A 77 -7.12 1.10 -3.32
N LEU A 78 -8.21 1.48 -3.97
CA LEU A 78 -8.74 2.84 -3.86
C LEU A 78 -9.64 2.96 -2.64
N THR A 79 -9.47 2.06 -1.68
CA THR A 79 -10.26 2.07 -0.46
C THR A 79 -9.68 3.03 0.57
N VAL A 80 -8.35 3.17 0.56
CA VAL A 80 -7.68 4.06 1.50
C VAL A 80 -7.80 5.52 1.05
N LEU A 81 -7.90 5.72 -0.26
CA LEU A 81 -8.03 7.06 -0.81
C LEU A 81 -9.42 7.64 -0.54
N LYS A 82 -10.43 6.78 -0.66
CA LYS A 82 -11.81 7.20 -0.43
C LYS A 82 -12.61 6.09 0.25
N SER A 83 -13.37 6.45 1.28
CA SER A 83 -14.17 5.48 2.02
C SER A 83 -15.15 4.78 1.09
N GLY A 84 -14.91 3.50 0.83
CA GLY A 84 -15.79 2.74 -0.04
C GLY A 84 -15.84 1.27 0.32
N PRO A 85 -16.80 0.54 -0.26
CA PRO A 85 -16.97 -0.89 0.00
C PRO A 85 -15.84 -1.73 -0.61
N SER A 86 -15.96 -3.05 -0.47
CA SER A 86 -14.95 -3.96 -1.00
C SER A 86 -15.04 -4.06 -2.51
N SER A 87 -13.94 -3.74 -3.19
CA SER A 87 -13.89 -3.79 -4.65
C SER A 87 -13.33 -5.12 -5.13
N GLY A 88 -13.97 -5.70 -6.13
CA GLY A 88 -13.51 -6.97 -6.68
C GLY A 88 -14.64 -7.78 -7.28
ZN ZN B . 5.01 1.41 1.51
ZN ZN C . 0.29 -10.38 1.17
N GLY A 1 0.46 35.08 18.03
CA GLY A 1 -0.25 34.16 18.90
C GLY A 1 0.59 32.96 19.28
N SER A 2 -0.05 31.94 19.83
CA SER A 2 0.64 30.72 20.25
C SER A 2 -0.34 29.58 20.45
N SER A 3 -0.07 28.45 19.81
CA SER A 3 -0.94 27.28 19.92
C SER A 3 -0.11 26.00 20.06
N GLY A 4 -0.79 24.87 20.23
CA GLY A 4 -0.11 23.61 20.38
C GLY A 4 -0.92 22.44 19.84
N SER A 5 -0.34 21.25 19.90
CA SER A 5 -1.02 20.05 19.40
C SER A 5 -0.30 18.79 19.86
N SER A 6 -1.07 17.75 20.15
CA SER A 6 -0.50 16.48 20.60
C SER A 6 -1.45 15.32 20.31
N GLY A 7 -0.89 14.12 20.17
CA GLY A 7 -1.70 12.95 19.89
C GLY A 7 -0.95 11.66 20.14
N ASN A 8 -0.29 11.15 19.10
CA ASN A 8 0.47 9.91 19.21
C ASN A 8 -0.45 8.74 19.57
N LEU A 9 -1.58 8.65 18.87
CA LEU A 9 -2.54 7.58 19.11
C LEU A 9 -3.30 7.23 17.82
N ASP A 10 -3.39 5.95 17.53
CA ASP A 10 -4.09 5.48 16.33
C ASP A 10 -5.27 4.59 16.71
N ALA A 11 -6.48 5.14 16.59
CA ALA A 11 -7.68 4.39 16.91
C ALA A 11 -8.26 3.72 15.68
N LEU A 12 -8.13 4.37 14.52
CA LEU A 12 -8.64 3.84 13.28
C LEU A 12 -8.24 2.38 13.11
N ARG A 13 -9.03 1.63 12.34
CA ARG A 13 -8.75 0.22 12.10
C ARG A 13 -8.37 -0.03 10.64
N GLU A 14 -8.53 1.00 9.81
CA GLU A 14 -8.20 0.91 8.40
C GLU A 14 -6.70 0.97 8.18
N VAL A 15 -6.24 0.51 7.03
CA VAL A 15 -4.81 0.51 6.70
C VAL A 15 -4.46 1.73 5.86
N LEU A 16 -5.17 2.83 6.07
CA LEU A 16 -4.93 4.05 5.33
C LEU A 16 -3.43 4.30 5.16
N GLU A 17 -2.64 3.74 6.07
CA GLU A 17 -1.19 3.90 6.01
C GLU A 17 -0.51 2.59 5.62
N CYS A 18 0.42 2.69 4.66
CA CYS A 18 1.14 1.51 4.19
C CYS A 18 1.67 0.69 5.36
N PRO A 19 1.53 -0.64 5.27
CA PRO A 19 1.99 -1.57 6.30
C PRO A 19 3.51 -1.65 6.37
N ILE A 20 4.17 -0.87 5.52
CA ILE A 20 5.63 -0.87 5.49
C ILE A 20 6.18 0.50 5.90
N CYS A 21 6.07 1.48 5.00
CA CYS A 21 6.54 2.83 5.27
C CYS A 21 5.61 3.56 6.24
N MET A 22 4.36 3.12 6.28
CA MET A 22 3.37 3.72 7.16
C MET A 22 3.13 5.18 6.79
N GLU A 23 2.98 5.44 5.50
CA GLU A 23 2.75 6.80 5.01
C GLU A 23 1.38 6.92 4.37
N SER A 24 0.58 7.87 4.86
CA SER A 24 -0.75 8.09 4.33
C SER A 24 -0.80 7.88 2.83
N PHE A 25 -1.76 7.09 2.37
CA PHE A 25 -1.90 6.80 0.94
C PHE A 25 -2.38 8.04 0.19
N THR A 26 -1.45 8.71 -0.48
CA THR A 26 -1.78 9.92 -1.24
C THR A 26 -2.29 9.55 -2.63
N GLU A 27 -2.51 10.58 -3.46
CA GLU A 27 -3.00 10.37 -4.81
C GLU A 27 -1.85 10.33 -5.81
N GLU A 28 -1.14 11.44 -5.95
CA GLU A 28 -0.01 11.53 -6.86
C GLU A 28 1.27 11.01 -6.21
N GLN A 29 1.11 10.02 -5.32
CA GLN A 29 2.25 9.44 -4.62
C GLN A 29 1.81 8.29 -3.73
N LEU A 30 2.77 7.47 -3.32
CA LEU A 30 2.48 6.33 -2.45
C LEU A 30 1.10 5.74 -2.76
N ARG A 31 0.79 5.65 -4.05
CA ARG A 31 -0.50 5.10 -4.49
C ARG A 31 -0.74 3.73 -3.87
N PRO A 32 -1.91 3.56 -3.23
CA PRO A 32 -2.29 2.30 -2.59
C PRO A 32 -2.58 1.20 -3.62
N LYS A 33 -1.78 0.13 -3.56
CA LYS A 33 -1.95 -0.99 -4.48
C LYS A 33 -2.30 -2.27 -3.72
N LEU A 34 -3.26 -3.02 -4.25
CA LEU A 34 -3.69 -4.26 -3.63
C LEU A 34 -3.10 -5.47 -4.35
N LEU A 35 -2.42 -6.34 -3.60
CA LEU A 35 -1.82 -7.53 -4.17
C LEU A 35 -2.84 -8.66 -4.30
N HIS A 36 -2.52 -9.65 -5.12
CA HIS A 36 -3.41 -10.79 -5.31
C HIS A 36 -3.66 -11.53 -4.00
N CYS A 37 -2.91 -11.16 -2.98
CA CYS A 37 -3.05 -11.78 -1.66
C CYS A 37 -4.11 -11.07 -0.83
N GLY A 38 -4.04 -9.73 -0.81
CA GLY A 38 -5.00 -8.96 -0.05
C GLY A 38 -4.36 -7.78 0.66
N HIS A 39 -3.07 -7.92 1.00
CA HIS A 39 -2.35 -6.86 1.68
C HIS A 39 -2.26 -5.61 0.80
N THR A 40 -2.24 -4.44 1.44
CA THR A 40 -2.15 -3.17 0.72
C THR A 40 -0.81 -2.50 0.96
N ILE A 41 -0.14 -2.14 -0.13
CA ILE A 41 1.16 -1.48 -0.04
C ILE A 41 1.26 -0.31 -1.01
N CYS A 42 2.04 0.70 -0.65
CA CYS A 42 2.21 1.88 -1.48
C CYS A 42 3.09 1.56 -2.68
N ARG A 43 2.68 2.03 -3.86
CA ARG A 43 3.44 1.80 -5.07
C ARG A 43 4.94 1.88 -4.82
N GLN A 44 5.34 2.81 -3.95
CA GLN A 44 6.74 2.99 -3.60
C GLN A 44 7.37 1.68 -3.15
N CYS A 45 6.84 1.13 -2.06
CA CYS A 45 7.35 -0.13 -1.52
C CYS A 45 7.23 -1.25 -2.55
N LEU A 46 6.09 -1.33 -3.21
CA LEU A 46 5.85 -2.36 -4.22
C LEU A 46 6.86 -2.25 -5.35
N GLU A 47 7.26 -1.02 -5.69
CA GLU A 47 8.22 -0.79 -6.75
C GLU A 47 9.58 -1.39 -6.39
N LYS A 48 10.07 -1.07 -5.20
CA LYS A 48 11.35 -1.59 -4.73
C LYS A 48 11.43 -3.10 -4.90
N LEU A 49 10.29 -3.76 -4.72
CA LEU A 49 10.23 -5.21 -4.85
C LEU A 49 10.13 -5.62 -6.32
N LEU A 50 9.15 -5.06 -7.02
CA LEU A 50 8.94 -5.36 -8.44
C LEU A 50 10.23 -5.19 -9.22
N ALA A 51 10.93 -4.07 -8.99
CA ALA A 51 12.17 -3.80 -9.68
C ALA A 51 13.00 -5.07 -9.85
N SER A 52 13.45 -5.64 -8.74
CA SER A 52 14.24 -6.86 -8.77
C SER A 52 13.41 -8.05 -9.26
N SER A 53 12.18 -8.15 -8.76
CA SER A 53 11.30 -9.23 -9.15
C SER A 53 11.01 -9.20 -10.64
N ILE A 54 10.73 -10.36 -11.21
CA ILE A 54 10.44 -10.46 -12.64
C ILE A 54 9.19 -11.31 -12.88
N ASN A 55 9.06 -12.40 -12.13
CA ASN A 55 7.92 -13.28 -12.27
C ASN A 55 6.88 -13.01 -11.17
N GLY A 56 6.57 -11.74 -10.96
CA GLY A 56 5.59 -11.37 -9.95
C GLY A 56 6.24 -10.74 -8.74
N VAL A 57 5.48 -9.92 -8.02
CA VAL A 57 5.98 -9.25 -6.84
C VAL A 57 5.72 -10.07 -5.58
N ARG A 58 6.80 -10.50 -4.93
CA ARG A 58 6.68 -11.30 -3.72
C ARG A 58 6.33 -10.42 -2.52
N CYS A 59 5.14 -10.62 -1.97
CA CYS A 59 4.68 -9.84 -0.82
C CYS A 59 5.51 -10.18 0.42
N PRO A 60 6.11 -9.15 1.02
CA PRO A 60 6.94 -9.29 2.21
C PRO A 60 6.11 -9.66 3.45
N PHE A 61 4.81 -9.86 3.25
CA PHE A 61 3.92 -10.20 4.34
C PHE A 61 3.50 -11.67 4.26
N CYS A 62 2.96 -12.06 3.11
CA CYS A 62 2.51 -13.44 2.90
C CYS A 62 3.39 -14.14 1.88
N SER A 63 4.16 -13.36 1.12
CA SER A 63 5.04 -13.90 0.10
C SER A 63 4.25 -14.65 -0.97
N LYS A 64 3.19 -14.01 -1.46
CA LYS A 64 2.34 -14.60 -2.49
C LYS A 64 2.52 -13.89 -3.83
N ILE A 65 3.46 -14.39 -4.63
CA ILE A 65 3.72 -13.79 -5.94
C ILE A 65 2.46 -13.24 -6.56
N THR A 66 2.50 -11.96 -6.94
CA THR A 66 1.34 -11.31 -7.55
C THR A 66 1.23 -11.66 -9.03
N ARG A 67 2.37 -11.95 -9.65
CA ARG A 67 2.39 -12.30 -11.06
C ARG A 67 1.89 -11.15 -11.93
N ILE A 68 2.44 -9.96 -11.68
CA ILE A 68 2.07 -8.78 -12.44
C ILE A 68 3.30 -8.06 -13.00
N THR A 69 3.24 -7.72 -14.28
CA THR A 69 4.35 -7.04 -14.93
C THR A 69 4.27 -5.52 -14.72
N SER A 70 3.04 -5.02 -14.58
CA SER A 70 2.82 -3.59 -14.38
C SER A 70 2.18 -3.33 -13.02
N LEU A 71 2.42 -2.15 -12.48
CA LEU A 71 1.87 -1.76 -11.18
C LEU A 71 0.35 -1.72 -11.23
N THR A 72 -0.20 -1.44 -12.41
CA THR A 72 -1.64 -1.37 -12.59
C THR A 72 -2.25 -2.76 -12.76
N GLN A 73 -1.47 -3.67 -13.33
CA GLN A 73 -1.92 -5.04 -13.55
C GLN A 73 -2.58 -5.59 -12.29
N LEU A 74 -1.84 -5.58 -11.18
CA LEU A 74 -2.34 -6.09 -9.91
C LEU A 74 -3.67 -5.43 -9.56
N THR A 75 -4.17 -5.73 -8.37
CA THR A 75 -5.44 -5.17 -7.90
C THR A 75 -5.25 -3.79 -7.29
N ASP A 76 -6.13 -2.87 -7.63
CA ASP A 76 -6.06 -1.51 -7.11
C ASP A 76 -6.73 -1.40 -5.74
N ASN A 77 -6.27 -0.46 -4.93
CA ASN A 77 -6.82 -0.26 -3.60
C ASN A 77 -7.17 1.20 -3.37
N LEU A 78 -8.10 1.71 -4.16
CA LEU A 78 -8.54 3.11 -4.05
C LEU A 78 -9.45 3.29 -2.84
N THR A 79 -9.61 2.24 -2.05
CA THR A 79 -10.45 2.28 -0.87
C THR A 79 -9.88 3.22 0.19
N VAL A 80 -8.56 3.17 0.35
CA VAL A 80 -7.88 4.03 1.32
C VAL A 80 -7.97 5.50 0.93
N LEU A 81 -8.02 5.75 -0.38
CA LEU A 81 -8.11 7.11 -0.89
C LEU A 81 -9.49 7.69 -0.65
N LYS A 82 -10.51 6.85 -0.73
CA LYS A 82 -11.89 7.27 -0.52
C LYS A 82 -12.11 8.68 -1.08
N SER A 83 -11.79 8.85 -2.36
CA SER A 83 -11.96 10.15 -3.01
C SER A 83 -11.24 11.25 -2.24
N GLY A 84 -10.01 10.96 -1.82
CA GLY A 84 -9.23 11.93 -1.06
C GLY A 84 -9.50 11.85 0.43
N PRO A 85 -8.91 12.80 1.18
CA PRO A 85 -9.07 12.86 2.64
C PRO A 85 -10.47 13.27 3.05
N SER A 86 -11.37 12.30 3.15
CA SER A 86 -12.76 12.57 3.53
C SER A 86 -13.23 13.91 2.97
N SER A 87 -12.87 14.18 1.72
CA SER A 87 -13.25 15.43 1.06
C SER A 87 -14.63 15.31 0.44
N GLY A 88 -15.58 16.07 0.97
CA GLY A 88 -16.94 16.05 0.46
C GLY A 88 -17.95 16.59 1.45
ZN ZN B . 5.09 1.62 1.69
ZN ZN C . 0.45 -10.26 1.16
N GLY A 1 24.56 12.60 17.75
CA GLY A 1 24.12 11.80 18.88
C GLY A 1 22.73 12.17 19.34
N SER A 2 21.87 11.16 19.48
CA SER A 2 20.50 11.39 19.92
C SER A 2 19.84 10.09 20.36
N SER A 3 18.96 10.18 21.34
CA SER A 3 18.26 9.00 21.86
C SER A 3 16.93 8.82 21.16
N GLY A 4 16.05 9.80 21.29
CA GLY A 4 14.73 9.72 20.66
C GLY A 4 13.70 10.54 21.38
N SER A 5 12.52 10.67 20.78
CA SER A 5 11.44 11.46 21.36
C SER A 5 10.09 11.03 20.78
N SER A 6 9.10 10.89 21.66
CA SER A 6 7.76 10.49 21.25
C SER A 6 7.25 11.38 20.11
N GLY A 7 6.42 10.80 19.25
CA GLY A 7 5.88 11.55 18.13
C GLY A 7 5.16 10.66 17.13
N ASN A 8 4.23 9.85 17.62
CA ASN A 8 3.47 8.95 16.76
C ASN A 8 2.19 8.47 17.46
N LEU A 9 1.14 8.29 16.68
CA LEU A 9 -0.14 7.84 17.22
C LEU A 9 -1.14 7.56 16.10
N ASP A 10 -2.11 6.70 16.38
CA ASP A 10 -3.13 6.35 15.40
C ASP A 10 -4.46 6.05 16.09
N ALA A 11 -5.52 6.74 15.66
CA ALA A 11 -6.84 6.54 16.22
C ALA A 11 -7.69 5.62 15.35
N LEU A 12 -7.81 5.97 14.08
CA LEU A 12 -8.59 5.19 13.13
C LEU A 12 -8.14 3.73 13.15
N ARG A 13 -9.09 2.82 12.88
CA ARG A 13 -8.79 1.40 12.86
C ARG A 13 -8.74 0.87 11.43
N GLU A 14 -8.08 1.62 10.55
CA GLU A 14 -7.95 1.23 9.16
C GLU A 14 -6.49 1.26 8.71
N VAL A 15 -6.23 0.71 7.53
CA VAL A 15 -4.88 0.69 6.98
C VAL A 15 -4.65 1.83 5.99
N LEU A 16 -5.16 3.00 6.34
CA LEU A 16 -5.01 4.18 5.49
C LEU A 16 -3.55 4.42 5.13
N GLU A 17 -2.65 3.78 5.88
CA GLU A 17 -1.22 3.92 5.64
C GLU A 17 -0.61 2.60 5.20
N CYS A 18 0.55 2.67 4.56
CA CYS A 18 1.23 1.47 4.09
C CYS A 18 1.80 0.67 5.26
N PRO A 19 1.61 -0.65 5.21
CA PRO A 19 2.10 -1.56 6.25
C PRO A 19 3.61 -1.67 6.27
N ILE A 20 4.27 -0.95 5.36
CA ILE A 20 5.72 -0.97 5.28
C ILE A 20 6.31 0.38 5.69
N CYS A 21 6.15 1.37 4.84
CA CYS A 21 6.67 2.71 5.10
C CYS A 21 5.76 3.45 6.08
N MET A 22 4.47 3.12 6.07
CA MET A 22 3.51 3.75 6.95
C MET A 22 3.25 5.20 6.53
N GLU A 23 2.96 5.40 5.25
CA GLU A 23 2.69 6.72 4.72
C GLU A 23 1.29 6.81 4.15
N SER A 24 0.62 7.93 4.37
CA SER A 24 -0.73 8.14 3.88
C SER A 24 -0.82 7.84 2.39
N PHE A 25 -1.83 7.05 2.01
CA PHE A 25 -2.02 6.68 0.61
C PHE A 25 -2.57 7.87 -0.19
N THR A 26 -1.68 8.49 -0.97
CA THR A 26 -2.07 9.64 -1.79
C THR A 26 -1.72 9.41 -3.26
N GLU A 27 -2.63 9.79 -4.15
CA GLU A 27 -2.41 9.62 -5.58
C GLU A 27 -1.51 10.73 -6.12
N GLU A 28 -0.43 11.01 -5.41
CA GLU A 28 0.52 12.04 -5.82
C GLU A 28 1.95 11.55 -5.71
N GLN A 29 2.22 10.78 -4.66
CA GLN A 29 3.57 10.25 -4.44
C GLN A 29 3.51 8.77 -4.09
N LEU A 30 2.49 8.38 -3.32
CA LEU A 30 2.33 6.99 -2.91
C LEU A 30 0.89 6.52 -3.17
N ARG A 31 0.72 5.71 -4.21
CA ARG A 31 -0.59 5.19 -4.56
C ARG A 31 -0.80 3.79 -3.97
N PRO A 32 -1.96 3.60 -3.32
CA PRO A 32 -2.31 2.33 -2.69
C PRO A 32 -2.59 1.24 -3.71
N LYS A 33 -1.85 0.14 -3.62
CA LYS A 33 -2.01 -0.98 -4.54
C LYS A 33 -2.34 -2.26 -3.79
N LEU A 34 -3.32 -3.01 -4.28
CA LEU A 34 -3.72 -4.27 -3.66
C LEU A 34 -3.11 -5.46 -4.38
N LEU A 35 -2.49 -6.36 -3.62
CA LEU A 35 -1.87 -7.55 -4.18
C LEU A 35 -2.88 -8.69 -4.31
N HIS A 36 -2.54 -9.68 -5.12
CA HIS A 36 -3.42 -10.83 -5.33
C HIS A 36 -3.65 -11.57 -4.02
N CYS A 37 -2.90 -11.20 -2.98
CA CYS A 37 -3.02 -11.82 -1.68
C CYS A 37 -4.07 -11.11 -0.83
N GLY A 38 -4.01 -9.78 -0.80
CA GLY A 38 -4.95 -9.01 -0.03
C GLY A 38 -4.31 -7.82 0.66
N HIS A 39 -3.03 -7.95 0.99
CA HIS A 39 -2.29 -6.87 1.65
C HIS A 39 -2.21 -5.64 0.76
N THR A 40 -2.37 -4.47 1.35
CA THR A 40 -2.31 -3.22 0.61
C THR A 40 -1.00 -2.48 0.89
N ILE A 41 -0.21 -2.28 -0.16
CA ILE A 41 1.06 -1.59 -0.03
C ILE A 41 1.17 -0.44 -1.03
N CYS A 42 1.95 0.58 -0.68
CA CYS A 42 2.12 1.74 -1.55
C CYS A 42 3.00 1.38 -2.75
N ARG A 43 2.63 1.91 -3.92
CA ARG A 43 3.37 1.64 -5.15
C ARG A 43 4.87 1.74 -4.91
N GLN A 44 5.27 2.69 -4.07
CA GLN A 44 6.68 2.90 -3.76
C GLN A 44 7.33 1.60 -3.31
N CYS A 45 6.75 0.97 -2.29
CA CYS A 45 7.28 -0.28 -1.77
C CYS A 45 7.15 -1.40 -2.80
N LEU A 46 6.04 -1.39 -3.53
CA LEU A 46 5.81 -2.41 -4.55
C LEU A 46 6.86 -2.35 -5.64
N GLU A 47 7.24 -1.13 -6.04
CA GLU A 47 8.25 -0.94 -7.07
C GLU A 47 9.59 -1.53 -6.63
N LYS A 48 10.03 -1.15 -5.44
CA LYS A 48 11.30 -1.64 -4.91
C LYS A 48 11.40 -3.15 -5.06
N LEU A 49 10.28 -3.84 -4.93
CA LEU A 49 10.24 -5.29 -5.05
C LEU A 49 10.19 -5.72 -6.52
N LEU A 50 9.17 -5.24 -7.23
CA LEU A 50 9.00 -5.56 -8.64
C LEU A 50 10.31 -5.37 -9.40
N ALA A 51 11.14 -4.46 -8.91
CA ALA A 51 12.43 -4.18 -9.53
C ALA A 51 13.45 -5.26 -9.21
N SER A 52 13.35 -5.82 -8.00
CA SER A 52 14.27 -6.85 -7.56
C SER A 52 13.53 -8.16 -7.31
N SER A 53 12.51 -8.43 -8.13
CA SER A 53 11.71 -9.64 -8.00
C SER A 53 11.42 -10.25 -9.37
N ILE A 54 10.63 -11.31 -9.39
CA ILE A 54 10.27 -11.98 -10.64
C ILE A 54 9.20 -11.20 -11.39
N ASN A 55 8.71 -11.79 -12.47
CA ASN A 55 7.67 -11.16 -13.28
C ASN A 55 6.57 -10.56 -12.39
N GLY A 56 6.51 -11.04 -11.15
CA GLY A 56 5.51 -10.54 -10.22
C GLY A 56 6.10 -9.75 -9.08
N VAL A 57 5.48 -9.83 -7.92
CA VAL A 57 5.96 -9.11 -6.74
C VAL A 57 5.75 -9.94 -5.47
N ARG A 58 6.85 -10.43 -4.91
CA ARG A 58 6.79 -11.24 -3.70
C ARG A 58 6.43 -10.38 -2.50
N CYS A 59 5.23 -10.58 -1.97
CA CYS A 59 4.76 -9.82 -0.81
C CYS A 59 5.60 -10.14 0.42
N PRO A 60 6.16 -9.08 1.04
CA PRO A 60 6.99 -9.21 2.24
C PRO A 60 6.18 -9.63 3.46
N PHE A 61 4.90 -9.90 3.25
CA PHE A 61 4.01 -10.31 4.34
C PHE A 61 3.63 -11.78 4.20
N CYS A 62 3.03 -12.11 3.06
CA CYS A 62 2.60 -13.48 2.80
C CYS A 62 3.49 -14.14 1.76
N SER A 63 4.26 -13.32 1.05
CA SER A 63 5.16 -13.82 0.01
C SER A 63 4.39 -14.58 -1.07
N LYS A 64 3.34 -13.94 -1.60
CA LYS A 64 2.52 -14.54 -2.63
C LYS A 64 2.64 -13.77 -3.94
N ILE A 65 3.57 -14.20 -4.80
CA ILE A 65 3.79 -13.56 -6.08
C ILE A 65 2.49 -12.97 -6.63
N THR A 66 2.51 -11.67 -6.90
CA THR A 66 1.34 -10.98 -7.44
C THR A 66 1.08 -11.38 -8.89
N ARG A 67 2.14 -11.71 -9.61
CA ARG A 67 2.03 -12.11 -11.01
C ARG A 67 1.50 -10.96 -11.85
N ILE A 68 2.17 -9.81 -11.79
CA ILE A 68 1.77 -8.63 -12.55
C ILE A 68 2.98 -7.94 -13.16
N THR A 69 2.97 -7.82 -14.49
CA THR A 69 4.06 -7.17 -15.21
C THR A 69 4.12 -5.67 -14.89
N SER A 70 2.95 -5.06 -14.74
CA SER A 70 2.88 -3.64 -14.43
C SER A 70 2.35 -3.41 -13.01
N LEU A 71 2.48 -2.18 -12.54
CA LEU A 71 2.03 -1.83 -11.20
C LEU A 71 0.51 -1.71 -11.15
N THR A 72 -0.09 -1.42 -12.30
CA THR A 72 -1.54 -1.27 -12.40
C THR A 72 -2.21 -2.63 -12.61
N GLN A 73 -1.51 -3.54 -13.27
CA GLN A 73 -2.03 -4.87 -13.54
C GLN A 73 -2.71 -5.44 -12.30
N LEU A 74 -2.00 -5.44 -11.19
CA LEU A 74 -2.53 -5.96 -9.93
C LEU A 74 -3.87 -5.30 -9.59
N THR A 75 -4.39 -5.63 -8.41
CA THR A 75 -5.66 -5.06 -7.97
C THR A 75 -5.46 -3.69 -7.34
N ASP A 76 -6.34 -2.75 -7.68
CA ASP A 76 -6.27 -1.40 -7.16
C ASP A 76 -6.87 -1.33 -5.76
N ASN A 77 -6.30 -0.48 -4.91
CA ASN A 77 -6.79 -0.33 -3.54
C ASN A 77 -7.30 1.09 -3.30
N LEU A 78 -8.40 1.44 -3.96
CA LEU A 78 -9.00 2.77 -3.83
C LEU A 78 -9.84 2.85 -2.57
N THR A 79 -9.70 1.86 -1.69
CA THR A 79 -10.45 1.83 -0.44
C THR A 79 -9.89 2.81 0.57
N VAL A 80 -8.57 2.99 0.54
CA VAL A 80 -7.90 3.91 1.45
C VAL A 80 -8.11 5.36 1.03
N LEU A 81 -8.28 5.58 -0.28
CA LEU A 81 -8.49 6.92 -0.81
C LEU A 81 -9.91 7.40 -0.51
N LYS A 82 -10.87 6.49 -0.61
CA LYS A 82 -12.27 6.83 -0.34
C LYS A 82 -12.54 6.89 1.15
N SER A 83 -13.67 7.49 1.52
CA SER A 83 -14.04 7.62 2.92
C SER A 83 -14.71 6.34 3.42
N GLY A 84 -14.11 5.74 4.45
CA GLY A 84 -14.66 4.51 5.01
C GLY A 84 -16.12 4.65 5.39
N PRO A 85 -16.92 3.63 5.06
CA PRO A 85 -18.36 3.63 5.37
C PRO A 85 -18.63 3.49 6.86
N SER A 86 -19.71 4.13 7.32
CA SER A 86 -20.08 4.09 8.73
C SER A 86 -21.13 3.03 8.99
N SER A 87 -20.69 1.77 9.04
CA SER A 87 -21.59 0.65 9.28
C SER A 87 -22.57 0.97 10.41
N GLY A 88 -22.03 1.23 11.59
CA GLY A 88 -22.87 1.54 12.74
C GLY A 88 -23.48 0.30 13.36
ZN ZN B . 5.12 1.48 1.50
ZN ZN C . 0.50 -10.27 1.12
N GLY A 1 11.37 33.78 17.14
CA GLY A 1 11.48 32.70 18.11
C GLY A 1 10.21 31.88 18.20
N SER A 2 10.29 30.61 17.77
CA SER A 2 9.13 29.73 17.81
C SER A 2 9.57 28.29 18.08
N SER A 3 8.93 27.66 19.07
CA SER A 3 9.26 26.29 19.43
C SER A 3 8.00 25.54 19.87
N GLY A 4 7.63 24.53 19.08
CA GLY A 4 6.44 23.74 19.41
C GLY A 4 5.39 23.82 18.32
N SER A 5 4.62 22.75 18.18
CA SER A 5 3.57 22.69 17.17
C SER A 5 2.40 21.81 17.63
N SER A 6 1.37 21.73 16.81
CA SER A 6 0.19 20.94 17.14
C SER A 6 0.59 19.63 17.81
N GLY A 7 1.51 18.91 17.19
CA GLY A 7 1.96 17.64 17.74
C GLY A 7 1.51 16.45 16.90
N ASN A 8 2.46 15.68 16.42
CA ASN A 8 2.15 14.50 15.61
C ASN A 8 1.43 13.45 16.44
N LEU A 9 0.17 13.19 16.10
CA LEU A 9 -0.63 12.21 16.80
C LEU A 9 -1.32 11.26 15.83
N ASP A 10 -1.45 10.00 16.22
CA ASP A 10 -2.09 9.00 15.39
C ASP A 10 -2.51 7.78 16.22
N ALA A 11 -3.81 7.59 16.36
CA ALA A 11 -4.33 6.46 17.12
C ALA A 11 -5.37 5.68 16.32
N LEU A 12 -5.40 5.92 15.01
CA LEU A 12 -6.35 5.24 14.13
C LEU A 12 -6.08 3.75 14.08
N ARG A 13 -7.11 2.97 13.74
CA ARG A 13 -6.98 1.52 13.66
C ARG A 13 -6.93 1.06 12.21
N GLU A 14 -7.52 1.87 11.32
CA GLU A 14 -7.55 1.54 9.90
C GLU A 14 -6.15 1.56 9.30
N VAL A 15 -6.00 0.99 8.12
CA VAL A 15 -4.71 0.94 7.44
C VAL A 15 -4.61 2.01 6.37
N LEU A 16 -5.05 3.22 6.70
CA LEU A 16 -5.02 4.34 5.77
C LEU A 16 -3.62 4.52 5.19
N GLU A 17 -2.61 4.09 5.94
CA GLU A 17 -1.23 4.20 5.50
C GLU A 17 -0.68 2.84 5.05
N CYS A 18 0.54 2.84 4.55
CA CYS A 18 1.18 1.62 4.08
C CYS A 18 1.66 0.77 5.27
N PRO A 19 1.42 -0.55 5.18
CA PRO A 19 1.82 -1.49 6.24
C PRO A 19 3.32 -1.67 6.32
N ILE A 20 4.05 -0.94 5.47
CA ILE A 20 5.50 -1.02 5.44
C ILE A 20 6.13 0.32 5.84
N CYS A 21 5.96 1.32 4.98
CA CYS A 21 6.50 2.65 5.24
C CYS A 21 5.56 3.47 6.12
N MET A 22 4.28 3.13 6.09
CA MET A 22 3.26 3.83 6.87
C MET A 22 3.12 5.26 6.40
N GLU A 23 2.91 5.44 5.10
CA GLU A 23 2.74 6.77 4.52
C GLU A 23 1.34 6.94 3.95
N SER A 24 0.74 8.10 4.21
CA SER A 24 -0.61 8.39 3.72
C SER A 24 -0.74 8.03 2.24
N PHE A 25 -1.71 7.18 1.93
CA PHE A 25 -1.95 6.75 0.56
C PHE A 25 -2.47 7.90 -0.29
N THR A 26 -1.60 8.48 -1.11
CA THR A 26 -1.97 9.58 -1.97
C THR A 26 -1.66 9.28 -3.43
N GLU A 27 -2.58 9.67 -4.32
CA GLU A 27 -2.40 9.43 -5.75
C GLU A 27 -1.48 10.48 -6.36
N GLU A 28 -0.38 10.76 -5.66
CA GLU A 28 0.59 11.75 -6.14
C GLU A 28 2.01 11.19 -6.08
N GLN A 29 2.32 10.49 -4.99
CA GLN A 29 3.64 9.91 -4.80
C GLN A 29 3.53 8.48 -4.31
N LEU A 30 2.52 8.21 -3.51
CA LEU A 30 2.30 6.86 -2.96
C LEU A 30 0.88 6.39 -3.22
N ARG A 31 0.70 5.59 -4.26
CA ARG A 31 -0.61 5.07 -4.61
C ARG A 31 -0.84 3.69 -4.00
N PRO A 32 -1.97 3.52 -3.31
CA PRO A 32 -2.32 2.25 -2.65
C PRO A 32 -2.67 1.17 -3.66
N LYS A 33 -1.85 0.12 -3.71
CA LYS A 33 -2.07 -0.99 -4.63
C LYS A 33 -2.38 -2.27 -3.86
N LEU A 34 -3.43 -2.97 -4.29
CA LEU A 34 -3.83 -4.21 -3.64
C LEU A 34 -3.22 -5.42 -4.37
N LEU A 35 -2.67 -6.34 -3.59
CA LEU A 35 -2.06 -7.55 -4.15
C LEU A 35 -3.09 -8.67 -4.26
N HIS A 36 -2.76 -9.67 -5.08
CA HIS A 36 -3.66 -10.81 -5.27
C HIS A 36 -3.87 -11.57 -3.97
N CYS A 37 -3.12 -11.19 -2.94
CA CYS A 37 -3.23 -11.83 -1.63
C CYS A 37 -4.27 -11.14 -0.77
N GLY A 38 -4.21 -9.80 -0.73
CA GLY A 38 -5.17 -9.04 0.06
C GLY A 38 -4.53 -7.84 0.74
N HIS A 39 -3.24 -7.96 1.04
CA HIS A 39 -2.51 -6.87 1.69
C HIS A 39 -2.41 -5.66 0.77
N THR A 40 -2.44 -4.47 1.37
CA THR A 40 -2.36 -3.23 0.61
C THR A 40 -1.04 -2.50 0.88
N ILE A 41 -0.24 -2.34 -0.16
CA ILE A 41 1.05 -1.65 -0.03
C ILE A 41 1.16 -0.50 -1.01
N CYS A 42 1.93 0.52 -0.64
CA CYS A 42 2.13 1.68 -1.49
C CYS A 42 3.01 1.33 -2.70
N ARG A 43 2.70 1.93 -3.84
CA ARG A 43 3.46 1.68 -5.07
C ARG A 43 4.95 1.72 -4.79
N GLN A 44 5.37 2.65 -3.93
CA GLN A 44 6.78 2.79 -3.59
C GLN A 44 7.37 1.45 -3.16
N CYS A 45 6.83 0.89 -2.07
CA CYS A 45 7.31 -0.38 -1.55
C CYS A 45 7.16 -1.48 -2.60
N LEU A 46 6.02 -1.50 -3.27
CA LEU A 46 5.75 -2.51 -4.30
C LEU A 46 6.78 -2.42 -5.42
N GLU A 47 7.21 -1.20 -5.72
CA GLU A 47 8.20 -0.99 -6.78
C GLU A 47 9.53 -1.65 -6.43
N LYS A 48 10.03 -1.35 -5.23
CA LYS A 48 11.29 -1.93 -4.77
C LYS A 48 11.30 -3.44 -4.95
N LEU A 49 10.14 -4.06 -4.78
CA LEU A 49 10.00 -5.51 -4.92
C LEU A 49 9.89 -5.90 -6.39
N LEU A 50 8.91 -5.31 -7.08
CA LEU A 50 8.69 -5.60 -8.49
C LEU A 50 10.00 -5.47 -9.28
N ALA A 51 10.71 -4.38 -9.05
CA ALA A 51 11.98 -4.14 -9.75
C ALA A 51 12.95 -5.30 -9.53
N SER A 52 13.41 -5.45 -8.30
CA SER A 52 14.34 -6.52 -7.96
C SER A 52 13.87 -7.86 -8.51
N SER A 53 12.58 -8.15 -8.30
CA SER A 53 12.00 -9.40 -8.77
C SER A 53 12.04 -9.49 -10.29
N ILE A 54 11.65 -10.64 -10.82
CA ILE A 54 11.65 -10.85 -12.27
C ILE A 54 10.42 -10.21 -12.91
N ASN A 55 9.25 -10.79 -12.66
CA ASN A 55 8.00 -10.26 -13.21
C ASN A 55 6.94 -10.13 -12.12
N GLY A 56 7.00 -11.02 -11.13
CA GLY A 56 6.04 -10.98 -10.04
C GLY A 56 6.54 -10.18 -8.86
N VAL A 57 5.66 -9.95 -7.89
CA VAL A 57 6.02 -9.20 -6.69
C VAL A 57 5.75 -10.01 -5.43
N ARG A 58 6.82 -10.54 -4.83
CA ARG A 58 6.69 -11.33 -3.61
C ARG A 58 6.31 -10.45 -2.42
N CYS A 59 5.12 -10.66 -1.89
CA CYS A 59 4.64 -9.89 -0.75
C CYS A 59 5.43 -10.23 0.50
N PRO A 60 6.01 -9.20 1.14
CA PRO A 60 6.79 -9.36 2.36
C PRO A 60 5.93 -9.75 3.56
N PHE A 61 4.65 -9.98 3.32
CA PHE A 61 3.73 -10.36 4.38
C PHE A 61 3.30 -11.82 4.24
N CYS A 62 2.72 -12.15 3.09
CA CYS A 62 2.26 -13.51 2.82
C CYS A 62 3.22 -14.24 1.88
N SER A 63 4.12 -13.46 1.26
CA SER A 63 5.09 -14.03 0.33
C SER A 63 4.39 -14.75 -0.82
N LYS A 64 3.36 -14.11 -1.36
CA LYS A 64 2.60 -14.69 -2.47
C LYS A 64 2.78 -13.85 -3.74
N ILE A 65 3.52 -14.39 -4.69
CA ILE A 65 3.76 -13.70 -5.96
C ILE A 65 2.45 -13.19 -6.56
N THR A 66 2.45 -11.95 -7.00
CA THR A 66 1.27 -11.35 -7.62
C THR A 66 1.16 -11.71 -9.09
N ARG A 67 2.30 -11.96 -9.71
CA ARG A 67 2.34 -12.32 -11.13
C ARG A 67 1.81 -11.18 -11.99
N ILE A 68 2.37 -10.00 -11.82
CA ILE A 68 1.96 -8.83 -12.58
C ILE A 68 3.15 -8.10 -13.18
N THR A 69 3.09 -7.83 -14.48
CA THR A 69 4.17 -7.15 -15.18
C THR A 69 4.10 -5.65 -14.94
N SER A 70 2.89 -5.14 -14.74
CA SER A 70 2.69 -3.71 -14.50
C SER A 70 2.17 -3.46 -13.10
N LEU A 71 2.43 -2.26 -12.58
CA LEU A 71 1.99 -1.90 -11.24
C LEU A 71 0.47 -1.78 -11.18
N THR A 72 -0.14 -1.37 -12.30
CA THR A 72 -1.59 -1.23 -12.36
C THR A 72 -2.27 -2.57 -12.60
N GLN A 73 -1.54 -3.51 -13.19
CA GLN A 73 -2.06 -4.83 -13.48
C GLN A 73 -2.73 -5.43 -12.24
N LEU A 74 -1.98 -5.49 -11.14
CA LEU A 74 -2.50 -6.03 -9.89
C LEU A 74 -3.82 -5.36 -9.50
N THR A 75 -4.32 -5.71 -8.32
CA THR A 75 -5.58 -5.13 -7.83
C THR A 75 -5.34 -3.74 -7.23
N ASP A 76 -6.29 -2.84 -7.46
CA ASP A 76 -6.20 -1.48 -6.93
C ASP A 76 -6.82 -1.39 -5.54
N ASN A 77 -6.30 -0.49 -4.71
CA ASN A 77 -6.80 -0.31 -3.37
C ASN A 77 -7.27 1.13 -3.15
N LEU A 78 -8.33 1.51 -3.86
CA LEU A 78 -8.88 2.86 -3.74
C LEU A 78 -9.76 2.99 -2.50
N THR A 79 -9.65 2.02 -1.61
CA THR A 79 -10.44 2.02 -0.38
C THR A 79 -9.88 3.00 0.63
N VAL A 80 -8.55 3.13 0.65
CA VAL A 80 -7.88 4.04 1.57
C VAL A 80 -8.09 5.49 1.16
N LEU A 81 -8.11 5.73 -0.15
CA LEU A 81 -8.31 7.08 -0.67
C LEU A 81 -9.71 7.59 -0.35
N LYS A 82 -10.70 6.72 -0.46
CA LYS A 82 -12.08 7.09 -0.18
C LYS A 82 -12.39 6.90 1.30
N SER A 83 -12.73 8.00 1.97
CA SER A 83 -13.04 7.95 3.40
C SER A 83 -14.01 9.09 3.77
N GLY A 84 -14.96 8.77 4.65
CA GLY A 84 -15.93 9.77 5.07
C GLY A 84 -17.00 9.18 5.97
N PRO A 85 -17.03 9.64 7.23
CA PRO A 85 -18.01 9.18 8.22
C PRO A 85 -19.42 9.65 7.90
N SER A 86 -19.54 10.90 7.45
CA SER A 86 -20.83 11.48 7.11
C SER A 86 -21.35 10.91 5.80
N SER A 87 -20.58 11.10 4.74
CA SER A 87 -20.97 10.62 3.42
C SER A 87 -20.73 9.12 3.30
N GLY A 88 -21.21 8.53 2.20
CA GLY A 88 -21.04 7.11 1.99
C GLY A 88 -21.95 6.56 0.91
ZN ZN B . 5.13 1.45 1.61
ZN ZN C . 0.35 -10.20 1.12
N GLY A 1 17.07 11.92 -5.74
CA GLY A 1 18.31 12.29 -5.07
C GLY A 1 18.08 13.00 -3.75
N SER A 2 17.36 12.34 -2.84
CA SER A 2 17.07 12.92 -1.54
C SER A 2 17.53 11.98 -0.42
N SER A 3 17.38 12.45 0.81
CA SER A 3 17.78 11.66 1.98
C SER A 3 17.07 12.13 3.23
N GLY A 4 16.68 11.19 4.08
CA GLY A 4 15.99 11.53 5.31
C GLY A 4 14.70 10.76 5.47
N SER A 5 14.39 10.38 6.71
CA SER A 5 13.18 9.62 7.00
C SER A 5 12.32 10.35 8.04
N SER A 6 11.08 9.90 8.20
CA SER A 6 10.16 10.51 9.15
C SER A 6 8.96 9.60 9.40
N GLY A 7 8.30 9.80 10.53
CA GLY A 7 7.14 8.99 10.87
C GLY A 7 5.91 9.83 11.15
N ASN A 8 4.77 9.17 11.35
CA ASN A 8 3.52 9.87 11.63
C ASN A 8 2.72 9.14 12.69
N LEU A 9 1.58 9.70 13.05
CA LEU A 9 0.71 9.10 14.07
C LEU A 9 -0.44 8.36 13.42
N ASP A 10 -0.87 7.27 14.06
CA ASP A 10 -1.97 6.47 13.55
C ASP A 10 -2.85 5.95 14.70
N ALA A 11 -4.11 6.35 14.69
CA ALA A 11 -5.05 5.93 15.72
C ALA A 11 -6.19 5.09 15.13
N LEU A 12 -6.71 5.53 13.99
CA LEU A 12 -7.79 4.83 13.32
C LEU A 12 -7.50 3.33 13.22
N ARG A 13 -8.49 2.57 12.80
CA ARG A 13 -8.33 1.12 12.65
C ARG A 13 -7.93 0.76 11.22
N GLU A 14 -8.62 1.35 10.25
CA GLU A 14 -8.34 1.08 8.84
C GLU A 14 -6.85 1.15 8.57
N VAL A 15 -6.44 0.64 7.41
CA VAL A 15 -5.04 0.63 7.02
C VAL A 15 -4.74 1.78 6.05
N LEU A 16 -5.42 2.90 6.23
CA LEU A 16 -5.22 4.06 5.36
C LEU A 16 -3.75 4.27 5.05
N GLU A 17 -2.89 3.77 5.93
CA GLU A 17 -1.44 3.89 5.74
C GLU A 17 -0.84 2.58 5.26
N CYS A 18 0.40 2.64 4.79
CA CYS A 18 1.10 1.46 4.30
C CYS A 18 1.66 0.64 5.45
N PRO A 19 1.48 -0.69 5.38
CA PRO A 19 1.97 -1.62 6.40
C PRO A 19 3.50 -1.72 6.41
N ILE A 20 4.14 -0.97 5.53
CA ILE A 20 5.60 -0.96 5.45
C ILE A 20 6.17 0.39 5.84
N CYS A 21 6.02 1.36 4.96
CA CYS A 21 6.52 2.71 5.21
C CYS A 21 5.60 3.47 6.17
N MET A 22 4.33 3.08 6.20
CA MET A 22 3.35 3.71 7.07
C MET A 22 3.15 5.17 6.67
N GLU A 23 3.01 5.41 5.37
CA GLU A 23 2.80 6.77 4.87
C GLU A 23 1.44 6.89 4.18
N SER A 24 0.62 7.81 4.66
CA SER A 24 -0.70 8.02 4.09
C SER A 24 -0.70 7.76 2.59
N PHE A 25 -1.64 6.95 2.13
CA PHE A 25 -1.75 6.62 0.71
C PHE A 25 -2.17 7.84 -0.10
N THR A 26 -1.20 8.48 -0.75
CA THR A 26 -1.48 9.67 -1.55
C THR A 26 -1.59 9.30 -3.03
N GLU A 27 -2.57 9.90 -3.71
CA GLU A 27 -2.79 9.64 -5.12
C GLU A 27 -1.84 10.49 -5.98
N GLU A 28 -0.61 10.65 -5.52
CA GLU A 28 0.37 11.44 -6.24
C GLU A 28 1.72 10.70 -6.30
N GLN A 29 2.16 10.22 -5.16
CA GLN A 29 3.43 9.50 -5.08
C GLN A 29 3.24 8.13 -4.43
N LEU A 30 2.56 8.11 -3.29
CA LEU A 30 2.31 6.87 -2.57
C LEU A 30 0.93 6.31 -2.91
N ARG A 31 0.80 5.77 -4.12
CA ARG A 31 -0.46 5.20 -4.57
C ARG A 31 -0.70 3.84 -3.93
N PRO A 32 -1.88 3.67 -3.30
CA PRO A 32 -2.26 2.42 -2.64
C PRO A 32 -2.52 1.29 -3.63
N LYS A 33 -1.75 0.21 -3.51
CA LYS A 33 -1.90 -0.93 -4.40
C LYS A 33 -2.29 -2.18 -3.61
N LEU A 34 -3.14 -3.02 -4.21
CA LEU A 34 -3.60 -4.24 -3.56
C LEU A 34 -3.03 -5.46 -4.27
N LEU A 35 -2.31 -6.29 -3.52
CA LEU A 35 -1.72 -7.51 -4.06
C LEU A 35 -2.76 -8.60 -4.25
N HIS A 36 -2.44 -9.60 -5.06
CA HIS A 36 -3.36 -10.71 -5.32
C HIS A 36 -3.65 -11.47 -4.03
N CYS A 37 -2.94 -11.11 -2.97
CA CYS A 37 -3.13 -11.78 -1.68
C CYS A 37 -4.21 -11.08 -0.85
N GLY A 38 -4.13 -9.75 -0.79
CA GLY A 38 -5.10 -9.00 -0.03
C GLY A 38 -4.49 -7.81 0.69
N HIS A 39 -3.21 -7.94 1.05
CA HIS A 39 -2.51 -6.87 1.75
C HIS A 39 -2.37 -5.63 0.86
N THR A 40 -2.40 -4.45 1.47
CA THR A 40 -2.29 -3.20 0.74
C THR A 40 -0.95 -2.53 1.00
N ILE A 41 -0.28 -2.11 -0.06
CA ILE A 41 1.01 -1.46 0.05
C ILE A 41 1.14 -0.31 -0.94
N CYS A 42 1.91 0.71 -0.57
CA CYS A 42 2.11 1.87 -1.43
C CYS A 42 3.00 1.52 -2.62
N ARG A 43 2.69 2.09 -3.78
CA ARG A 43 3.46 1.83 -4.99
C ARG A 43 4.95 1.94 -4.72
N GLN A 44 5.31 2.83 -3.80
CA GLN A 44 6.72 3.04 -3.45
C GLN A 44 7.36 1.73 -3.00
N CYS A 45 6.78 1.11 -1.97
CA CYS A 45 7.30 -0.14 -1.45
C CYS A 45 7.21 -1.25 -2.49
N LEU A 46 6.08 -1.32 -3.19
CA LEU A 46 5.87 -2.33 -4.22
C LEU A 46 6.93 -2.22 -5.31
N GLU A 47 7.19 -0.99 -5.75
CA GLU A 47 8.19 -0.75 -6.79
C GLU A 47 9.53 -1.35 -6.41
N LYS A 48 9.95 -1.12 -5.18
CA LYS A 48 11.22 -1.64 -4.69
C LYS A 48 11.29 -3.16 -4.87
N LEU A 49 10.14 -3.81 -4.72
CA LEU A 49 10.07 -5.27 -4.86
C LEU A 49 10.00 -5.67 -6.34
N LEU A 50 9.05 -5.09 -7.05
CA LEU A 50 8.88 -5.38 -8.47
C LEU A 50 10.18 -5.17 -9.24
N ALA A 51 10.85 -4.05 -8.95
CA ALA A 51 12.10 -3.72 -9.61
C ALA A 51 12.90 -4.99 -9.92
N SER A 52 13.38 -5.66 -8.88
CA SER A 52 14.16 -6.88 -9.04
C SER A 52 13.29 -8.02 -9.57
N SER A 53 12.12 -8.19 -8.96
CA SER A 53 11.19 -9.24 -9.35
C SER A 53 10.86 -9.14 -10.84
N ILE A 54 10.71 -10.29 -11.49
CA ILE A 54 10.38 -10.33 -12.91
C ILE A 54 9.15 -11.19 -13.17
N ASN A 55 8.93 -12.17 -12.30
CA ASN A 55 7.79 -13.07 -12.44
C ASN A 55 6.78 -12.84 -11.31
N GLY A 56 6.60 -11.59 -10.94
CA GLY A 56 5.66 -11.26 -9.88
C GLY A 56 6.34 -10.70 -8.65
N VAL A 57 5.61 -9.90 -7.87
CA VAL A 57 6.16 -9.31 -6.66
C VAL A 57 5.87 -10.18 -5.44
N ARG A 58 6.89 -10.38 -4.61
CA ARG A 58 6.75 -11.19 -3.41
C ARG A 58 6.35 -10.33 -2.21
N CYS A 59 5.15 -10.56 -1.70
CA CYS A 59 4.64 -9.81 -0.55
C CYS A 59 5.49 -10.08 0.69
N PRO A 60 5.99 -9.01 1.32
CA PRO A 60 6.81 -9.12 2.52
C PRO A 60 6.01 -9.57 3.74
N PHE A 61 4.73 -9.86 3.52
CA PHE A 61 3.85 -10.31 4.60
C PHE A 61 3.48 -11.78 4.41
N CYS A 62 2.76 -12.07 3.34
CA CYS A 62 2.33 -13.44 3.05
C CYS A 62 3.28 -14.11 2.06
N SER A 63 3.99 -13.29 1.29
CA SER A 63 4.92 -13.80 0.29
C SER A 63 4.18 -14.49 -0.85
N LYS A 64 3.13 -13.84 -1.34
CA LYS A 64 2.34 -14.39 -2.43
C LYS A 64 2.66 -13.69 -3.75
N ILE A 65 3.62 -14.24 -4.48
CA ILE A 65 4.02 -13.67 -5.77
C ILE A 65 2.83 -13.08 -6.51
N THR A 66 2.94 -11.81 -6.88
CA THR A 66 1.86 -11.14 -7.60
C THR A 66 2.19 -11.01 -9.09
N ARG A 67 1.89 -12.06 -9.85
CA ARG A 67 2.15 -12.06 -11.28
C ARG A 67 1.56 -10.83 -11.94
N ILE A 68 2.33 -9.74 -11.95
CA ILE A 68 1.89 -8.50 -12.55
C ILE A 68 3.06 -7.75 -13.19
N THR A 69 3.08 -7.73 -14.52
CA THR A 69 4.14 -7.04 -15.26
C THR A 69 4.10 -5.55 -15.00
N SER A 70 2.90 -5.00 -14.84
CA SER A 70 2.74 -3.57 -14.59
C SER A 70 2.22 -3.32 -13.18
N LEU A 71 2.40 -2.09 -12.70
CA LEU A 71 1.94 -1.72 -11.37
C LEU A 71 0.42 -1.67 -11.30
N THR A 72 -0.21 -1.41 -12.44
CA THR A 72 -1.66 -1.35 -12.51
C THR A 72 -2.28 -2.72 -12.67
N GLN A 73 -1.51 -3.65 -13.22
CA GLN A 73 -1.97 -5.03 -13.43
C GLN A 73 -2.60 -5.58 -12.16
N LEU A 74 -1.87 -5.49 -11.05
CA LEU A 74 -2.35 -5.99 -9.77
C LEU A 74 -3.72 -5.41 -9.44
N THR A 75 -4.19 -5.68 -8.23
CA THR A 75 -5.50 -5.19 -7.79
C THR A 75 -5.38 -3.79 -7.20
N ASP A 76 -6.10 -2.84 -7.78
CA ASP A 76 -6.09 -1.46 -7.31
C ASP A 76 -6.65 -1.36 -5.90
N ASN A 77 -6.07 -0.49 -5.08
CA ASN A 77 -6.51 -0.30 -3.71
C ASN A 77 -6.92 1.15 -3.47
N LEU A 78 -8.02 1.56 -4.09
CA LEU A 78 -8.51 2.93 -3.93
C LEU A 78 -9.34 3.07 -2.66
N THR A 79 -9.62 1.94 -2.02
CA THR A 79 -10.40 1.93 -0.78
C THR A 79 -9.85 2.94 0.21
N VAL A 80 -8.53 2.99 0.34
CA VAL A 80 -7.88 3.91 1.26
C VAL A 80 -8.06 5.35 0.81
N LEU A 81 -8.11 5.56 -0.50
CA LEU A 81 -8.29 6.90 -1.06
C LEU A 81 -9.70 7.42 -0.80
N LYS A 82 -10.68 6.52 -0.91
CA LYS A 82 -12.07 6.89 -0.68
C LYS A 82 -12.24 7.57 0.68
N SER A 83 -13.28 8.40 0.79
CA SER A 83 -13.54 9.12 2.03
C SER A 83 -14.95 8.82 2.53
N GLY A 84 -15.09 7.74 3.29
CA GLY A 84 -16.39 7.36 3.82
C GLY A 84 -16.84 6.00 3.33
N PRO A 85 -17.52 5.25 4.21
CA PRO A 85 -18.03 3.91 3.89
C PRO A 85 -19.16 3.94 2.88
N SER A 86 -20.14 4.82 3.12
CA SER A 86 -21.29 4.95 2.24
C SER A 86 -21.34 6.35 1.62
N SER A 87 -20.87 6.44 0.37
CA SER A 87 -20.86 7.72 -0.32
C SER A 87 -22.06 7.83 -1.28
N GLY A 88 -22.77 8.95 -1.19
CA GLY A 88 -23.93 9.16 -2.05
C GLY A 88 -24.79 10.32 -1.57
ZN ZN B . 4.98 1.55 1.73
ZN ZN C . 0.33 -10.22 1.27
#